data_2DJS
#
_entry.id   2DJS
#
_entity_poly.entity_id   1
_entity_poly.type   'polypeptide(L)'
_entity_poly.pdbx_seq_one_letter_code
;GSSGSSGPSTVPIMHQVSATMRSITLSWPQPEQPNGIILDYEIRYYEKEHNEFNSSMARSQTNTARIDGLRPGMVYVVQV
RARTVAGYGKFSGKMCFQTLTDSGPSSG
;
_entity_poly.pdbx_strand_id   A
#
# COMPACT_ATOMS: atom_id res chain seq x y z
N GLY A 1 -6.63 14.58 -2.96
CA GLY A 1 -7.11 14.80 -4.31
C GLY A 1 -8.22 15.82 -4.37
N SER A 2 -8.08 16.80 -5.27
CA SER A 2 -9.08 17.84 -5.42
C SER A 2 -9.02 18.45 -6.82
N SER A 3 -10.16 18.91 -7.31
CA SER A 3 -10.23 19.52 -8.64
C SER A 3 -9.46 18.69 -9.65
N GLY A 4 -9.58 17.37 -9.56
CA GLY A 4 -8.87 16.50 -10.47
C GLY A 4 -9.81 15.76 -11.41
N SER A 5 -9.26 15.16 -12.45
CA SER A 5 -10.06 14.43 -13.44
C SER A 5 -10.66 13.18 -12.81
N SER A 6 -11.90 12.87 -13.18
CA SER A 6 -12.58 11.70 -12.66
C SER A 6 -11.76 10.43 -12.90
N GLY A 7 -11.29 9.83 -11.82
CA GLY A 7 -10.49 8.62 -11.92
C GLY A 7 -11.24 7.39 -11.44
N PRO A 8 -10.55 6.24 -11.44
CA PRO A 8 -11.14 4.97 -11.01
C PRO A 8 -11.39 4.94 -9.50
N SER A 9 -12.25 4.02 -9.07
CA SER A 9 -12.58 3.88 -7.66
C SER A 9 -11.32 3.64 -6.83
N THR A 10 -11.51 3.39 -5.54
CA THR A 10 -10.39 3.14 -4.63
C THR A 10 -10.80 2.22 -3.49
N VAL A 11 -9.86 1.41 -3.02
CA VAL A 11 -10.12 0.49 -1.92
C VAL A 11 -10.41 1.24 -0.63
N PRO A 12 -11.47 0.81 0.09
CA PRO A 12 -11.88 1.42 1.35
C PRO A 12 -10.88 1.15 2.47
N ILE A 13 -10.41 -0.09 2.55
CA ILE A 13 -9.46 -0.48 3.57
C ILE A 13 -8.47 -1.52 3.04
N MET A 14 -7.34 -1.67 3.73
CA MET A 14 -6.32 -2.63 3.33
C MET A 14 -6.18 -3.74 4.37
N HIS A 15 -6.02 -4.97 3.90
CA HIS A 15 -5.87 -6.11 4.79
C HIS A 15 -4.49 -6.76 4.61
N GLN A 16 -3.83 -7.03 5.72
CA GLN A 16 -2.50 -7.65 5.69
C GLN A 16 -2.61 -9.16 5.88
N VAL A 17 -1.71 -9.89 5.22
CA VAL A 17 -1.70 -11.34 5.31
C VAL A 17 -0.47 -11.84 6.07
N SER A 18 0.67 -11.20 5.82
CA SER A 18 1.92 -11.58 6.47
C SER A 18 2.96 -10.47 6.32
N ALA A 19 4.17 -10.72 6.84
CA ALA A 19 5.25 -9.76 6.76
C ALA A 19 6.55 -10.34 7.30
N THR A 20 7.67 -9.94 6.70
CA THR A 20 8.97 -10.42 7.12
C THR A 20 9.76 -9.34 7.83
N MET A 21 11.01 -9.65 8.19
CA MET A 21 11.87 -8.69 8.86
C MET A 21 12.49 -7.70 7.88
N ARG A 22 12.55 -8.11 6.61
CA ARG A 22 13.11 -7.26 5.57
C ARG A 22 12.07 -6.95 4.50
N SER A 23 10.83 -7.35 4.76
CA SER A 23 9.74 -7.12 3.81
C SER A 23 8.39 -7.16 4.52
N ILE A 24 7.32 -6.92 3.77
CA ILE A 24 5.98 -6.94 4.32
C ILE A 24 4.94 -7.32 3.26
N THR A 25 4.02 -8.19 3.63
CA THR A 25 2.98 -8.65 2.71
C THR A 25 1.64 -8.00 3.05
N LEU A 26 0.94 -7.53 2.02
CA LEU A 26 -0.37 -6.90 2.21
C LEU A 26 -1.35 -7.36 1.15
N SER A 27 -2.62 -6.99 1.32
CA SER A 27 -3.67 -7.37 0.38
C SER A 27 -4.85 -6.42 0.46
N TRP A 28 -5.52 -6.22 -0.66
CA TRP A 28 -6.68 -5.32 -0.71
C TRP A 28 -7.74 -5.86 -1.66
N PRO A 29 -9.01 -5.61 -1.33
CA PRO A 29 -10.14 -6.06 -2.16
C PRO A 29 -10.24 -5.31 -3.47
N GLN A 30 -10.79 -5.97 -4.49
CA GLN A 30 -10.93 -5.35 -5.81
C GLN A 30 -12.17 -4.45 -5.84
N PRO A 31 -12.00 -3.24 -6.40
CA PRO A 31 -13.07 -2.26 -6.52
C PRO A 31 -14.14 -2.69 -7.53
N GLU A 32 -15.31 -2.07 -7.44
CA GLU A 32 -16.41 -2.39 -8.34
C GLU A 32 -16.64 -1.25 -9.34
N GLN A 33 -16.08 -0.09 -9.03
CA GLN A 33 -16.23 1.08 -9.91
C GLN A 33 -14.87 1.54 -10.43
N PRO A 34 -14.14 0.62 -11.07
CA PRO A 34 -12.82 0.92 -11.63
C PRO A 34 -12.88 1.86 -12.83
N ASN A 35 -14.10 2.27 -13.18
CA ASN A 35 -14.30 3.16 -14.32
C ASN A 35 -13.53 2.68 -15.54
N GLY A 36 -13.49 1.36 -15.72
CA GLY A 36 -12.78 0.80 -16.85
C GLY A 36 -12.01 -0.46 -16.48
N ILE A 37 -10.89 -0.68 -17.18
CA ILE A 37 -10.06 -1.85 -16.92
C ILE A 37 -8.83 -1.48 -16.11
N ILE A 38 -8.70 -2.09 -14.93
CA ILE A 38 -7.56 -1.82 -14.06
C ILE A 38 -6.28 -2.47 -14.60
N LEU A 39 -5.40 -1.64 -15.16
CA LEU A 39 -4.15 -2.14 -15.72
C LEU A 39 -3.30 -2.81 -14.64
N ASP A 40 -2.87 -2.03 -13.66
CA ASP A 40 -2.06 -2.54 -12.57
C ASP A 40 -2.31 -1.75 -11.28
N TYR A 41 -1.89 -2.32 -10.16
CA TYR A 41 -2.07 -1.67 -8.86
C TYR A 41 -0.75 -1.10 -8.34
N GLU A 42 -0.71 0.21 -8.17
CA GLU A 42 0.49 0.89 -7.69
C GLU A 42 0.46 1.02 -6.17
N ILE A 43 1.64 0.98 -5.55
CA ILE A 43 1.74 1.10 -4.11
C ILE A 43 2.83 2.10 -3.72
N ARG A 44 2.62 2.79 -2.60
CA ARG A 44 3.58 3.77 -2.12
C ARG A 44 3.88 3.55 -0.64
N TYR A 45 5.16 3.38 -0.32
CA TYR A 45 5.58 3.16 1.06
C TYR A 45 6.73 4.08 1.43
N TYR A 46 6.73 4.56 2.67
CA TYR A 46 7.77 5.46 3.15
C TYR A 46 7.90 5.38 4.66
N GLU A 47 9.06 5.78 5.17
CA GLU A 47 9.31 5.75 6.61
C GLU A 47 8.37 6.72 7.34
N LYS A 48 7.64 6.21 8.32
CA LYS A 48 6.71 7.02 9.09
C LYS A 48 7.31 8.38 9.41
N GLU A 49 8.63 8.42 9.54
CA GLU A 49 9.32 9.67 9.85
C GLU A 49 9.55 10.48 8.58
N HIS A 50 9.83 9.79 7.48
CA HIS A 50 10.07 10.45 6.19
C HIS A 50 8.76 10.94 5.59
N ASN A 51 8.87 11.66 4.47
CA ASN A 51 7.69 12.19 3.79
C ASN A 51 7.50 11.53 2.43
N GLU A 52 6.46 11.95 1.72
CA GLU A 52 6.17 11.40 0.40
C GLU A 52 7.33 11.63 -0.56
N PHE A 53 7.81 12.87 -0.61
CA PHE A 53 8.92 13.23 -1.49
C PHE A 53 9.93 12.09 -1.56
N ASN A 54 10.44 11.68 -0.41
CA ASN A 54 11.42 10.61 -0.34
C ASN A 54 10.75 9.27 -0.02
N SER A 55 9.97 8.76 -0.97
CA SER A 55 9.27 7.49 -0.78
C SER A 55 9.52 6.56 -1.97
N SER A 56 9.17 5.29 -1.79
CA SER A 56 9.35 4.29 -2.84
C SER A 56 8.02 3.85 -3.41
N MET A 57 7.96 3.73 -4.74
CA MET A 57 6.73 3.32 -5.41
C MET A 57 6.91 1.95 -6.07
N ALA A 58 5.90 1.11 -5.95
CA ALA A 58 5.94 -0.23 -6.55
C ALA A 58 4.54 -0.74 -6.86
N ARG A 59 4.34 -1.17 -8.09
CA ARG A 59 3.05 -1.68 -8.52
C ARG A 59 3.09 -3.20 -8.70
N SER A 60 1.93 -3.79 -8.95
CA SER A 60 1.83 -5.24 -9.13
C SER A 60 0.74 -5.58 -10.14
N GLN A 61 0.73 -6.84 -10.57
CA GLN A 61 -0.26 -7.31 -11.54
C GLN A 61 -1.43 -7.98 -10.84
N THR A 62 -1.61 -7.67 -9.56
CA THR A 62 -2.70 -8.25 -8.77
C THR A 62 -3.01 -7.39 -7.56
N ASN A 63 -4.03 -7.79 -6.81
CA ASN A 63 -4.45 -7.05 -5.62
C ASN A 63 -3.62 -7.47 -4.41
N THR A 64 -2.53 -8.19 -4.66
CA THR A 64 -1.66 -8.64 -3.60
C THR A 64 -0.19 -8.41 -3.96
N ALA A 65 0.51 -7.68 -3.10
CA ALA A 65 1.93 -7.38 -3.33
C ALA A 65 2.68 -7.25 -2.01
N ARG A 66 3.99 -7.47 -2.06
CA ARG A 66 4.82 -7.39 -0.87
C ARG A 66 5.95 -6.38 -1.06
N ILE A 67 6.24 -5.61 -0.01
CA ILE A 67 7.29 -4.60 -0.07
C ILE A 67 8.61 -5.17 0.47
N ASP A 68 9.64 -5.12 -0.36
CA ASP A 68 10.95 -5.61 0.02
C ASP A 68 11.95 -4.46 0.16
N GLY A 69 12.81 -4.55 1.17
CA GLY A 69 13.80 -3.50 1.39
C GLY A 69 13.45 -2.62 2.56
N LEU A 70 13.15 -3.24 3.69
CA LEU A 70 12.80 -2.48 4.90
C LEU A 70 13.63 -2.95 6.09
N ARG A 71 13.61 -2.17 7.16
CA ARG A 71 14.37 -2.50 8.37
C ARG A 71 13.48 -3.25 9.37
N PRO A 72 14.11 -4.11 10.18
CA PRO A 72 13.41 -4.89 11.20
C PRO A 72 12.88 -4.03 12.34
N GLY A 73 11.61 -4.24 12.69
CA GLY A 73 11.01 -3.48 13.77
C GLY A 73 10.84 -2.02 13.43
N MET A 74 10.24 -1.76 12.27
CA MET A 74 10.02 -0.39 11.82
C MET A 74 8.67 -0.26 11.11
N VAL A 75 7.95 0.83 11.42
CA VAL A 75 6.64 1.06 10.83
C VAL A 75 6.78 1.72 9.45
N TYR A 76 5.97 1.27 8.51
CA TYR A 76 6.00 1.81 7.15
C TYR A 76 4.60 2.09 6.64
N VAL A 77 4.35 3.33 6.25
CA VAL A 77 3.03 3.72 5.74
C VAL A 77 2.85 3.29 4.29
N VAL A 78 2.14 2.19 4.09
CA VAL A 78 1.89 1.68 2.75
C VAL A 78 0.48 2.03 2.26
N GLN A 79 0.34 2.23 0.96
CA GLN A 79 -0.94 2.57 0.37
C GLN A 79 -1.08 1.98 -1.03
N VAL A 80 -2.31 1.61 -1.38
CA VAL A 80 -2.58 1.02 -2.69
C VAL A 80 -3.54 1.89 -3.49
N ARG A 81 -3.27 2.02 -4.78
CA ARG A 81 -4.12 2.82 -5.66
C ARG A 81 -4.57 2.01 -6.88
N ALA A 82 -5.58 2.52 -7.58
CA ALA A 82 -6.09 1.85 -8.77
C ALA A 82 -5.77 2.64 -10.03
N ARG A 83 -5.02 2.02 -10.93
CA ARG A 83 -4.63 2.66 -12.17
C ARG A 83 -5.35 2.02 -13.36
N THR A 84 -5.87 2.85 -14.26
CA THR A 84 -6.57 2.35 -15.43
C THR A 84 -6.17 3.15 -16.68
N VAL A 85 -6.47 2.58 -17.85
CA VAL A 85 -6.15 3.23 -19.11
C VAL A 85 -6.57 4.69 -19.11
N ALA A 86 -7.59 4.99 -18.31
CA ALA A 86 -8.10 6.36 -18.21
C ALA A 86 -7.15 7.25 -17.42
N GLY A 87 -6.73 6.77 -16.25
CA GLY A 87 -5.81 7.53 -15.42
C GLY A 87 -5.56 6.86 -14.08
N TYR A 88 -4.87 7.57 -13.20
CA TYR A 88 -4.56 7.04 -11.87
C TYR A 88 -5.72 7.27 -10.91
N GLY A 89 -5.86 6.37 -9.94
CA GLY A 89 -6.93 6.49 -8.95
C GLY A 89 -6.42 6.91 -7.60
N LYS A 90 -7.34 7.28 -6.71
CA LYS A 90 -6.98 7.72 -5.36
C LYS A 90 -6.39 6.56 -4.56
N PHE A 91 -5.71 6.88 -3.47
CA PHE A 91 -5.11 5.87 -2.61
C PHE A 91 -6.10 5.35 -1.59
N SER A 92 -5.90 4.11 -1.16
CA SER A 92 -6.80 3.49 -0.18
C SER A 92 -6.53 4.03 1.22
N GLY A 93 -7.37 3.64 2.17
CA GLY A 93 -7.22 4.10 3.54
C GLY A 93 -5.80 3.96 4.04
N LYS A 94 -5.29 5.01 4.67
CA LYS A 94 -3.92 5.01 5.19
C LYS A 94 -3.77 3.95 6.27
N MET A 95 -2.71 3.15 6.17
CA MET A 95 -2.44 2.10 7.14
C MET A 95 -0.96 2.06 7.50
N CYS A 96 -0.65 1.52 8.67
CA CYS A 96 0.72 1.41 9.13
C CYS A 96 1.11 -0.04 9.40
N PHE A 97 2.02 -0.58 8.60
CA PHE A 97 2.46 -1.96 8.76
C PHE A 97 3.93 -2.01 9.15
N GLN A 98 4.21 -2.65 10.29
CA GLN A 98 5.57 -2.77 10.78
C GLN A 98 6.12 -4.17 10.52
N THR A 99 7.45 -4.29 10.48
CA THR A 99 8.10 -5.56 10.23
C THR A 99 8.29 -6.35 11.52
N LEU A 100 8.80 -7.56 11.41
CA LEU A 100 9.04 -8.41 12.57
C LEU A 100 10.14 -7.83 13.45
N THR A 101 10.00 -8.03 14.76
CA THR A 101 10.99 -7.53 15.71
C THR A 101 11.76 -8.68 16.36
N ASP A 102 13.08 -8.63 16.23
CA ASP A 102 13.94 -9.67 16.80
C ASP A 102 14.51 -9.23 18.14
N SER A 103 13.66 -8.63 18.97
CA SER A 103 14.09 -8.16 20.28
C SER A 103 13.46 -8.99 21.39
N GLY A 104 12.16 -9.27 21.25
CA GLY A 104 11.47 -10.06 22.25
C GLY A 104 10.31 -9.31 22.89
N PRO A 105 9.18 -9.25 22.18
CA PRO A 105 7.98 -8.56 22.67
C PRO A 105 7.33 -9.28 23.84
N SER A 106 7.38 -8.64 25.02
CA SER A 106 6.81 -9.22 26.22
C SER A 106 5.32 -9.51 26.03
N SER A 107 4.57 -8.48 25.64
CA SER A 107 3.14 -8.63 25.42
C SER A 107 2.70 -7.87 24.17
N GLY A 108 1.64 -8.35 23.53
CA GLY A 108 1.14 -7.71 22.32
C GLY A 108 -0.08 -8.40 21.76
N GLY A 1 -12.04 15.96 2.73
CA GLY A 1 -10.78 16.22 2.07
C GLY A 1 -10.94 16.85 0.70
N SER A 2 -10.65 16.09 -0.35
CA SER A 2 -10.77 16.59 -1.71
C SER A 2 -11.82 15.79 -2.49
N SER A 3 -13.03 16.32 -2.53
CA SER A 3 -14.13 15.67 -3.24
C SER A 3 -14.33 16.30 -4.62
N GLY A 4 -13.61 15.78 -5.60
CA GLY A 4 -13.73 16.30 -6.96
C GLY A 4 -12.57 15.87 -7.84
N SER A 5 -12.69 14.69 -8.43
CA SER A 5 -11.64 14.16 -9.31
C SER A 5 -12.19 13.04 -10.18
N SER A 6 -12.02 13.20 -11.49
CA SER A 6 -12.49 12.21 -12.44
C SER A 6 -11.51 11.06 -12.56
N GLY A 7 -11.77 9.97 -11.84
CA GLY A 7 -10.89 8.82 -11.88
C GLY A 7 -11.59 7.54 -11.46
N PRO A 8 -10.87 6.42 -11.49
CA PRO A 8 -11.40 5.11 -11.11
C PRO A 8 -11.66 5.00 -9.61
N SER A 9 -12.31 3.92 -9.20
CA SER A 9 -12.62 3.70 -7.80
C SER A 9 -11.35 3.49 -6.99
N THR A 10 -11.52 3.29 -5.67
CA THR A 10 -10.38 3.08 -4.78
C THR A 10 -10.74 2.11 -3.67
N VAL A 11 -9.79 1.26 -3.30
CA VAL A 11 -10.00 0.28 -2.24
C VAL A 11 -10.35 0.96 -0.93
N PRO A 12 -11.41 0.48 -0.27
CA PRO A 12 -11.88 1.04 1.01
C PRO A 12 -10.91 0.72 2.14
N ILE A 13 -10.43 -0.51 2.19
CA ILE A 13 -9.50 -0.93 3.22
C ILE A 13 -8.62 -2.09 2.75
N MET A 14 -7.59 -2.39 3.53
CA MET A 14 -6.67 -3.48 3.19
C MET A 14 -6.63 -4.52 4.29
N HIS A 15 -5.76 -5.51 4.12
CA HIS A 15 -5.61 -6.58 5.11
C HIS A 15 -4.22 -7.20 5.04
N GLN A 16 -3.55 -7.25 6.18
CA GLN A 16 -2.21 -7.83 6.25
C GLN A 16 -2.27 -9.34 6.37
N VAL A 17 -1.71 -10.02 5.37
CA VAL A 17 -1.70 -11.49 5.36
C VAL A 17 -0.43 -12.04 6.01
N SER A 18 0.72 -11.54 5.57
CA SER A 18 2.00 -11.98 6.11
C SER A 18 3.03 -10.86 6.04
N ALA A 19 4.01 -10.91 6.94
CA ALA A 19 5.07 -9.91 6.98
C ALA A 19 6.39 -10.52 7.45
N THR A 20 7.49 -10.04 6.86
CA THR A 20 8.81 -10.53 7.21
C THR A 20 9.59 -9.49 8.02
N MET A 21 10.85 -9.80 8.30
CA MET A 21 11.70 -8.90 9.07
C MET A 21 12.24 -7.78 8.18
N ARG A 22 12.40 -8.07 6.90
CA ARG A 22 12.90 -7.09 5.95
C ARG A 22 11.91 -6.87 4.81
N SER A 23 10.66 -7.29 5.03
CA SER A 23 9.62 -7.15 4.02
C SER A 23 8.23 -7.21 4.66
N ILE A 24 7.21 -6.89 3.87
CA ILE A 24 5.84 -6.92 4.36
C ILE A 24 4.87 -7.24 3.25
N THR A 25 3.94 -8.16 3.52
CA THR A 25 2.95 -8.56 2.53
C THR A 25 1.57 -8.03 2.89
N LEU A 26 0.85 -7.52 1.88
CA LEU A 26 -0.47 -6.97 2.10
C LEU A 26 -1.45 -7.49 1.04
N SER A 27 -2.75 -7.37 1.32
CA SER A 27 -3.77 -7.82 0.40
C SER A 27 -5.00 -6.91 0.46
N TRP A 28 -5.47 -6.49 -0.71
CA TRP A 28 -6.64 -5.62 -0.78
C TRP A 28 -7.65 -6.15 -1.79
N PRO A 29 -8.95 -5.90 -1.52
CA PRO A 29 -10.04 -6.36 -2.39
C PRO A 29 -10.06 -5.61 -3.72
N GLN A 30 -10.90 -6.07 -4.65
CA GLN A 30 -11.02 -5.44 -5.96
C GLN A 30 -12.24 -4.54 -6.01
N PRO A 31 -12.06 -3.33 -6.56
CA PRO A 31 -13.14 -2.34 -6.69
C PRO A 31 -14.19 -2.76 -7.71
N GLU A 32 -15.38 -2.18 -7.61
CA GLU A 32 -16.47 -2.50 -8.52
C GLU A 32 -16.77 -1.31 -9.43
N GLN A 33 -16.08 -0.20 -9.19
CA GLN A 33 -16.29 1.01 -10.00
C GLN A 33 -14.95 1.52 -10.54
N PRO A 34 -14.15 0.61 -11.11
CA PRO A 34 -12.85 0.95 -11.69
C PRO A 34 -12.96 1.79 -12.95
N ASN A 35 -14.20 2.13 -13.32
CA ASN A 35 -14.46 2.93 -14.51
C ASN A 35 -13.73 2.34 -15.72
N GLY A 36 -13.66 1.02 -15.77
CA GLY A 36 -13.00 0.36 -16.88
C GLY A 36 -12.27 -0.91 -16.45
N ILE A 37 -11.07 -1.10 -17.00
CA ILE A 37 -10.27 -2.28 -16.67
C ILE A 37 -9.00 -1.89 -15.91
N ILE A 38 -8.89 -2.37 -14.68
CA ILE A 38 -7.72 -2.07 -13.85
C ILE A 38 -6.47 -2.75 -14.40
N LEU A 39 -5.58 -1.96 -15.00
CA LEU A 39 -4.35 -2.49 -15.56
C LEU A 39 -3.45 -3.05 -14.46
N ASP A 40 -3.00 -2.18 -13.56
CA ASP A 40 -2.14 -2.59 -12.46
C ASP A 40 -2.44 -1.78 -11.20
N TYR A 41 -1.73 -2.08 -10.12
CA TYR A 41 -1.92 -1.39 -8.87
C TYR A 41 -0.60 -0.80 -8.36
N GLU A 42 -0.64 0.47 -7.96
CA GLU A 42 0.55 1.14 -7.45
C GLU A 42 0.55 1.19 -5.93
N ILE A 43 1.71 0.90 -5.33
CA ILE A 43 1.83 0.91 -3.88
C ILE A 43 2.98 1.81 -3.43
N ARG A 44 2.65 2.80 -2.62
CA ARG A 44 3.65 3.74 -2.11
C ARG A 44 3.92 3.51 -0.63
N TYR A 45 5.20 3.44 -0.27
CA TYR A 45 5.59 3.22 1.12
C TYR A 45 6.74 4.14 1.51
N TYR A 46 6.62 4.78 2.66
CA TYR A 46 7.65 5.69 3.15
C TYR A 46 7.78 5.61 4.67
N GLU A 47 9.01 5.64 5.16
CA GLU A 47 9.27 5.56 6.59
C GLU A 47 8.38 6.55 7.36
N LYS A 48 7.84 6.10 8.48
CA LYS A 48 6.98 6.95 9.31
C LYS A 48 7.70 8.23 9.72
N GLU A 49 9.03 8.20 9.66
CA GLU A 49 9.82 9.36 10.03
C GLU A 49 10.32 10.11 8.78
N HIS A 50 9.73 9.78 7.65
CA HIS A 50 10.11 10.42 6.39
C HIS A 50 8.87 10.94 5.66
N ASN A 51 9.10 11.66 4.56
CA ASN A 51 8.02 12.23 3.77
C ASN A 51 7.88 11.51 2.44
N GLU A 52 6.81 11.82 1.72
CA GLU A 52 6.55 11.19 0.42
C GLU A 52 7.76 11.33 -0.49
N PHE A 53 8.32 12.54 -0.53
CA PHE A 53 9.49 12.80 -1.38
C PHE A 53 10.46 11.63 -1.34
N ASN A 54 10.87 11.23 -0.15
CA ASN A 54 11.80 10.12 0.03
C ASN A 54 11.05 8.81 0.22
N SER A 55 10.29 8.41 -0.79
CA SER A 55 9.51 7.17 -0.73
C SER A 55 9.85 6.26 -1.91
N SER A 56 9.17 5.13 -1.99
CA SER A 56 9.39 4.17 -3.07
C SER A 56 8.08 3.51 -3.49
N MET A 57 7.81 3.53 -4.79
CA MET A 57 6.59 2.93 -5.34
C MET A 57 6.88 1.54 -5.89
N ALA A 58 5.85 0.69 -5.88
CA ALA A 58 5.98 -0.66 -6.39
C ALA A 58 4.77 -1.06 -7.24
N ARG A 59 5.04 -1.62 -8.42
CA ARG A 59 3.96 -2.03 -9.31
C ARG A 59 3.55 -3.48 -9.03
N SER A 60 2.27 -3.78 -9.26
CA SER A 60 1.75 -5.12 -9.02
C SER A 60 0.66 -5.46 -10.04
N GLN A 61 0.77 -6.65 -10.63
CA GLN A 61 -0.21 -7.10 -11.61
C GLN A 61 -1.36 -7.84 -10.94
N THR A 62 -1.45 -7.70 -9.62
CA THR A 62 -2.51 -8.36 -8.86
C THR A 62 -2.91 -7.53 -7.64
N ASN A 63 -3.91 -8.01 -6.92
CA ASN A 63 -4.39 -7.31 -5.73
C ASN A 63 -3.56 -7.69 -4.50
N THR A 64 -2.31 -8.08 -4.75
CA THR A 64 -1.42 -8.47 -3.67
C THR A 64 0.04 -8.21 -4.04
N ALA A 65 0.72 -7.38 -3.25
CA ALA A 65 2.12 -7.06 -3.50
C ALA A 65 2.93 -7.08 -2.20
N ARG A 66 4.18 -7.49 -2.30
CA ARG A 66 5.06 -7.56 -1.14
C ARG A 66 6.18 -6.52 -1.25
N ILE A 67 6.40 -5.78 -0.17
CA ILE A 67 7.44 -4.76 -0.14
C ILE A 67 8.70 -5.29 0.54
N ASP A 68 9.82 -5.23 -0.17
CA ASP A 68 11.09 -5.69 0.36
C ASP A 68 12.11 -4.55 0.42
N GLY A 69 12.90 -4.53 1.49
CA GLY A 69 13.89 -3.49 1.66
C GLY A 69 13.63 -2.61 2.87
N LEU A 70 12.92 -3.17 3.85
CA LEU A 70 12.60 -2.44 5.07
C LEU A 70 13.42 -2.95 6.25
N ARG A 71 13.42 -2.19 7.34
CA ARG A 71 14.17 -2.57 8.53
C ARG A 71 13.26 -3.27 9.54
N PRO A 72 13.85 -4.18 10.32
CA PRO A 72 13.12 -4.95 11.33
C PRO A 72 12.67 -4.09 12.51
N GLY A 73 11.47 -4.35 13.01
CA GLY A 73 10.95 -3.58 14.13
C GLY A 73 10.76 -2.11 13.79
N MET A 74 10.21 -1.86 12.60
CA MET A 74 9.96 -0.48 12.16
C MET A 74 8.55 -0.33 11.62
N VAL A 75 8.14 0.92 11.39
CA VAL A 75 6.81 1.20 10.87
C VAL A 75 6.88 1.92 9.53
N TYR A 76 6.10 1.46 8.57
CA TYR A 76 6.08 2.06 7.24
C TYR A 76 4.65 2.26 6.76
N VAL A 77 4.36 3.47 6.28
CA VAL A 77 3.03 3.80 5.78
C VAL A 77 2.86 3.39 4.31
N VAL A 78 2.09 2.32 4.09
CA VAL A 78 1.85 1.83 2.74
C VAL A 78 0.42 2.12 2.30
N GLN A 79 0.23 2.17 0.99
CA GLN A 79 -1.10 2.44 0.43
C GLN A 79 -1.29 1.70 -0.89
N VAL A 80 -2.47 1.87 -1.48
CA VAL A 80 -2.79 1.21 -2.75
C VAL A 80 -3.83 2.00 -3.53
N ARG A 81 -3.62 2.10 -4.84
CA ARG A 81 -4.54 2.84 -5.70
C ARG A 81 -4.82 2.05 -6.99
N ALA A 82 -5.85 2.46 -7.71
CA ALA A 82 -6.23 1.80 -8.95
C ALA A 82 -5.80 2.62 -10.16
N ARG A 83 -5.27 1.95 -11.18
CA ARG A 83 -4.82 2.60 -12.39
C ARG A 83 -5.47 1.99 -13.63
N THR A 84 -6.12 2.83 -14.42
CA THR A 84 -6.79 2.37 -15.64
C THR A 84 -6.30 3.14 -16.86
N VAL A 85 -6.82 2.78 -18.03
CA VAL A 85 -6.44 3.44 -19.27
C VAL A 85 -6.79 4.92 -19.23
N ALA A 86 -7.52 5.33 -18.20
CA ALA A 86 -7.91 6.72 -18.05
C ALA A 86 -6.87 7.51 -17.28
N GLY A 87 -6.41 6.95 -16.16
CA GLY A 87 -5.40 7.61 -15.36
C GLY A 87 -5.14 6.90 -14.05
N TYR A 88 -4.90 7.66 -12.99
CA TYR A 88 -4.64 7.10 -11.67
C TYR A 88 -5.72 7.50 -10.68
N GLY A 89 -6.15 6.55 -9.85
CA GLY A 89 -7.17 6.83 -8.86
C GLY A 89 -6.59 7.23 -7.52
N LYS A 90 -7.45 7.70 -6.63
CA LYS A 90 -7.02 8.13 -5.29
C LYS A 90 -6.49 6.94 -4.50
N PHE A 91 -5.69 7.24 -3.47
CA PHE A 91 -5.12 6.19 -2.62
C PHE A 91 -6.12 5.75 -1.55
N SER A 92 -6.00 4.50 -1.13
CA SER A 92 -6.89 3.96 -0.10
C SER A 92 -6.56 4.52 1.27
N GLY A 93 -7.43 4.25 2.24
CA GLY A 93 -7.22 4.74 3.59
C GLY A 93 -5.80 4.56 4.05
N LYS A 94 -5.14 5.66 4.42
CA LYS A 94 -3.77 5.62 4.89
C LYS A 94 -3.63 4.72 6.11
N MET A 95 -2.70 3.76 6.04
CA MET A 95 -2.48 2.83 7.14
C MET A 95 -0.99 2.67 7.41
N CYS A 96 -0.66 1.80 8.36
CA CYS A 96 0.74 1.56 8.72
C CYS A 96 0.97 0.08 9.03
N PHE A 97 2.05 -0.47 8.49
CA PHE A 97 2.38 -1.87 8.71
C PHE A 97 3.81 -2.03 9.22
N GLN A 98 3.95 -2.61 10.41
CA GLN A 98 5.27 -2.80 11.01
C GLN A 98 5.82 -4.19 10.65
N THR A 99 7.14 -4.31 10.69
CA THR A 99 7.80 -5.58 10.38
C THR A 99 7.95 -6.45 11.62
N LEU A 100 8.59 -7.60 11.46
CA LEU A 100 8.80 -8.52 12.58
C LEU A 100 9.91 -8.01 13.50
N THR A 101 9.60 -7.97 14.79
CA THR A 101 10.57 -7.50 15.78
C THR A 101 11.38 -8.66 16.35
N ASP A 102 12.68 -8.69 16.03
CA ASP A 102 13.55 -9.75 16.51
C ASP A 102 14.26 -9.32 17.80
N SER A 103 13.60 -9.57 18.93
CA SER A 103 14.17 -9.21 20.23
C SER A 103 14.20 -10.42 21.15
N GLY A 104 13.04 -11.03 21.37
CA GLY A 104 12.96 -12.19 22.24
C GLY A 104 11.65 -12.26 23.00
N PRO A 105 11.62 -11.66 24.20
CA PRO A 105 10.43 -11.65 25.05
C PRO A 105 9.32 -10.77 24.48
N SER A 106 8.21 -10.71 25.19
CA SER A 106 7.07 -9.89 24.75
C SER A 106 6.52 -10.41 23.43
N SER A 107 6.41 -11.72 23.31
CA SER A 107 5.89 -12.34 22.09
C SER A 107 4.39 -12.54 22.17
N GLY A 108 3.73 -12.56 21.01
CA GLY A 108 2.29 -12.74 20.98
C GLY A 108 1.60 -11.75 20.06
N GLY A 1 -7.65 22.52 -10.98
CA GLY A 1 -7.54 23.82 -10.32
C GLY A 1 -8.25 23.85 -8.99
N SER A 2 -9.57 24.00 -9.01
CA SER A 2 -10.36 24.06 -7.79
C SER A 2 -11.09 22.74 -7.56
N SER A 3 -11.87 22.32 -8.55
CA SER A 3 -12.62 21.07 -8.45
C SER A 3 -11.69 19.90 -8.14
N GLY A 4 -12.24 18.90 -7.45
CA GLY A 4 -11.44 17.74 -7.09
C GLY A 4 -11.03 16.92 -8.31
N SER A 5 -10.24 15.88 -8.07
CA SER A 5 -9.78 15.02 -9.16
C SER A 5 -10.71 13.84 -9.34
N SER A 6 -10.61 13.19 -10.51
CA SER A 6 -11.46 12.04 -10.82
C SER A 6 -10.61 10.84 -11.19
N GLY A 7 -11.28 9.72 -11.48
CA GLY A 7 -10.57 8.51 -11.85
C GLY A 7 -11.27 7.25 -11.37
N PRO A 8 -10.55 6.12 -11.40
CA PRO A 8 -11.10 4.82 -10.98
C PRO A 8 -11.31 4.76 -9.46
N SER A 9 -12.12 3.80 -9.02
CA SER A 9 -12.41 3.63 -7.60
C SER A 9 -11.12 3.35 -6.83
N THR A 10 -11.26 3.17 -5.51
CA THR A 10 -10.11 2.89 -4.66
C THR A 10 -10.51 2.02 -3.48
N VAL A 11 -9.65 1.06 -3.14
CA VAL A 11 -9.91 0.15 -2.03
C VAL A 11 -10.29 0.92 -0.76
N PRO A 12 -11.39 0.50 -0.13
CA PRO A 12 -11.88 1.13 1.10
C PRO A 12 -10.96 0.88 2.29
N ILE A 13 -10.40 -0.33 2.36
CA ILE A 13 -9.50 -0.69 3.45
C ILE A 13 -8.50 -1.74 3.01
N MET A 14 -7.38 -1.84 3.72
CA MET A 14 -6.35 -2.81 3.40
C MET A 14 -6.23 -3.86 4.49
N HIS A 15 -5.70 -5.03 4.14
CA HIS A 15 -5.54 -6.11 5.09
C HIS A 15 -4.16 -6.77 4.93
N GLN A 16 -3.54 -7.09 6.06
CA GLN A 16 -2.21 -7.72 6.04
C GLN A 16 -2.33 -9.23 6.19
N VAL A 17 -1.59 -9.96 5.35
CA VAL A 17 -1.62 -11.42 5.38
C VAL A 17 -0.39 -11.97 6.11
N SER A 18 0.77 -11.39 5.82
CA SER A 18 2.01 -11.83 6.43
C SER A 18 3.07 -10.74 6.34
N ALA A 19 4.26 -11.03 6.90
CA ALA A 19 5.36 -10.07 6.87
C ALA A 19 6.66 -10.73 7.30
N THR A 20 7.78 -10.09 6.99
CA THR A 20 9.09 -10.60 7.33
C THR A 20 9.89 -9.59 8.14
N MET A 21 11.14 -9.93 8.43
CA MET A 21 12.01 -9.05 9.20
C MET A 21 12.46 -7.87 8.35
N ARG A 22 12.59 -8.08 7.05
CA ARG A 22 13.01 -7.03 6.13
C ARG A 22 12.01 -6.87 4.99
N SER A 23 10.77 -7.28 5.23
CA SER A 23 9.72 -7.18 4.23
C SER A 23 8.34 -7.25 4.87
N ILE A 24 7.30 -7.05 4.06
CA ILE A 24 5.93 -7.08 4.55
C ILE A 24 4.96 -7.48 3.44
N THR A 25 4.01 -8.35 3.79
CA THR A 25 3.02 -8.82 2.82
C THR A 25 1.63 -8.27 3.15
N LEU A 26 0.98 -7.68 2.15
CA LEU A 26 -0.35 -7.12 2.34
C LEU A 26 -1.29 -7.54 1.20
N SER A 27 -2.55 -7.15 1.31
CA SER A 27 -3.54 -7.49 0.30
C SER A 27 -4.76 -6.57 0.40
N TRP A 28 -5.37 -6.28 -0.74
CA TRP A 28 -6.55 -5.41 -0.78
C TRP A 28 -7.60 -5.99 -1.71
N PRO A 29 -8.88 -5.78 -1.35
CA PRO A 29 -10.02 -6.27 -2.14
C PRO A 29 -10.17 -5.51 -3.46
N GLN A 30 -10.68 -6.21 -4.48
CA GLN A 30 -10.86 -5.61 -5.79
C GLN A 30 -12.09 -4.71 -5.80
N PRO A 31 -11.93 -3.49 -6.35
CA PRO A 31 -13.02 -2.52 -6.44
C PRO A 31 -14.10 -2.93 -7.43
N GLU A 32 -15.24 -2.26 -7.36
CA GLU A 32 -16.36 -2.56 -8.26
C GLU A 32 -16.63 -1.40 -9.22
N GLN A 33 -16.06 -0.24 -8.90
CA GLN A 33 -16.23 0.95 -9.73
C GLN A 33 -14.88 1.43 -10.28
N PRO A 34 -14.15 0.52 -10.92
CA PRO A 34 -12.84 0.83 -11.50
C PRO A 34 -12.95 1.75 -12.72
N ASN A 35 -14.17 2.16 -13.04
CA ASN A 35 -14.41 3.04 -14.18
C ASN A 35 -13.74 2.49 -15.43
N GLY A 36 -13.65 1.17 -15.51
CA GLY A 36 -13.03 0.54 -16.67
C GLY A 36 -12.28 -0.72 -16.31
N ILE A 37 -11.20 -0.99 -17.04
CA ILE A 37 -10.39 -2.17 -16.79
C ILE A 37 -9.10 -1.81 -16.05
N ILE A 38 -9.01 -2.24 -14.79
CA ILE A 38 -7.83 -1.97 -13.98
C ILE A 38 -6.58 -2.61 -14.58
N LEU A 39 -5.69 -1.78 -15.10
CA LEU A 39 -4.45 -2.26 -15.70
C LEU A 39 -3.54 -2.88 -14.64
N ASP A 40 -3.10 -2.06 -13.69
CA ASP A 40 -2.23 -2.52 -12.63
C ASP A 40 -2.52 -1.79 -11.33
N TYR A 41 -1.82 -2.17 -10.26
CA TYR A 41 -2.01 -1.55 -8.96
C TYR A 41 -0.71 -0.95 -8.45
N GLU A 42 -0.72 0.34 -8.17
CA GLU A 42 0.46 1.04 -7.67
C GLU A 42 0.49 1.05 -6.14
N ILE A 43 1.68 0.97 -5.57
CA ILE A 43 1.84 0.97 -4.13
C ILE A 43 2.90 1.99 -3.68
N ARG A 44 2.49 2.92 -2.84
CA ARG A 44 3.39 3.96 -2.34
C ARG A 44 3.60 3.81 -0.84
N TYR A 45 4.85 3.61 -0.44
CA TYR A 45 5.18 3.46 0.96
C TYR A 45 6.41 4.30 1.33
N TYR A 46 6.40 4.85 2.53
CA TYR A 46 7.50 5.67 3.01
C TYR A 46 7.68 5.54 4.52
N GLU A 47 8.90 5.76 4.98
CA GLU A 47 9.21 5.66 6.41
C GLU A 47 8.37 6.64 7.21
N LYS A 48 7.79 6.17 8.31
CA LYS A 48 6.97 7.01 9.17
C LYS A 48 7.67 8.34 9.46
N GLU A 49 8.99 8.37 9.28
CA GLU A 49 9.77 9.57 9.52
C GLU A 49 10.05 10.31 8.22
N HIS A 50 10.07 9.56 7.11
CA HIS A 50 10.32 10.14 5.80
C HIS A 50 9.08 10.85 5.26
N ASN A 51 9.22 11.48 4.10
CA ASN A 51 8.10 12.18 3.48
C ASN A 51 7.70 11.52 2.17
N GLU A 52 6.66 12.05 1.53
CA GLU A 52 6.18 11.50 0.27
C GLU A 52 7.26 11.57 -0.81
N PHE A 53 8.12 12.58 -0.70
CA PHE A 53 9.20 12.76 -1.66
C PHE A 53 10.16 11.57 -1.63
N ASN A 54 10.81 11.36 -0.48
CA ASN A 54 11.75 10.26 -0.32
C ASN A 54 11.02 8.96 -0.03
N SER A 55 10.03 8.64 -0.86
CA SER A 55 9.25 7.43 -0.69
C SER A 55 9.61 6.40 -1.75
N SER A 56 8.95 5.24 -1.72
CA SER A 56 9.22 4.18 -2.67
C SER A 56 7.91 3.68 -3.30
N MET A 57 7.96 3.44 -4.61
CA MET A 57 6.78 2.96 -5.33
C MET A 57 6.97 1.51 -5.78
N ALA A 58 5.86 0.83 -6.04
CA ALA A 58 5.91 -0.56 -6.48
C ALA A 58 4.66 -0.92 -7.29
N ARG A 59 4.86 -1.51 -8.45
CA ARG A 59 3.76 -1.91 -9.32
C ARG A 59 3.46 -3.40 -9.18
N SER A 60 2.18 -3.74 -9.17
CA SER A 60 1.76 -5.13 -9.04
C SER A 60 0.63 -5.45 -10.02
N GLN A 61 0.71 -6.63 -10.64
CA GLN A 61 -0.30 -7.06 -11.60
C GLN A 61 -1.48 -7.70 -10.89
N THR A 62 -1.37 -7.84 -9.57
CA THR A 62 -2.44 -8.44 -8.78
C THR A 62 -2.83 -7.54 -7.61
N ASN A 63 -3.84 -7.96 -6.86
CA ASN A 63 -4.31 -7.19 -5.72
C ASN A 63 -3.48 -7.50 -4.48
N THR A 64 -2.25 -7.95 -4.69
CA THR A 64 -1.36 -8.28 -3.59
C THR A 64 0.10 -8.00 -3.96
N ALA A 65 0.79 -7.25 -3.11
CA ALA A 65 2.18 -6.91 -3.34
C ALA A 65 2.96 -6.83 -2.03
N ARG A 66 4.09 -7.53 -1.98
CA ARG A 66 4.93 -7.54 -0.78
C ARG A 66 6.10 -6.57 -0.92
N ILE A 67 6.34 -5.79 0.12
CA ILE A 67 7.43 -4.82 0.12
C ILE A 67 8.70 -5.42 0.71
N ASP A 68 9.78 -5.40 -0.07
CA ASP A 68 11.05 -5.94 0.38
C ASP A 68 12.12 -4.85 0.42
N GLY A 69 12.91 -4.85 1.49
CA GLY A 69 13.96 -3.84 1.64
C GLY A 69 13.65 -2.84 2.72
N LEU A 70 13.21 -3.33 3.87
CA LEU A 70 12.87 -2.48 5.00
C LEU A 70 13.67 -2.86 6.24
N ARG A 71 13.60 -2.03 7.28
CA ARG A 71 14.31 -2.29 8.51
C ARG A 71 13.43 -3.01 9.52
N PRO A 72 14.05 -3.78 10.42
CA PRO A 72 13.34 -4.54 11.45
C PRO A 72 12.72 -3.63 12.51
N GLY A 73 11.47 -3.91 12.87
CA GLY A 73 10.78 -3.12 13.87
C GLY A 73 10.57 -1.68 13.41
N MET A 74 10.16 -1.52 12.16
CA MET A 74 9.92 -0.18 11.61
C MET A 74 8.55 -0.12 10.94
N VAL A 75 7.84 0.98 11.19
CA VAL A 75 6.51 1.18 10.61
C VAL A 75 6.58 1.91 9.29
N TYR A 76 5.93 1.35 8.27
CA TYR A 76 5.93 1.96 6.94
C TYR A 76 4.50 2.15 6.44
N VAL A 77 4.14 3.41 6.16
CA VAL A 77 2.81 3.72 5.67
C VAL A 77 2.63 3.26 4.22
N VAL A 78 2.06 2.07 4.06
CA VAL A 78 1.83 1.51 2.74
C VAL A 78 0.43 1.84 2.24
N GLN A 79 0.32 2.11 0.94
CA GLN A 79 -0.97 2.45 0.34
C GLN A 79 -1.14 1.74 -1.00
N VAL A 80 -2.35 1.82 -1.55
CA VAL A 80 -2.65 1.19 -2.83
C VAL A 80 -3.71 1.97 -3.60
N ARG A 81 -3.56 2.02 -4.91
CA ARG A 81 -4.51 2.74 -5.76
C ARG A 81 -4.76 1.98 -7.07
N ALA A 82 -5.81 2.37 -7.78
CA ALA A 82 -6.15 1.73 -9.04
C ALA A 82 -5.85 2.64 -10.22
N ARG A 83 -5.32 2.05 -11.29
CA ARG A 83 -4.99 2.82 -12.49
C ARG A 83 -5.65 2.22 -13.72
N THR A 84 -6.27 3.08 -14.53
CA THR A 84 -6.94 2.63 -15.74
C THR A 84 -6.56 3.50 -16.94
N VAL A 85 -6.96 3.07 -18.13
CA VAL A 85 -6.67 3.80 -19.35
C VAL A 85 -7.04 5.28 -19.21
N ALA A 86 -7.96 5.57 -18.30
CA ALA A 86 -8.40 6.93 -18.06
C ALA A 86 -7.36 7.72 -17.26
N GLY A 87 -6.88 7.13 -16.17
CA GLY A 87 -5.89 7.78 -15.34
C GLY A 87 -5.67 7.07 -14.02
N TYR A 88 -4.95 7.72 -13.11
CA TYR A 88 -4.68 7.14 -11.80
C TYR A 88 -5.77 7.49 -10.80
N GLY A 89 -5.99 6.60 -9.84
CA GLY A 89 -7.01 6.84 -8.83
C GLY A 89 -6.42 7.25 -7.50
N LYS A 90 -7.27 7.69 -6.58
CA LYS A 90 -6.83 8.11 -5.26
C LYS A 90 -6.22 6.94 -4.49
N PHE A 91 -5.44 7.26 -3.47
CA PHE A 91 -4.80 6.22 -2.65
C PHE A 91 -5.70 5.80 -1.50
N SER A 92 -5.71 4.50 -1.21
CA SER A 92 -6.53 3.96 -0.14
C SER A 92 -6.14 4.56 1.21
N GLY A 93 -7.09 4.58 2.14
CA GLY A 93 -6.81 5.14 3.46
C GLY A 93 -5.47 4.70 4.00
N LYS A 94 -4.67 5.67 4.44
CA LYS A 94 -3.35 5.38 4.99
C LYS A 94 -3.38 4.14 5.87
N MET A 95 -2.23 3.49 6.02
CA MET A 95 -2.13 2.28 6.84
C MET A 95 -0.80 2.24 7.58
N CYS A 96 -0.71 1.38 8.58
CA CYS A 96 0.50 1.23 9.37
C CYS A 96 0.88 -0.24 9.54
N PHE A 97 1.95 -0.65 8.88
CA PHE A 97 2.42 -2.03 8.96
C PHE A 97 3.89 -2.09 9.36
N GLN A 98 4.16 -2.73 10.49
CA GLN A 98 5.53 -2.86 10.98
C GLN A 98 6.09 -4.25 10.69
N THR A 99 7.41 -4.33 10.57
CA THR A 99 8.07 -5.61 10.28
C THR A 99 8.18 -6.46 11.53
N LEU A 100 8.76 -7.64 11.39
CA LEU A 100 8.94 -8.56 12.51
C LEU A 100 10.05 -8.08 13.44
N THR A 101 9.69 -7.83 14.70
CA THR A 101 10.66 -7.37 15.69
C THR A 101 11.38 -8.55 16.33
N ASP A 102 12.63 -8.77 15.93
CA ASP A 102 13.43 -9.86 16.47
C ASP A 102 14.13 -9.43 17.76
N SER A 103 13.41 -9.54 18.87
CA SER A 103 13.96 -9.16 20.17
C SER A 103 13.74 -10.26 21.21
N GLY A 104 14.83 -10.78 21.75
CA GLY A 104 14.74 -11.84 22.74
C GLY A 104 13.85 -11.46 23.91
N PRO A 105 14.38 -10.64 24.83
CA PRO A 105 13.65 -10.19 26.02
C PRO A 105 12.52 -9.22 25.66
N SER A 106 11.30 -9.59 26.02
CA SER A 106 10.13 -8.75 25.75
C SER A 106 8.96 -9.13 26.64
N SER A 107 8.21 -8.13 27.08
CA SER A 107 7.06 -8.36 27.95
C SER A 107 5.82 -7.65 27.41
N GLY A 108 4.65 -8.15 27.79
CA GLY A 108 3.40 -7.56 27.34
C GLY A 108 3.07 -6.28 28.07
N GLY A 1 -7.59 24.13 -8.17
CA GLY A 1 -8.38 22.95 -7.92
C GLY A 1 -9.59 22.86 -8.84
N SER A 2 -9.33 22.59 -10.12
CA SER A 2 -10.40 22.48 -11.10
C SER A 2 -11.13 21.15 -10.96
N SER A 3 -12.28 21.18 -10.30
CA SER A 3 -13.07 19.97 -10.10
C SER A 3 -13.43 19.32 -11.43
N GLY A 4 -12.76 18.22 -11.74
CA GLY A 4 -13.03 17.52 -12.99
C GLY A 4 -13.48 16.10 -12.77
N SER A 5 -13.21 15.23 -13.75
CA SER A 5 -13.61 13.83 -13.66
C SER A 5 -12.81 13.12 -12.57
N SER A 6 -13.43 12.12 -11.94
CA SER A 6 -12.79 11.36 -10.87
C SER A 6 -12.23 10.04 -11.41
N GLY A 7 -10.98 9.75 -11.07
CA GLY A 7 -10.36 8.53 -11.52
C GLY A 7 -11.14 7.29 -11.14
N PRO A 8 -10.52 6.12 -11.31
CA PRO A 8 -11.14 4.84 -10.98
C PRO A 8 -11.33 4.64 -9.48
N SER A 9 -12.35 3.88 -9.10
CA SER A 9 -12.62 3.62 -7.69
C SER A 9 -11.36 3.18 -6.96
N THR A 10 -11.47 3.01 -5.65
CA THR A 10 -10.35 2.59 -4.83
C THR A 10 -10.77 1.58 -3.78
N VAL A 11 -9.81 1.13 -2.97
CA VAL A 11 -10.09 0.16 -1.91
C VAL A 11 -10.49 0.86 -0.62
N PRO A 12 -11.54 0.34 0.03
CA PRO A 12 -12.06 0.89 1.29
C PRO A 12 -11.09 0.66 2.46
N ILE A 13 -10.57 -0.56 2.54
CA ILE A 13 -9.64 -0.91 3.62
C ILE A 13 -8.58 -1.88 3.13
N MET A 14 -7.42 -1.87 3.78
CA MET A 14 -6.33 -2.76 3.41
C MET A 14 -6.18 -3.89 4.42
N HIS A 15 -5.83 -5.07 3.94
CA HIS A 15 -5.66 -6.24 4.80
C HIS A 15 -4.26 -6.82 4.66
N GLN A 16 -3.67 -7.20 5.78
CA GLN A 16 -2.32 -7.78 5.79
C GLN A 16 -2.37 -9.29 5.98
N VAL A 17 -1.64 -10.02 5.14
CA VAL A 17 -1.60 -11.47 5.22
C VAL A 17 -0.39 -11.94 6.02
N SER A 18 0.77 -11.37 5.72
CA SER A 18 2.01 -11.73 6.40
C SER A 18 3.04 -10.62 6.29
N ALA A 19 4.21 -10.84 6.88
CA ALA A 19 5.28 -9.84 6.84
C ALA A 19 6.58 -10.42 7.41
N THR A 20 7.70 -10.05 6.81
CA THR A 20 9.00 -10.52 7.26
C THR A 20 9.74 -9.46 8.06
N MET A 21 10.98 -9.75 8.42
CA MET A 21 11.79 -8.81 9.19
C MET A 21 12.37 -7.73 8.28
N ARG A 22 12.36 -7.98 6.97
CA ARG A 22 12.88 -7.02 6.00
C ARG A 22 11.87 -6.77 4.90
N SER A 23 10.65 -7.28 5.07
CA SER A 23 9.59 -7.11 4.10
C SER A 23 8.22 -7.14 4.77
N ILE A 24 7.19 -6.86 3.98
CA ILE A 24 5.82 -6.87 4.50
C ILE A 24 4.82 -7.22 3.41
N THR A 25 3.99 -8.23 3.67
CA THR A 25 2.99 -8.66 2.71
C THR A 25 1.63 -8.04 3.02
N LEU A 26 0.97 -7.55 1.97
CA LEU A 26 -0.34 -6.92 2.12
C LEU A 26 -1.31 -7.41 1.05
N SER A 27 -2.59 -7.10 1.22
CA SER A 27 -3.61 -7.51 0.26
C SER A 27 -4.85 -6.64 0.41
N TRP A 28 -5.49 -6.34 -0.72
CA TRP A 28 -6.69 -5.52 -0.73
C TRP A 28 -7.72 -6.08 -1.72
N PRO A 29 -9.01 -5.87 -1.41
CA PRO A 29 -10.11 -6.34 -2.25
C PRO A 29 -10.21 -5.57 -3.55
N GLN A 30 -10.71 -6.23 -4.59
CA GLN A 30 -10.86 -5.59 -5.90
C GLN A 30 -12.10 -4.70 -5.94
N PRO A 31 -11.93 -3.48 -6.47
CA PRO A 31 -13.01 -2.51 -6.58
C PRO A 31 -14.08 -2.93 -7.60
N GLU A 32 -15.21 -2.25 -7.58
CA GLU A 32 -16.30 -2.54 -8.50
C GLU A 32 -16.62 -1.33 -9.37
N GLN A 33 -16.03 -0.19 -9.03
CA GLN A 33 -16.26 1.05 -9.78
C GLN A 33 -14.95 1.57 -10.37
N PRO A 34 -14.18 0.68 -11.00
CA PRO A 34 -12.90 1.02 -11.63
C PRO A 34 -13.08 1.89 -12.87
N ASN A 35 -14.33 2.20 -13.19
CA ASN A 35 -14.64 3.03 -14.36
C ASN A 35 -13.77 2.62 -15.54
N GLY A 36 -13.32 1.38 -15.54
CA GLY A 36 -12.48 0.89 -16.63
C GLY A 36 -11.48 -0.15 -16.17
N ILE A 37 -11.20 -1.12 -17.04
CA ILE A 37 -10.26 -2.19 -16.72
C ILE A 37 -9.09 -1.65 -15.91
N ILE A 38 -8.63 -2.44 -14.94
CA ILE A 38 -7.50 -2.05 -14.10
C ILE A 38 -6.22 -2.70 -14.56
N LEU A 39 -5.35 -1.92 -15.21
CA LEU A 39 -4.09 -2.42 -15.70
C LEU A 39 -3.27 -3.05 -14.58
N ASP A 40 -2.94 -2.25 -13.58
CA ASP A 40 -2.17 -2.72 -12.43
C ASP A 40 -2.48 -1.92 -11.18
N TYR A 41 -1.78 -2.22 -10.10
CA TYR A 41 -1.99 -1.51 -8.84
C TYR A 41 -0.67 -1.02 -8.26
N GLU A 42 -0.57 0.30 -8.08
CA GLU A 42 0.63 0.91 -7.54
C GLU A 42 0.57 1.00 -6.02
N ILE A 43 1.72 0.82 -5.38
CA ILE A 43 1.79 0.88 -3.92
C ILE A 43 2.95 1.75 -3.47
N ARG A 44 2.65 2.72 -2.60
CA ARG A 44 3.67 3.63 -2.08
C ARG A 44 3.91 3.38 -0.60
N TYR A 45 5.18 3.28 -0.22
CA TYR A 45 5.55 3.05 1.17
C TYR A 45 6.72 3.95 1.58
N TYR A 46 6.56 4.64 2.70
CA TYR A 46 7.59 5.53 3.21
C TYR A 46 7.72 5.42 4.73
N GLU A 47 8.94 5.60 5.23
CA GLU A 47 9.20 5.51 6.66
C GLU A 47 8.30 6.49 7.42
N LYS A 48 7.73 6.02 8.53
CA LYS A 48 6.86 6.85 9.36
C LYS A 48 7.55 8.15 9.73
N GLU A 49 8.87 8.18 9.63
CA GLU A 49 9.65 9.37 9.95
C GLU A 49 9.95 10.18 8.70
N HIS A 50 9.89 9.52 7.54
CA HIS A 50 10.16 10.18 6.28
C HIS A 50 8.86 10.63 5.61
N ASN A 51 8.98 11.32 4.47
CA ASN A 51 7.82 11.80 3.75
C ASN A 51 7.67 11.08 2.41
N GLU A 52 6.68 11.50 1.63
CA GLU A 52 6.42 10.88 0.32
C GLU A 52 7.65 11.02 -0.59
N PHE A 53 8.29 12.18 -0.53
CA PHE A 53 9.47 12.44 -1.34
C PHE A 53 10.44 11.26 -1.30
N ASN A 54 11.02 11.01 -0.13
CA ASN A 54 11.96 9.91 0.05
C ASN A 54 11.22 8.59 0.18
N SER A 55 10.29 8.33 -0.73
CA SER A 55 9.51 7.10 -0.70
C SER A 55 9.79 6.25 -1.95
N SER A 56 9.20 5.07 -2.00
CA SER A 56 9.38 4.16 -3.12
C SER A 56 8.06 3.53 -3.55
N MET A 57 7.81 3.52 -4.86
CA MET A 57 6.58 2.95 -5.40
C MET A 57 6.86 1.65 -6.15
N ALA A 58 5.93 0.72 -6.09
CA ALA A 58 6.08 -0.56 -6.77
C ALA A 58 4.78 -0.98 -7.44
N ARG A 59 4.86 -1.34 -8.72
CA ARG A 59 3.69 -1.77 -9.47
C ARG A 59 3.47 -3.26 -9.34
N SER A 60 2.21 -3.67 -9.30
CA SER A 60 1.86 -5.09 -9.17
C SER A 60 0.76 -5.47 -10.16
N GLN A 61 0.86 -6.67 -10.70
CA GLN A 61 -0.13 -7.15 -11.67
C GLN A 61 -1.30 -7.84 -10.95
N THR A 62 -1.48 -7.51 -9.68
CA THR A 62 -2.55 -8.09 -8.88
C THR A 62 -2.87 -7.23 -7.66
N ASN A 63 -3.92 -7.60 -6.94
CA ASN A 63 -4.33 -6.85 -5.75
C ASN A 63 -3.48 -7.25 -4.54
N THR A 64 -2.44 -8.04 -4.79
CA THR A 64 -1.55 -8.49 -3.72
C THR A 64 -0.09 -8.32 -4.12
N ALA A 65 0.64 -7.55 -3.32
CA ALA A 65 2.06 -7.32 -3.57
C ALA A 65 2.85 -7.20 -2.27
N ARG A 66 4.03 -7.80 -2.26
CA ARG A 66 4.88 -7.77 -1.07
C ARG A 66 5.94 -6.68 -1.18
N ILE A 67 6.29 -6.07 -0.05
CA ILE A 67 7.29 -5.01 -0.03
C ILE A 67 8.58 -5.49 0.63
N ASP A 68 9.69 -5.33 -0.09
CA ASP A 68 10.99 -5.74 0.41
C ASP A 68 11.96 -4.57 0.47
N GLY A 69 12.87 -4.59 1.44
CA GLY A 69 13.83 -3.52 1.59
C GLY A 69 13.49 -2.59 2.74
N LEU A 70 13.22 -3.17 3.90
CA LEU A 70 12.89 -2.39 5.08
C LEU A 70 13.68 -2.87 6.29
N ARG A 71 13.70 -2.07 7.34
CA ARG A 71 14.42 -2.41 8.57
C ARG A 71 13.52 -3.16 9.55
N PRO A 72 14.11 -4.12 10.27
CA PRO A 72 13.37 -4.93 11.24
C PRO A 72 12.96 -4.13 12.46
N GLY A 73 11.68 -4.21 12.82
CA GLY A 73 11.17 -3.49 13.97
C GLY A 73 10.93 -2.03 13.67
N MET A 74 10.33 -1.75 12.52
CA MET A 74 10.03 -0.38 12.11
C MET A 74 8.62 -0.28 11.55
N VAL A 75 8.14 0.95 11.42
CA VAL A 75 6.80 1.20 10.89
C VAL A 75 6.86 1.94 9.57
N TYR A 76 6.05 1.50 8.61
CA TYR A 76 6.01 2.12 7.29
C TYR A 76 4.57 2.36 6.84
N VAL A 77 4.33 3.51 6.23
CA VAL A 77 2.99 3.85 5.74
C VAL A 77 2.80 3.43 4.29
N VAL A 78 2.12 2.30 4.10
CA VAL A 78 1.88 1.79 2.75
C VAL A 78 0.47 2.17 2.27
N GLN A 79 0.36 2.51 0.99
CA GLN A 79 -0.91 2.89 0.41
C GLN A 79 -1.04 2.37 -1.01
N VAL A 80 -2.19 1.80 -1.33
CA VAL A 80 -2.45 1.25 -2.66
C VAL A 80 -3.51 2.06 -3.40
N ARG A 81 -3.40 2.11 -4.72
CA ARG A 81 -4.36 2.85 -5.54
C ARG A 81 -4.72 2.06 -6.79
N ALA A 82 -5.78 2.49 -7.47
CA ALA A 82 -6.23 1.83 -8.69
C ALA A 82 -5.90 2.66 -9.91
N ARG A 83 -5.15 2.08 -10.84
CA ARG A 83 -4.76 2.77 -12.07
C ARG A 83 -5.44 2.15 -13.27
N THR A 84 -5.99 3.00 -14.14
CA THR A 84 -6.67 2.54 -15.34
C THR A 84 -6.24 3.34 -16.56
N VAL A 85 -6.49 2.78 -17.75
CA VAL A 85 -6.13 3.45 -18.99
C VAL A 85 -6.47 4.93 -18.94
N ALA A 86 -7.42 5.28 -18.08
CA ALA A 86 -7.84 6.67 -17.93
C ALA A 86 -6.81 7.48 -17.15
N GLY A 87 -6.39 6.95 -16.01
CA GLY A 87 -5.42 7.63 -15.18
C GLY A 87 -5.24 6.97 -13.83
N TYR A 88 -4.68 7.71 -12.89
CA TYR A 88 -4.44 7.19 -11.55
C TYR A 88 -5.66 7.41 -10.65
N GLY A 89 -5.92 6.43 -9.78
CA GLY A 89 -7.06 6.54 -8.89
C GLY A 89 -6.66 6.98 -7.49
N LYS A 90 -7.64 7.34 -6.68
CA LYS A 90 -7.39 7.78 -5.32
C LYS A 90 -6.78 6.65 -4.49
N PHE A 91 -6.03 7.02 -3.45
CA PHE A 91 -5.40 6.04 -2.58
C PHE A 91 -6.38 5.51 -1.54
N SER A 92 -6.09 4.34 -0.99
CA SER A 92 -6.95 3.72 0.00
C SER A 92 -6.64 4.27 1.40
N GLY A 93 -7.56 4.03 2.33
CA GLY A 93 -7.36 4.51 3.69
C GLY A 93 -5.94 4.31 4.18
N LYS A 94 -5.32 5.40 4.64
CA LYS A 94 -3.95 5.34 5.13
C LYS A 94 -3.78 4.21 6.12
N MET A 95 -2.74 3.40 5.93
CA MET A 95 -2.46 2.28 6.81
C MET A 95 -0.99 2.24 7.20
N CYS A 96 -0.71 1.74 8.39
CA CYS A 96 0.66 1.64 8.90
C CYS A 96 1.03 0.20 9.21
N PHE A 97 1.95 -0.36 8.42
CA PHE A 97 2.39 -1.73 8.62
C PHE A 97 3.84 -1.78 9.09
N GLN A 98 4.06 -2.42 10.23
CA GLN A 98 5.39 -2.52 10.80
C GLN A 98 5.96 -3.93 10.57
N THR A 99 7.28 -4.00 10.43
CA THR A 99 7.96 -5.27 10.20
C THR A 99 8.25 -5.98 11.52
N LEU A 100 8.88 -7.16 11.43
CA LEU A 100 9.21 -7.93 12.61
C LEU A 100 10.46 -7.37 13.30
N THR A 101 10.65 -7.75 14.56
CA THR A 101 11.81 -7.29 15.32
C THR A 101 12.46 -8.44 16.08
N ASP A 102 13.78 -8.54 15.96
CA ASP A 102 14.53 -9.60 16.64
C ASP A 102 15.05 -9.11 17.99
N SER A 103 14.27 -9.33 19.03
CA SER A 103 14.65 -8.91 20.37
C SER A 103 13.65 -9.41 21.41
N GLY A 104 14.13 -9.66 22.62
CA GLY A 104 13.26 -10.14 23.68
C GLY A 104 12.24 -9.10 24.11
N PRO A 105 11.05 -9.56 24.50
CA PRO A 105 9.96 -8.68 24.94
C PRO A 105 10.25 -8.03 26.29
N SER A 106 9.87 -6.77 26.43
CA SER A 106 10.09 -6.03 27.67
C SER A 106 11.41 -6.45 28.31
N SER A 107 12.47 -6.50 27.51
CA SER A 107 13.78 -6.89 28.01
C SER A 107 14.39 -5.78 28.86
N GLY A 108 14.23 -5.92 30.18
CA GLY A 108 14.77 -4.92 31.09
C GLY A 108 13.85 -4.67 32.28
N GLY A 1 -6.97 18.83 -11.35
CA GLY A 1 -7.79 20.02 -11.42
C GLY A 1 -9.08 19.87 -10.65
N SER A 2 -9.55 20.98 -10.07
CA SER A 2 -10.79 20.97 -9.30
C SER A 2 -11.92 20.30 -10.08
N SER A 3 -12.05 20.66 -11.35
CA SER A 3 -13.08 20.11 -12.21
C SER A 3 -12.47 19.18 -13.26
N GLY A 4 -11.47 18.41 -12.86
CA GLY A 4 -10.82 17.50 -13.78
C GLY A 4 -11.79 16.53 -14.42
N SER A 5 -11.81 15.30 -13.93
CA SER A 5 -12.70 14.28 -14.46
C SER A 5 -12.94 13.18 -13.44
N SER A 6 -13.85 12.27 -13.76
CA SER A 6 -14.17 11.16 -12.86
C SER A 6 -13.12 10.05 -12.97
N GLY A 7 -12.58 9.66 -11.82
CA GLY A 7 -11.57 8.62 -11.80
C GLY A 7 -12.12 7.28 -11.36
N PRO A 8 -11.28 6.23 -11.45
CA PRO A 8 -11.68 4.87 -11.06
C PRO A 8 -11.87 4.73 -9.55
N SER A 9 -12.53 3.64 -9.15
CA SER A 9 -12.79 3.39 -7.73
C SER A 9 -11.49 3.09 -6.99
N THR A 10 -11.60 2.87 -5.69
CA THR A 10 -10.45 2.57 -4.86
C THR A 10 -10.82 1.65 -3.70
N VAL A 11 -9.82 0.95 -3.16
CA VAL A 11 -10.04 0.04 -2.05
C VAL A 11 -10.42 0.80 -0.79
N PRO A 12 -11.49 0.33 -0.12
CA PRO A 12 -11.98 0.95 1.12
C PRO A 12 -11.03 0.74 2.29
N ILE A 13 -10.48 -0.46 2.39
CA ILE A 13 -9.55 -0.80 3.46
C ILE A 13 -8.55 -1.86 3.02
N MET A 14 -7.41 -1.92 3.71
CA MET A 14 -6.38 -2.89 3.39
C MET A 14 -6.23 -3.93 4.49
N HIS A 15 -5.68 -5.09 4.15
CA HIS A 15 -5.49 -6.16 5.12
C HIS A 15 -4.07 -6.71 5.04
N GLN A 16 -3.58 -7.23 6.17
CA GLN A 16 -2.23 -7.78 6.23
C GLN A 16 -2.28 -9.30 6.26
N VAL A 17 -1.63 -9.93 5.28
CA VAL A 17 -1.60 -11.38 5.20
C VAL A 17 -0.34 -11.94 5.86
N SER A 18 0.81 -11.40 5.46
CA SER A 18 2.09 -11.85 6.00
C SER A 18 3.11 -10.71 5.96
N ALA A 19 4.16 -10.84 6.76
CA ALA A 19 5.22 -9.84 6.83
C ALA A 19 6.50 -10.42 7.40
N THR A 20 7.64 -9.92 6.91
CA THR A 20 8.93 -10.40 7.38
C THR A 20 9.65 -9.33 8.22
N MET A 21 10.89 -9.61 8.60
CA MET A 21 11.67 -8.68 9.39
C MET A 21 12.23 -7.56 8.52
N ARG A 22 12.24 -7.79 7.21
CA ARG A 22 12.75 -6.80 6.28
C ARG A 22 11.76 -6.57 5.14
N SER A 23 10.60 -7.23 5.22
CA SER A 23 9.58 -7.10 4.19
C SER A 23 8.20 -7.07 4.82
N ILE A 24 7.18 -6.80 3.99
CA ILE A 24 5.81 -6.74 4.47
C ILE A 24 4.83 -7.07 3.33
N THR A 25 4.00 -8.08 3.55
CA THR A 25 3.02 -8.49 2.56
C THR A 25 1.62 -7.99 2.93
N LEU A 26 0.88 -7.55 1.92
CA LEU A 26 -0.47 -7.04 2.14
C LEU A 26 -1.41 -7.50 1.02
N SER A 27 -2.71 -7.30 1.23
CA SER A 27 -3.70 -7.69 0.24
C SER A 27 -4.96 -6.85 0.38
N TRP A 28 -5.48 -6.37 -0.75
CA TRP A 28 -6.68 -5.55 -0.76
C TRP A 28 -7.72 -6.11 -1.72
N PRO A 29 -9.01 -5.91 -1.39
CA PRO A 29 -10.13 -6.39 -2.22
C PRO A 29 -10.23 -5.63 -3.54
N GLN A 30 -10.61 -6.34 -4.60
CA GLN A 30 -10.75 -5.73 -5.92
C GLN A 30 -12.01 -4.87 -5.98
N PRO A 31 -11.86 -3.65 -6.53
CA PRO A 31 -12.97 -2.70 -6.66
C PRO A 31 -14.00 -3.15 -7.71
N GLU A 32 -15.22 -2.65 -7.57
CA GLU A 32 -16.28 -3.00 -8.50
C GLU A 32 -16.67 -1.80 -9.36
N GLN A 33 -16.17 -0.63 -8.99
CA GLN A 33 -16.48 0.59 -9.73
C GLN A 33 -15.19 1.21 -10.29
N PRO A 34 -14.34 0.36 -10.88
CA PRO A 34 -13.08 0.81 -11.48
C PRO A 34 -13.28 1.65 -12.74
N ASN A 35 -14.54 1.86 -13.10
CA ASN A 35 -14.87 2.64 -14.29
C ASN A 35 -14.01 2.23 -15.47
N GLY A 36 -13.58 0.97 -15.48
CA GLY A 36 -12.76 0.47 -16.56
C GLY A 36 -11.77 -0.58 -16.10
N ILE A 37 -11.18 -1.30 -17.05
CA ILE A 37 -10.22 -2.35 -16.73
C ILE A 37 -9.07 -1.80 -15.89
N ILE A 38 -8.63 -2.59 -14.92
CA ILE A 38 -7.54 -2.18 -14.04
C ILE A 38 -6.22 -2.79 -14.50
N LEU A 39 -5.40 -1.98 -15.16
CA LEU A 39 -4.09 -2.44 -15.65
C LEU A 39 -3.29 -3.07 -14.52
N ASP A 40 -2.96 -2.27 -13.52
CA ASP A 40 -2.18 -2.76 -12.38
C ASP A 40 -2.41 -1.86 -11.16
N TYR A 41 -1.79 -2.23 -10.04
CA TYR A 41 -1.92 -1.48 -8.81
C TYR A 41 -0.56 -0.94 -8.35
N GLU A 42 -0.55 0.32 -7.92
CA GLU A 42 0.68 0.95 -7.44
C GLU A 42 0.73 0.97 -5.93
N ILE A 43 1.93 0.82 -5.38
CA ILE A 43 2.12 0.83 -3.93
C ILE A 43 3.25 1.77 -3.53
N ARG A 44 2.92 2.75 -2.69
CA ARG A 44 3.90 3.72 -2.23
C ARG A 44 4.15 3.58 -0.73
N TYR A 45 5.38 3.22 -0.38
CA TYR A 45 5.76 3.03 1.01
C TYR A 45 6.88 3.99 1.41
N TYR A 46 6.76 4.56 2.60
CA TYR A 46 7.76 5.51 3.10
C TYR A 46 7.81 5.48 4.63
N GLU A 47 9.03 5.50 5.17
CA GLU A 47 9.22 5.48 6.61
C GLU A 47 8.29 6.47 7.29
N LYS A 48 7.73 6.07 8.42
CA LYS A 48 6.82 6.92 9.18
C LYS A 48 7.48 8.25 9.53
N GLU A 49 8.80 8.22 9.68
CA GLU A 49 9.56 9.43 10.01
C GLU A 49 10.10 10.09 8.75
N HIS A 50 9.54 9.72 7.61
CA HIS A 50 9.97 10.27 6.32
C HIS A 50 8.80 10.90 5.59
N ASN A 51 9.07 11.40 4.38
CA ASN A 51 8.03 12.02 3.57
C ASN A 51 7.81 11.25 2.28
N GLU A 52 6.83 11.69 1.49
CA GLU A 52 6.51 11.04 0.22
C GLU A 52 7.63 11.24 -0.79
N PHE A 53 8.10 12.47 -0.91
CA PHE A 53 9.17 12.79 -1.85
C PHE A 53 10.25 11.71 -1.83
N ASN A 54 10.81 11.46 -0.66
CA ASN A 54 11.85 10.45 -0.51
C ASN A 54 11.25 9.08 -0.19
N SER A 55 10.53 8.51 -1.16
CA SER A 55 9.90 7.21 -0.98
C SER A 55 10.12 6.33 -2.20
N SER A 56 9.65 5.09 -2.12
CA SER A 56 9.79 4.14 -3.22
C SER A 56 8.44 3.56 -3.62
N MET A 57 8.18 3.54 -4.92
CA MET A 57 6.91 3.02 -5.43
C MET A 57 7.11 1.62 -6.02
N ALA A 58 6.08 0.79 -5.92
CA ALA A 58 6.14 -0.57 -6.44
C ALA A 58 4.80 -0.98 -7.06
N ARG A 59 4.86 -1.44 -8.31
CA ARG A 59 3.65 -1.86 -9.01
C ARG A 59 3.41 -3.36 -8.84
N SER A 60 2.18 -3.79 -9.09
CA SER A 60 1.82 -5.19 -8.96
C SER A 60 0.73 -5.58 -9.95
N GLN A 61 0.88 -6.74 -10.58
CA GLN A 61 -0.09 -7.21 -11.55
C GLN A 61 -1.25 -7.93 -10.87
N THR A 62 -1.43 -7.63 -9.58
CA THR A 62 -2.50 -8.25 -8.81
C THR A 62 -2.86 -7.41 -7.59
N ASN A 63 -3.90 -7.82 -6.86
CA ASN A 63 -4.34 -7.11 -5.67
C ASN A 63 -3.48 -7.47 -4.47
N THR A 64 -2.33 -8.11 -4.73
CA THR A 64 -1.42 -8.50 -3.67
C THR A 64 0.03 -8.19 -4.04
N ALA A 65 0.70 -7.45 -3.18
CA ALA A 65 2.10 -7.08 -3.42
C ALA A 65 2.88 -7.02 -2.11
N ARG A 66 4.07 -7.62 -2.11
CA ARG A 66 4.92 -7.62 -0.92
C ARG A 66 6.07 -6.64 -1.07
N ILE A 67 6.34 -5.90 0.00
CA ILE A 67 7.42 -4.91 -0.01
C ILE A 67 8.67 -5.46 0.68
N ASP A 68 9.80 -5.35 0.00
CA ASP A 68 11.07 -5.84 0.54
C ASP A 68 12.09 -4.71 0.64
N GLY A 69 12.96 -4.79 1.64
CA GLY A 69 13.97 -3.76 1.82
C GLY A 69 13.60 -2.76 2.91
N LEU A 70 13.10 -3.27 4.03
CA LEU A 70 12.69 -2.42 5.14
C LEU A 70 13.53 -2.72 6.39
N ARG A 71 13.20 -2.05 7.48
CA ARG A 71 13.92 -2.25 8.74
C ARG A 71 13.05 -2.99 9.75
N PRO A 72 13.70 -3.76 10.64
CA PRO A 72 13.00 -4.53 11.67
C PRO A 72 12.38 -3.65 12.75
N GLY A 73 11.20 -4.04 13.21
CA GLY A 73 10.52 -3.27 14.25
C GLY A 73 10.29 -1.83 13.83
N MET A 74 10.01 -1.63 12.54
CA MET A 74 9.77 -0.29 12.02
C MET A 74 8.42 -0.22 11.31
N VAL A 75 7.79 0.95 11.36
CA VAL A 75 6.49 1.14 10.73
C VAL A 75 6.64 1.83 9.38
N TYR A 76 5.85 1.38 8.40
CA TYR A 76 5.90 1.95 7.06
C TYR A 76 4.50 2.22 6.53
N VAL A 77 4.22 3.47 6.20
CA VAL A 77 2.91 3.87 5.68
C VAL A 77 2.77 3.47 4.21
N VAL A 78 2.15 2.31 3.98
CA VAL A 78 1.95 1.82 2.62
C VAL A 78 0.54 2.12 2.13
N GLN A 79 0.40 2.37 0.84
CA GLN A 79 -0.89 2.67 0.25
C GLN A 79 -1.04 2.02 -1.12
N VAL A 80 -2.27 1.97 -1.62
CA VAL A 80 -2.54 1.37 -2.93
C VAL A 80 -3.60 2.16 -3.68
N ARG A 81 -3.50 2.17 -5.00
CA ARG A 81 -4.46 2.88 -5.84
C ARG A 81 -4.81 2.08 -7.09
N ALA A 82 -5.87 2.47 -7.77
CA ALA A 82 -6.30 1.78 -8.98
C ALA A 82 -6.09 2.65 -10.21
N ARG A 83 -5.22 2.21 -11.11
CA ARG A 83 -4.92 2.95 -12.32
C ARG A 83 -5.65 2.34 -13.52
N THR A 84 -6.26 3.20 -14.34
CA THR A 84 -6.98 2.75 -15.52
C THR A 84 -6.57 3.53 -16.76
N VAL A 85 -7.10 3.13 -17.91
CA VAL A 85 -6.78 3.79 -19.17
C VAL A 85 -7.13 5.27 -19.11
N ALA A 86 -7.89 5.65 -18.09
CA ALA A 86 -8.31 7.04 -17.93
C ALA A 86 -7.29 7.83 -17.10
N GLY A 87 -6.83 7.22 -16.00
CA GLY A 87 -5.86 7.87 -15.15
C GLY A 87 -5.60 7.10 -13.87
N TYR A 88 -5.16 7.80 -12.83
CA TYR A 88 -4.86 7.17 -11.55
C TYR A 88 -5.95 7.50 -10.53
N GLY A 89 -6.42 6.46 -9.84
CA GLY A 89 -7.45 6.66 -8.84
C GLY A 89 -6.88 7.08 -7.49
N LYS A 90 -7.77 7.46 -6.58
CA LYS A 90 -7.35 7.89 -5.24
C LYS A 90 -6.76 6.71 -4.46
N PHE A 91 -5.93 7.04 -3.47
CA PHE A 91 -5.31 6.01 -2.64
C PHE A 91 -6.28 5.46 -1.61
N SER A 92 -6.06 4.22 -1.20
CA SER A 92 -6.92 3.58 -0.21
C SER A 92 -6.64 4.12 1.19
N GLY A 93 -7.58 3.87 2.11
CA GLY A 93 -7.41 4.35 3.47
C GLY A 93 -6.01 4.12 4.01
N LYS A 94 -5.32 5.21 4.31
CA LYS A 94 -3.95 5.12 4.83
C LYS A 94 -3.85 4.06 5.92
N MET A 95 -2.76 3.29 5.90
CA MET A 95 -2.54 2.24 6.88
C MET A 95 -1.08 2.15 7.27
N CYS A 96 -0.81 1.66 8.47
CA CYS A 96 0.56 1.52 8.96
C CYS A 96 0.86 0.07 9.31
N PHE A 97 1.89 -0.48 8.66
CA PHE A 97 2.29 -1.86 8.91
C PHE A 97 3.74 -1.94 9.39
N GLN A 98 3.94 -2.59 10.53
CA GLN A 98 5.28 -2.73 11.10
C GLN A 98 5.84 -4.13 10.82
N THR A 99 7.17 -4.21 10.74
CA THR A 99 7.84 -5.48 10.48
C THR A 99 8.04 -6.27 11.76
N LEU A 100 8.50 -7.51 11.62
CA LEU A 100 8.74 -8.38 12.77
C LEU A 100 9.86 -7.83 13.64
N THR A 101 9.61 -7.73 14.95
CA THR A 101 10.60 -7.23 15.88
C THR A 101 11.37 -8.38 16.53
N ASP A 102 12.66 -8.46 16.21
CA ASP A 102 13.51 -9.51 16.76
C ASP A 102 13.98 -9.14 18.18
N SER A 103 14.38 -7.88 18.34
CA SER A 103 14.85 -7.39 19.64
C SER A 103 13.94 -7.88 20.77
N GLY A 104 12.64 -7.62 20.63
CA GLY A 104 11.68 -8.02 21.64
C GLY A 104 11.39 -9.52 21.59
N PRO A 105 11.19 -10.11 22.77
CA PRO A 105 10.90 -11.55 22.89
C PRO A 105 9.51 -11.91 22.35
N SER A 106 9.27 -13.20 22.17
CA SER A 106 7.99 -13.67 21.66
C SER A 106 7.23 -14.44 22.74
N SER A 107 5.91 -14.41 22.66
CA SER A 107 5.06 -15.11 23.62
C SER A 107 4.34 -16.29 22.96
N GLY A 108 4.08 -17.33 23.75
CA GLY A 108 3.39 -18.49 23.23
C GLY A 108 3.18 -19.56 24.28
N GLY A 1 -17.36 17.89 -0.81
CA GLY A 1 -17.72 17.13 -1.99
C GLY A 1 -16.98 15.81 -2.08
N SER A 2 -17.53 14.79 -1.44
CA SER A 2 -16.92 13.46 -1.44
C SER A 2 -17.14 12.77 -2.79
N SER A 3 -18.40 12.70 -3.21
CA SER A 3 -18.75 12.06 -4.46
C SER A 3 -18.62 13.03 -5.63
N GLY A 4 -17.63 12.80 -6.49
CA GLY A 4 -17.43 13.66 -7.64
C GLY A 4 -15.96 13.92 -7.90
N SER A 5 -15.31 13.02 -8.64
CA SER A 5 -13.90 13.15 -8.95
C SER A 5 -13.52 12.26 -10.12
N SER A 6 -12.68 12.79 -11.02
CA SER A 6 -12.25 12.04 -12.19
C SER A 6 -11.18 11.02 -11.82
N GLY A 7 -11.47 9.75 -12.09
CA GLY A 7 -10.54 8.69 -11.77
C GLY A 7 -11.23 7.41 -11.37
N PRO A 8 -10.47 6.30 -11.37
CA PRO A 8 -11.00 4.98 -11.01
C PRO A 8 -11.32 4.87 -9.52
N SER A 9 -12.09 3.85 -9.16
CA SER A 9 -12.47 3.64 -7.76
C SER A 9 -11.25 3.33 -6.91
N THR A 10 -11.48 3.10 -5.61
CA THR A 10 -10.40 2.80 -4.68
C THR A 10 -10.86 1.84 -3.60
N VAL A 11 -9.92 1.07 -3.07
CA VAL A 11 -10.24 0.11 -2.01
C VAL A 11 -10.64 0.81 -0.73
N PRO A 12 -11.68 0.29 -0.06
CA PRO A 12 -12.18 0.85 1.20
C PRO A 12 -11.21 0.64 2.36
N ILE A 13 -10.69 -0.57 2.47
CA ILE A 13 -9.75 -0.90 3.54
C ILE A 13 -8.70 -1.89 3.06
N MET A 14 -7.59 -1.97 3.78
CA MET A 14 -6.51 -2.88 3.43
C MET A 14 -6.35 -3.97 4.48
N HIS A 15 -5.83 -5.12 4.06
CA HIS A 15 -5.63 -6.25 4.96
C HIS A 15 -4.24 -6.84 4.79
N GLN A 16 -3.70 -7.39 5.88
CA GLN A 16 -2.37 -7.99 5.85
C GLN A 16 -2.46 -9.51 5.94
N VAL A 17 -1.61 -10.20 5.17
CA VAL A 17 -1.60 -11.65 5.16
C VAL A 17 -0.34 -12.19 5.83
N SER A 18 0.79 -11.56 5.54
CA SER A 18 2.07 -11.98 6.12
C SER A 18 3.07 -10.83 6.13
N ALA A 19 4.29 -11.11 6.56
CA ALA A 19 5.33 -10.09 6.62
C ALA A 19 6.66 -10.71 7.05
N THR A 20 7.75 -9.96 6.82
CA THR A 20 9.08 -10.43 7.17
C THR A 20 9.83 -9.38 7.98
N MET A 21 11.09 -9.67 8.29
CA MET A 21 11.92 -8.74 9.06
C MET A 21 12.36 -7.56 8.20
N ARG A 22 12.52 -7.80 6.90
CA ARG A 22 12.94 -6.76 5.98
C ARG A 22 11.90 -6.57 4.87
N SER A 23 10.69 -7.06 5.10
CA SER A 23 9.62 -6.94 4.12
C SER A 23 8.26 -7.06 4.80
N ILE A 24 7.19 -6.82 4.03
CA ILE A 24 5.84 -6.88 4.55
C ILE A 24 4.85 -7.27 3.46
N THR A 25 4.01 -8.25 3.75
CA THR A 25 3.01 -8.72 2.79
C THR A 25 1.64 -8.14 3.10
N LEU A 26 1.00 -7.56 2.10
CA LEU A 26 -0.32 -6.96 2.26
C LEU A 26 -1.27 -7.43 1.16
N SER A 27 -2.52 -6.98 1.24
CA SER A 27 -3.52 -7.35 0.25
C SER A 27 -4.76 -6.46 0.37
N TRP A 28 -5.50 -6.34 -0.73
CA TRP A 28 -6.70 -5.51 -0.75
C TRP A 28 -7.73 -6.08 -1.72
N PRO A 29 -9.02 -5.93 -1.38
CA PRO A 29 -10.12 -6.41 -2.21
C PRO A 29 -10.27 -5.62 -3.50
N GLN A 30 -10.73 -6.29 -4.55
CA GLN A 30 -10.92 -5.65 -5.85
C GLN A 30 -12.15 -4.75 -5.85
N PRO A 31 -11.99 -3.54 -6.40
CA PRO A 31 -13.09 -2.57 -6.47
C PRO A 31 -14.18 -2.99 -7.45
N GLU A 32 -15.32 -2.30 -7.40
CA GLU A 32 -16.44 -2.60 -8.28
C GLU A 32 -16.66 -1.48 -9.28
N GLN A 33 -16.10 -0.30 -8.98
CA GLN A 33 -16.24 0.85 -9.86
C GLN A 33 -14.87 1.34 -10.33
N PRO A 34 -14.08 0.43 -10.91
CA PRO A 34 -12.75 0.74 -11.41
C PRO A 34 -12.78 1.63 -12.65
N ASN A 35 -13.99 1.98 -13.09
CA ASN A 35 -14.17 2.82 -14.26
C ASN A 35 -13.23 2.39 -15.39
N GLY A 36 -12.97 1.09 -15.48
CA GLY A 36 -12.10 0.57 -16.51
C GLY A 36 -11.19 -0.53 -16.00
N ILE A 37 -10.84 -1.46 -16.88
CA ILE A 37 -9.97 -2.57 -16.51
C ILE A 37 -8.70 -2.07 -15.85
N ILE A 38 -8.60 -2.29 -14.54
CA ILE A 38 -7.43 -1.87 -13.79
C ILE A 38 -6.17 -2.60 -14.26
N LEU A 39 -5.37 -1.93 -15.08
CA LEU A 39 -4.14 -2.52 -15.60
C LEU A 39 -3.29 -3.08 -14.47
N ASP A 40 -2.91 -2.22 -13.53
CA ASP A 40 -2.10 -2.64 -12.40
C ASP A 40 -2.38 -1.76 -11.17
N TYR A 41 -1.87 -2.17 -10.02
CA TYR A 41 -2.06 -1.42 -8.79
C TYR A 41 -0.72 -0.91 -8.24
N GLU A 42 -0.64 0.40 -8.05
CA GLU A 42 0.58 1.01 -7.54
C GLU A 42 0.58 1.03 -6.01
N ILE A 43 1.74 0.78 -5.42
CA ILE A 43 1.87 0.77 -3.97
C ILE A 43 2.99 1.68 -3.51
N ARG A 44 2.64 2.72 -2.75
CA ARG A 44 3.62 3.67 -2.24
C ARG A 44 3.83 3.49 -0.75
N TYR A 45 5.09 3.38 -0.34
CA TYR A 45 5.43 3.21 1.07
C TYR A 45 6.64 4.05 1.45
N TYR A 46 6.54 4.74 2.58
CA TYR A 46 7.62 5.59 3.06
C TYR A 46 7.80 5.45 4.57
N GLU A 47 8.90 6.00 5.09
CA GLU A 47 9.19 5.94 6.52
C GLU A 47 8.21 6.80 7.30
N LYS A 48 7.70 6.25 8.40
CA LYS A 48 6.76 6.97 9.25
C LYS A 48 7.25 8.38 9.53
N GLU A 49 8.56 8.57 9.46
CA GLU A 49 9.16 9.88 9.71
C GLU A 49 9.27 10.69 8.42
N HIS A 50 9.39 9.98 7.30
CA HIS A 50 9.50 10.63 6.00
C HIS A 50 8.13 10.76 5.34
N ASN A 51 8.08 11.52 4.24
CA ASN A 51 6.83 11.73 3.53
C ASN A 51 6.90 11.10 2.14
N GLU A 52 5.80 11.22 1.39
CA GLU A 52 5.74 10.67 0.03
C GLU A 52 6.92 11.13 -0.80
N PHE A 53 7.36 12.37 -0.57
CA PHE A 53 8.48 12.94 -1.31
C PHE A 53 9.53 11.87 -1.60
N ASN A 54 10.13 11.33 -0.54
CA ASN A 54 11.15 10.30 -0.69
C ASN A 54 10.58 8.92 -0.34
N SER A 55 9.59 8.49 -1.09
CA SER A 55 8.95 7.19 -0.86
C SER A 55 9.34 6.20 -1.96
N SER A 56 8.86 4.97 -1.82
CA SER A 56 9.14 3.93 -2.80
C SER A 56 7.85 3.36 -3.39
N MET A 57 7.76 3.36 -4.71
CA MET A 57 6.57 2.85 -5.39
C MET A 57 6.87 1.49 -6.03
N ALA A 58 5.86 0.61 -6.02
CA ALA A 58 6.00 -0.71 -6.59
C ALA A 58 4.77 -1.10 -7.40
N ARG A 59 4.99 -1.60 -8.62
CA ARG A 59 3.91 -2.00 -9.50
C ARG A 59 3.52 -3.45 -9.25
N SER A 60 2.21 -3.71 -9.18
CA SER A 60 1.71 -5.05 -8.95
C SER A 60 0.66 -5.43 -9.98
N GLN A 61 0.82 -6.61 -10.58
CA GLN A 61 -0.11 -7.09 -11.59
C GLN A 61 -1.31 -7.78 -10.94
N THR A 62 -1.50 -7.54 -9.65
CA THR A 62 -2.60 -8.14 -8.91
C THR A 62 -2.95 -7.32 -7.67
N ASN A 63 -3.99 -7.74 -6.96
CA ASN A 63 -4.42 -7.05 -5.76
C ASN A 63 -3.60 -7.48 -4.55
N THR A 64 -2.44 -8.07 -4.81
CA THR A 64 -1.56 -8.54 -3.75
C THR A 64 -0.10 -8.25 -4.07
N ALA A 65 0.60 -7.62 -3.13
CA ALA A 65 2.00 -7.28 -3.31
C ALA A 65 2.73 -7.20 -1.96
N ARG A 66 4.02 -7.51 -1.98
CA ARG A 66 4.82 -7.49 -0.76
C ARG A 66 5.98 -6.50 -0.91
N ILE A 67 6.13 -5.64 0.10
CA ILE A 67 7.20 -4.64 0.09
C ILE A 67 8.49 -5.22 0.68
N ASP A 68 9.55 -5.19 -0.12
CA ASP A 68 10.85 -5.71 0.32
C ASP A 68 11.88 -4.59 0.40
N GLY A 69 12.79 -4.69 1.37
CA GLY A 69 13.81 -3.68 1.53
C GLY A 69 13.49 -2.69 2.64
N LEU A 70 13.04 -3.22 3.78
CA LEU A 70 12.69 -2.38 4.92
C LEU A 70 13.56 -2.72 6.13
N ARG A 71 13.46 -1.90 7.18
CA ARG A 71 14.24 -2.12 8.39
C ARG A 71 13.43 -2.93 9.41
N PRO A 72 14.14 -3.63 10.30
CA PRO A 72 13.52 -4.46 11.33
C PRO A 72 12.83 -3.62 12.41
N GLY A 73 11.63 -4.04 12.80
CA GLY A 73 10.89 -3.31 13.81
C GLY A 73 10.69 -1.85 13.45
N MET A 74 10.25 -1.60 12.23
CA MET A 74 10.02 -0.24 11.76
C MET A 74 8.64 -0.11 11.12
N VAL A 75 8.00 1.04 11.32
CA VAL A 75 6.68 1.30 10.77
C VAL A 75 6.77 2.00 9.43
N TYR A 76 6.00 1.51 8.46
CA TYR A 76 6.00 2.10 7.12
C TYR A 76 4.57 2.35 6.64
N VAL A 77 4.33 3.56 6.13
CA VAL A 77 3.00 3.91 5.64
C VAL A 77 2.82 3.48 4.19
N VAL A 78 2.23 2.31 4.01
CA VAL A 78 1.99 1.77 2.66
C VAL A 78 0.58 2.12 2.18
N GLN A 79 0.48 2.48 0.91
CA GLN A 79 -0.81 2.84 0.32
C GLN A 79 -0.95 2.25 -1.08
N VAL A 80 -2.16 1.81 -1.42
CA VAL A 80 -2.43 1.23 -2.74
C VAL A 80 -3.55 1.97 -3.45
N ARG A 81 -3.40 2.16 -4.74
CA ARG A 81 -4.41 2.84 -5.55
C ARG A 81 -4.74 2.06 -6.81
N ALA A 82 -5.84 2.42 -7.47
CA ALA A 82 -6.25 1.75 -8.69
C ALA A 82 -5.99 2.62 -9.91
N ARG A 83 -5.33 2.04 -10.91
CA ARG A 83 -5.00 2.76 -12.14
C ARG A 83 -5.70 2.12 -13.34
N THR A 84 -6.01 2.95 -14.33
CA THR A 84 -6.69 2.47 -15.53
C THR A 84 -6.24 3.26 -16.76
N VAL A 85 -6.77 2.90 -17.92
CA VAL A 85 -6.43 3.57 -19.17
C VAL A 85 -6.73 5.06 -19.09
N ALA A 86 -7.45 5.46 -18.04
CA ALA A 86 -7.80 6.86 -17.85
C ALA A 86 -6.71 7.60 -17.09
N GLY A 87 -6.26 7.01 -15.98
CA GLY A 87 -5.22 7.63 -15.18
C GLY A 87 -5.07 6.98 -13.82
N TYR A 88 -4.51 7.72 -12.87
CA TYR A 88 -4.30 7.21 -11.52
C TYR A 88 -5.51 7.50 -10.64
N GLY A 89 -5.78 6.62 -9.70
CA GLY A 89 -6.90 6.79 -8.80
C GLY A 89 -6.48 7.18 -7.40
N LYS A 90 -7.45 7.54 -6.57
CA LYS A 90 -7.17 7.94 -5.19
C LYS A 90 -6.58 6.78 -4.40
N PHE A 91 -5.82 7.11 -3.35
CA PHE A 91 -5.20 6.10 -2.51
C PHE A 91 -6.19 5.57 -1.47
N SER A 92 -6.05 4.30 -1.12
CA SER A 92 -6.94 3.67 -0.14
C SER A 92 -6.62 4.18 1.26
N GLY A 93 -7.54 3.95 2.20
CA GLY A 93 -7.35 4.38 3.56
C GLY A 93 -5.94 4.17 4.04
N LYS A 94 -5.19 5.26 4.19
CA LYS A 94 -3.81 5.19 4.66
C LYS A 94 -3.66 4.16 5.78
N MET A 95 -2.69 3.27 5.64
CA MET A 95 -2.44 2.23 6.64
C MET A 95 -0.97 2.21 7.03
N CYS A 96 -0.68 1.63 8.20
CA CYS A 96 0.68 1.53 8.68
C CYS A 96 1.00 0.11 9.15
N PHE A 97 1.97 -0.53 8.49
CA PHE A 97 2.35 -1.89 8.84
C PHE A 97 3.81 -1.93 9.30
N GLN A 98 4.04 -2.53 10.46
CA GLN A 98 5.39 -2.64 11.01
C GLN A 98 5.96 -4.03 10.78
N THR A 99 7.26 -4.09 10.54
CA THR A 99 7.94 -5.36 10.29
C THR A 99 8.10 -6.16 11.58
N LEU A 100 8.77 -7.30 11.48
CA LEU A 100 8.99 -8.15 12.64
C LEU A 100 10.16 -7.64 13.48
N THR A 101 9.99 -7.66 14.80
CA THR A 101 11.03 -7.20 15.71
C THR A 101 11.78 -8.37 16.33
N ASP A 102 13.00 -8.60 15.87
CA ASP A 102 13.83 -9.69 16.38
C ASP A 102 13.87 -9.67 17.91
N SER A 103 14.54 -8.66 18.46
CA SER A 103 14.67 -8.54 19.91
C SER A 103 14.17 -7.17 20.37
N GLY A 104 13.16 -7.19 21.23
CA GLY A 104 12.61 -5.94 21.75
C GLY A 104 12.63 -5.88 23.26
N PRO A 105 11.67 -6.58 23.90
CA PRO A 105 11.55 -6.61 25.35
C PRO A 105 12.69 -7.38 26.00
N SER A 106 13.65 -6.65 26.59
CA SER A 106 14.79 -7.28 27.25
C SER A 106 14.33 -8.26 28.31
N SER A 107 13.37 -7.85 29.12
CA SER A 107 12.83 -8.70 30.17
C SER A 107 12.25 -9.99 29.61
N GLY A 108 11.82 -10.88 30.49
CA GLY A 108 11.24 -12.14 30.06
C GLY A 108 12.29 -13.20 29.83
N GLY A 1 -14.23 21.91 -3.81
CA GLY A 1 -14.88 20.61 -3.78
C GLY A 1 -14.55 19.77 -5.00
N SER A 2 -15.17 18.59 -5.09
CA SER A 2 -14.94 17.69 -6.21
C SER A 2 -16.23 17.44 -6.98
N SER A 3 -16.30 17.96 -8.20
CA SER A 3 -17.48 17.79 -9.03
C SER A 3 -17.57 16.37 -9.58
N GLY A 4 -18.25 15.50 -8.84
CA GLY A 4 -18.39 14.12 -9.26
C GLY A 4 -17.12 13.32 -9.08
N SER A 5 -17.26 12.02 -8.85
CA SER A 5 -16.11 11.15 -8.66
C SER A 5 -14.99 11.49 -9.64
N SER A 6 -13.76 11.16 -9.27
CA SER A 6 -12.61 11.43 -10.12
C SER A 6 -11.73 10.19 -10.25
N GLY A 7 -11.46 9.80 -11.49
CA GLY A 7 -10.63 8.62 -11.74
C GLY A 7 -11.34 7.34 -11.37
N PRO A 8 -10.60 6.21 -11.45
CA PRO A 8 -11.14 4.89 -11.13
C PRO A 8 -11.41 4.73 -9.64
N SER A 9 -12.32 3.82 -9.30
CA SER A 9 -12.68 3.57 -7.91
C SER A 9 -11.43 3.31 -7.08
N THR A 10 -11.62 3.15 -5.76
CA THR A 10 -10.52 2.91 -4.86
C THR A 10 -10.91 1.95 -3.74
N VAL A 11 -9.96 1.15 -3.28
CA VAL A 11 -10.22 0.20 -2.21
C VAL A 11 -10.59 0.90 -0.91
N PRO A 12 -11.61 0.37 -0.21
CA PRO A 12 -12.07 0.94 1.06
C PRO A 12 -11.06 0.74 2.19
N ILE A 13 -10.58 -0.49 2.32
CA ILE A 13 -9.61 -0.82 3.36
C ILE A 13 -8.58 -1.83 2.87
N MET A 14 -7.49 -1.98 3.61
CA MET A 14 -6.45 -2.92 3.25
C MET A 14 -6.29 -4.00 4.31
N HIS A 15 -6.00 -5.23 3.88
CA HIS A 15 -5.82 -6.34 4.80
C HIS A 15 -4.44 -6.96 4.64
N GLN A 16 -3.77 -7.20 5.78
CA GLN A 16 -2.44 -7.79 5.76
C GLN A 16 -2.51 -9.31 5.90
N VAL A 17 -1.70 -10.01 5.11
CA VAL A 17 -1.66 -11.46 5.14
C VAL A 17 -0.48 -11.97 5.96
N SER A 18 0.68 -11.34 5.76
CA SER A 18 1.89 -11.73 6.48
C SER A 18 2.95 -10.65 6.38
N ALA A 19 4.12 -10.91 6.95
CA ALA A 19 5.22 -9.96 6.92
C ALA A 19 6.50 -10.58 7.46
N THR A 20 7.64 -10.01 7.08
CA THR A 20 8.94 -10.51 7.52
C THR A 20 9.69 -9.46 8.32
N MET A 21 10.93 -9.76 8.69
CA MET A 21 11.76 -8.85 9.46
C MET A 21 12.40 -7.80 8.54
N ARG A 22 12.46 -8.10 7.25
CA ARG A 22 13.05 -7.19 6.27
C ARG A 22 12.07 -6.92 5.13
N SER A 23 10.81 -7.31 5.33
CA SER A 23 9.78 -7.11 4.32
C SER A 23 8.39 -7.19 4.93
N ILE A 24 7.37 -7.01 4.11
CA ILE A 24 5.99 -7.06 4.56
C ILE A 24 5.05 -7.49 3.45
N THR A 25 3.97 -8.18 3.82
CA THR A 25 2.99 -8.66 2.85
C THR A 25 1.61 -8.09 3.15
N LEU A 26 0.96 -7.55 2.12
CA LEU A 26 -0.37 -6.97 2.27
C LEU A 26 -1.32 -7.50 1.19
N SER A 27 -2.59 -7.11 1.28
CA SER A 27 -3.58 -7.54 0.31
C SER A 27 -4.83 -6.65 0.38
N TRP A 28 -5.36 -6.28 -0.77
CA TRP A 28 -6.55 -5.44 -0.84
C TRP A 28 -7.57 -6.02 -1.81
N PRO A 29 -8.86 -5.88 -1.46
CA PRO A 29 -9.97 -6.39 -2.28
C PRO A 29 -10.13 -5.60 -3.58
N GLN A 30 -10.53 -6.29 -4.64
CA GLN A 30 -10.72 -5.66 -5.93
C GLN A 30 -11.99 -4.83 -5.96
N PRO A 31 -11.90 -3.60 -6.49
CA PRO A 31 -13.04 -2.68 -6.58
C PRO A 31 -14.08 -3.15 -7.59
N GLU A 32 -15.20 -2.44 -7.66
CA GLU A 32 -16.27 -2.78 -8.58
C GLU A 32 -16.63 -1.59 -9.47
N GLN A 33 -16.12 -0.41 -9.11
CA GLN A 33 -16.38 0.79 -9.88
C GLN A 33 -15.10 1.38 -10.43
N PRO A 34 -14.27 0.52 -11.04
CA PRO A 34 -12.99 0.93 -11.64
C PRO A 34 -13.18 1.80 -12.87
N ASN A 35 -14.42 1.91 -13.34
CA ASN A 35 -14.73 2.71 -14.51
C ASN A 35 -13.93 2.24 -15.72
N GLY A 36 -13.75 0.92 -15.84
CA GLY A 36 -13.00 0.37 -16.94
C GLY A 36 -12.16 -0.82 -16.53
N ILE A 37 -11.01 -0.98 -17.16
CA ILE A 37 -10.11 -2.08 -16.86
C ILE A 37 -8.93 -1.63 -16.01
N ILE A 38 -8.65 -2.38 -14.96
CA ILE A 38 -7.54 -2.05 -14.06
C ILE A 38 -6.24 -2.68 -14.54
N LEU A 39 -5.39 -1.88 -15.16
CA LEU A 39 -4.10 -2.36 -15.66
C LEU A 39 -3.28 -2.97 -14.54
N ASP A 40 -2.97 -2.15 -13.53
CA ASP A 40 -2.18 -2.61 -12.39
C ASP A 40 -2.42 -1.73 -11.17
N TYR A 41 -1.80 -2.08 -10.06
CA TYR A 41 -1.94 -1.32 -8.82
C TYR A 41 -0.59 -0.85 -8.30
N GLU A 42 -0.43 0.46 -8.16
CA GLU A 42 0.81 1.03 -7.67
C GLU A 42 0.75 1.23 -6.16
N ILE A 43 1.80 0.79 -5.47
CA ILE A 43 1.88 0.92 -4.02
C ILE A 43 3.07 1.77 -3.61
N ARG A 44 2.82 2.77 -2.76
CA ARG A 44 3.87 3.65 -2.28
C ARG A 44 4.09 3.48 -0.79
N TYR A 45 5.34 3.23 -0.41
CA TYR A 45 5.68 3.04 1.00
C TYR A 45 6.84 3.96 1.41
N TYR A 46 6.64 4.70 2.50
CA TYR A 46 7.66 5.61 3.00
C TYR A 46 7.81 5.50 4.51
N GLU A 47 9.01 5.78 5.00
CA GLU A 47 9.28 5.71 6.43
C GLU A 47 8.40 6.68 7.21
N LYS A 48 7.81 6.21 8.29
CA LYS A 48 6.95 7.04 9.12
C LYS A 48 7.53 8.43 9.29
N GLU A 49 8.86 8.52 9.35
CA GLU A 49 9.54 9.79 9.50
C GLU A 49 9.67 10.52 8.16
N HIS A 50 9.81 9.74 7.10
CA HIS A 50 9.95 10.29 5.75
C HIS A 50 8.59 10.69 5.18
N ASN A 51 8.60 11.31 4.01
CA ASN A 51 7.37 11.74 3.36
C ASN A 51 7.24 11.13 1.97
N GLU A 52 6.20 11.52 1.24
CA GLU A 52 5.98 11.02 -0.10
C GLU A 52 7.20 11.27 -0.99
N PHE A 53 7.84 12.40 -0.79
CA PHE A 53 9.02 12.77 -1.58
C PHE A 53 10.03 11.61 -1.60
N ASN A 54 10.57 11.28 -0.43
CA ASN A 54 11.54 10.20 -0.33
C ASN A 54 10.85 8.87 -0.09
N SER A 55 10.11 8.39 -1.08
CA SER A 55 9.38 7.13 -0.98
C SER A 55 9.69 6.24 -2.17
N SER A 56 9.15 5.02 -2.14
CA SER A 56 9.37 4.06 -3.21
C SER A 56 8.04 3.44 -3.67
N MET A 57 7.79 3.50 -4.98
CA MET A 57 6.57 2.94 -5.54
C MET A 57 6.83 1.60 -6.19
N ALA A 58 5.87 0.68 -6.08
CA ALA A 58 6.00 -0.65 -6.66
C ALA A 58 4.74 -1.03 -7.43
N ARG A 59 4.93 -1.51 -8.66
CA ARG A 59 3.81 -1.92 -9.50
C ARG A 59 3.44 -3.38 -9.25
N SER A 60 2.14 -3.66 -9.25
CA SER A 60 1.67 -5.03 -9.03
C SER A 60 0.55 -5.38 -10.01
N GLN A 61 0.71 -6.52 -10.68
CA GLN A 61 -0.28 -6.97 -11.66
C GLN A 61 -1.46 -7.63 -10.96
N THR A 62 -1.36 -7.78 -9.64
CA THR A 62 -2.42 -8.40 -8.86
C THR A 62 -2.81 -7.52 -7.66
N ASN A 63 -3.84 -7.94 -6.94
CA ASN A 63 -4.30 -7.20 -5.77
C ASN A 63 -3.48 -7.56 -4.53
N THR A 64 -2.27 -8.07 -4.76
CA THR A 64 -1.40 -8.46 -3.66
C THR A 64 0.07 -8.19 -4.00
N ALA A 65 0.75 -7.45 -3.13
CA ALA A 65 2.15 -7.13 -3.35
C ALA A 65 2.93 -7.13 -2.03
N ARG A 66 4.21 -7.50 -2.09
CA ARG A 66 5.04 -7.54 -0.91
C ARG A 66 6.16 -6.51 -1.00
N ILE A 67 6.35 -5.74 0.07
CA ILE A 67 7.39 -4.73 0.10
C ILE A 67 8.67 -5.26 0.73
N ASP A 68 9.77 -5.17 -0.01
CA ASP A 68 11.06 -5.66 0.47
C ASP A 68 12.06 -4.51 0.57
N GLY A 69 12.97 -4.60 1.53
CA GLY A 69 13.96 -3.57 1.72
C GLY A 69 13.69 -2.69 2.92
N LEU A 70 13.21 -3.31 4.00
CA LEU A 70 12.91 -2.57 5.22
C LEU A 70 13.71 -3.09 6.39
N ARG A 71 13.69 -2.35 7.50
CA ARG A 71 14.43 -2.75 8.70
C ARG A 71 13.48 -3.33 9.75
N PRO A 72 14.02 -4.20 10.62
CA PRO A 72 13.25 -4.84 11.68
C PRO A 72 12.83 -3.86 12.77
N GLY A 73 11.55 -3.89 13.13
CA GLY A 73 11.05 -3.00 14.16
C GLY A 73 10.87 -1.58 13.65
N MET A 74 10.17 -1.43 12.53
CA MET A 74 9.93 -0.11 11.95
C MET A 74 8.56 -0.05 11.29
N VAL A 75 7.92 1.11 11.36
CA VAL A 75 6.60 1.29 10.77
C VAL A 75 6.70 1.99 9.41
N TYR A 76 5.93 1.51 8.45
CA TYR A 76 5.93 2.07 7.11
C TYR A 76 4.51 2.28 6.60
N VAL A 77 4.22 3.48 6.10
CA VAL A 77 2.90 3.81 5.58
C VAL A 77 2.76 3.36 4.13
N VAL A 78 2.11 2.23 3.93
CA VAL A 78 1.90 1.69 2.59
C VAL A 78 0.49 2.01 2.08
N GLN A 79 0.40 2.50 0.85
CA GLN A 79 -0.88 2.85 0.26
C GLN A 79 -1.00 2.26 -1.14
N VAL A 80 -2.21 1.84 -1.51
CA VAL A 80 -2.46 1.26 -2.82
C VAL A 80 -3.55 2.03 -3.57
N ARG A 81 -3.40 2.13 -4.88
CA ARG A 81 -4.37 2.83 -5.71
C ARG A 81 -4.66 2.05 -6.99
N ALA A 82 -5.76 2.42 -7.65
CA ALA A 82 -6.15 1.75 -8.88
C ALA A 82 -5.96 2.67 -10.08
N ARG A 83 -5.31 2.16 -11.12
CA ARG A 83 -5.06 2.94 -12.33
C ARG A 83 -5.75 2.31 -13.53
N THR A 84 -6.30 3.15 -14.40
CA THR A 84 -6.99 2.68 -15.59
C THR A 84 -6.59 3.48 -16.82
N VAL A 85 -6.98 3.01 -18.00
CA VAL A 85 -6.67 3.69 -19.25
C VAL A 85 -7.14 5.14 -19.22
N ALA A 86 -8.00 5.45 -18.26
CA ALA A 86 -8.52 6.81 -18.12
C ALA A 86 -7.58 7.69 -17.31
N GLY A 87 -7.02 7.12 -16.25
CA GLY A 87 -6.10 7.86 -15.40
C GLY A 87 -5.75 7.12 -14.12
N TYR A 88 -5.35 7.86 -13.11
CA TYR A 88 -4.98 7.25 -11.83
C TYR A 88 -6.09 7.44 -10.80
N GLY A 89 -6.14 6.52 -9.83
CA GLY A 89 -7.16 6.59 -8.80
C GLY A 89 -6.60 7.06 -7.46
N LYS A 90 -7.49 7.40 -6.54
CA LYS A 90 -7.08 7.86 -5.22
C LYS A 90 -6.36 6.77 -4.46
N PHE A 91 -5.71 7.13 -3.35
CA PHE A 91 -4.98 6.17 -2.54
C PHE A 91 -5.87 5.64 -1.41
N SER A 92 -5.89 4.32 -1.28
CA SER A 92 -6.70 3.68 -0.24
C SER A 92 -6.35 4.23 1.14
N GLY A 93 -7.22 3.95 2.12
CA GLY A 93 -6.99 4.43 3.47
C GLY A 93 -5.53 4.34 3.88
N LYS A 94 -5.17 5.05 4.94
CA LYS A 94 -3.81 5.05 5.44
C LYS A 94 -3.62 3.96 6.49
N MET A 95 -2.77 2.99 6.20
CA MET A 95 -2.50 1.89 7.13
C MET A 95 -1.03 1.87 7.52
N CYS A 96 -0.75 1.41 8.74
CA CYS A 96 0.62 1.34 9.24
C CYS A 96 0.99 -0.10 9.57
N PHE A 97 1.91 -0.66 8.78
CA PHE A 97 2.36 -2.03 8.98
C PHE A 97 3.79 -2.06 9.51
N GLN A 98 3.97 -2.63 10.70
CA GLN A 98 5.30 -2.72 11.32
C GLN A 98 5.89 -4.11 11.11
N THR A 99 7.19 -4.16 10.86
CA THR A 99 7.89 -5.43 10.65
C THR A 99 7.98 -6.22 11.95
N LEU A 100 8.54 -7.43 11.86
CA LEU A 100 8.69 -8.29 13.03
C LEU A 100 9.89 -7.87 13.87
N THR A 101 9.65 -7.57 15.14
CA THR A 101 10.71 -7.15 16.04
C THR A 101 11.35 -8.35 16.73
N ASP A 102 12.59 -8.65 16.36
CA ASP A 102 13.30 -9.78 16.94
C ASP A 102 13.74 -9.46 18.36
N SER A 103 13.47 -10.38 19.28
CA SER A 103 13.83 -10.20 20.68
C SER A 103 13.88 -11.54 21.41
N GLY A 104 14.23 -11.49 22.69
CA GLY A 104 14.31 -12.71 23.48
C GLY A 104 13.36 -12.69 24.66
N PRO A 105 13.54 -13.65 25.59
CA PRO A 105 12.70 -13.77 26.78
C PRO A 105 12.94 -12.63 27.77
N SER A 106 11.86 -12.12 28.35
CA SER A 106 11.96 -11.04 29.32
C SER A 106 10.83 -11.12 30.35
N SER A 107 11.04 -10.50 31.50
CA SER A 107 10.06 -10.51 32.57
C SER A 107 8.68 -10.12 32.04
N GLY A 108 7.64 -10.67 32.64
CA GLY A 108 6.29 -10.38 32.22
C GLY A 108 5.24 -11.06 33.08
N GLY A 1 -17.32 17.73 0.30
CA GLY A 1 -17.13 19.15 0.06
C GLY A 1 -16.89 19.47 -1.40
N SER A 2 -15.76 20.14 -1.68
CA SER A 2 -15.42 20.51 -3.04
C SER A 2 -15.82 19.41 -4.02
N SER A 3 -16.88 19.66 -4.78
CA SER A 3 -17.38 18.71 -5.75
C SER A 3 -16.48 18.67 -6.98
N GLY A 4 -16.09 17.46 -7.38
CA GLY A 4 -15.22 17.31 -8.54
C GLY A 4 -14.35 16.08 -8.45
N SER A 5 -14.97 14.91 -8.56
CA SER A 5 -14.24 13.65 -8.48
C SER A 5 -14.12 13.00 -9.86
N SER A 6 -12.97 12.40 -10.13
CA SER A 6 -12.72 11.75 -11.41
C SER A 6 -11.67 10.66 -11.27
N GLY A 7 -11.87 9.56 -12.00
CA GLY A 7 -10.94 8.45 -11.95
C GLY A 7 -11.58 7.17 -11.47
N PRO A 8 -10.85 6.05 -11.58
CA PRO A 8 -11.35 4.74 -11.17
C PRO A 8 -11.47 4.61 -9.65
N SER A 9 -12.43 3.82 -9.20
CA SER A 9 -12.66 3.63 -7.78
C SER A 9 -11.36 3.22 -7.08
N THR A 10 -11.43 3.10 -5.75
CA THR A 10 -10.26 2.72 -4.97
C THR A 10 -10.64 1.74 -3.86
N VAL A 11 -9.63 1.13 -3.25
CA VAL A 11 -9.86 0.17 -2.17
C VAL A 11 -10.32 0.87 -0.90
N PRO A 12 -11.38 0.33 -0.27
CA PRO A 12 -11.94 0.89 0.96
C PRO A 12 -11.02 0.69 2.15
N ILE A 13 -10.36 -0.46 2.22
CA ILE A 13 -9.45 -0.78 3.30
C ILE A 13 -8.45 -1.85 2.89
N MET A 14 -7.30 -1.88 3.57
CA MET A 14 -6.26 -2.85 3.27
C MET A 14 -6.13 -3.86 4.42
N HIS A 15 -5.71 -5.07 4.07
CA HIS A 15 -5.54 -6.13 5.07
C HIS A 15 -4.13 -6.70 5.02
N GLN A 16 -3.60 -7.08 6.17
CA GLN A 16 -2.26 -7.65 6.26
C GLN A 16 -2.31 -9.17 6.33
N VAL A 17 -1.67 -9.83 5.37
CA VAL A 17 -1.64 -11.28 5.32
C VAL A 17 -0.44 -11.83 6.09
N SER A 18 0.74 -11.29 5.79
CA SER A 18 1.96 -11.74 6.45
C SER A 18 3.07 -10.69 6.32
N ALA A 19 3.99 -10.68 7.26
CA ALA A 19 5.09 -9.73 7.25
C ALA A 19 6.39 -10.38 7.71
N THR A 20 7.47 -10.10 7.00
CA THR A 20 8.78 -10.66 7.33
C THR A 20 9.62 -9.67 8.13
N MET A 21 10.87 -10.04 8.40
CA MET A 21 11.77 -9.18 9.16
C MET A 21 12.46 -8.18 8.24
N ARG A 22 12.44 -8.46 6.94
CA ARG A 22 13.06 -7.58 5.96
C ARG A 22 12.07 -7.21 4.85
N SER A 23 10.82 -7.62 5.03
CA SER A 23 9.78 -7.34 4.04
C SER A 23 8.39 -7.45 4.67
N ILE A 24 7.37 -7.03 3.93
CA ILE A 24 6.00 -7.09 4.41
C ILE A 24 5.04 -7.47 3.29
N THR A 25 4.02 -8.24 3.63
CA THR A 25 3.03 -8.68 2.65
C THR A 25 1.65 -8.10 2.98
N LEU A 26 1.08 -7.37 2.01
CA LEU A 26 -0.23 -6.77 2.20
C LEU A 26 -1.19 -7.22 1.10
N SER A 27 -2.48 -6.98 1.31
CA SER A 27 -3.50 -7.37 0.35
C SER A 27 -4.72 -6.44 0.45
N TRP A 28 -5.43 -6.29 -0.65
CA TRP A 28 -6.61 -5.45 -0.70
C TRP A 28 -7.66 -6.01 -1.65
N PRO A 29 -8.94 -5.78 -1.34
CA PRO A 29 -10.06 -6.26 -2.15
C PRO A 29 -10.16 -5.54 -3.49
N GLN A 30 -10.80 -6.18 -4.46
CA GLN A 30 -10.95 -5.59 -5.79
C GLN A 30 -12.20 -4.71 -5.84
N PRO A 31 -12.04 -3.50 -6.40
CA PRO A 31 -13.13 -2.53 -6.53
C PRO A 31 -14.17 -2.97 -7.56
N GLU A 32 -15.31 -2.30 -7.55
CA GLU A 32 -16.39 -2.61 -8.49
C GLU A 32 -16.67 -1.45 -9.43
N GLN A 33 -16.06 -0.30 -9.13
CA GLN A 33 -16.24 0.89 -9.95
C GLN A 33 -14.90 1.37 -10.53
N PRO A 34 -14.13 0.42 -11.08
CA PRO A 34 -12.82 0.72 -11.68
C PRO A 34 -12.94 1.52 -12.97
N ASN A 35 -14.18 1.87 -13.33
CA ASN A 35 -14.43 2.64 -14.55
C ASN A 35 -13.73 1.99 -15.75
N GLY A 36 -13.61 0.67 -15.71
CA GLY A 36 -12.97 -0.05 -16.80
C GLY A 36 -12.17 -1.24 -16.32
N ILE A 37 -11.09 -1.54 -17.03
CA ILE A 37 -10.23 -2.67 -16.67
C ILE A 37 -8.94 -2.19 -16.01
N ILE A 38 -8.75 -2.56 -14.74
CA ILE A 38 -7.56 -2.17 -14.01
C ILE A 38 -6.32 -2.88 -14.56
N LEU A 39 -5.41 -2.09 -15.13
CA LEU A 39 -4.18 -2.64 -15.70
C LEU A 39 -3.27 -3.17 -14.60
N ASP A 40 -2.97 -2.33 -13.62
CA ASP A 40 -2.11 -2.71 -12.51
C ASP A 40 -2.37 -1.84 -11.29
N TYR A 41 -1.80 -2.23 -10.16
CA TYR A 41 -1.97 -1.48 -8.92
C TYR A 41 -0.64 -0.93 -8.43
N GLU A 42 -0.64 0.34 -8.04
CA GLU A 42 0.57 0.99 -7.56
C GLU A 42 0.60 1.02 -6.03
N ILE A 43 1.78 0.82 -5.46
CA ILE A 43 1.94 0.82 -4.01
C ILE A 43 3.06 1.77 -3.58
N ARG A 44 2.70 2.76 -2.76
CA ARG A 44 3.68 3.73 -2.29
C ARG A 44 3.94 3.55 -0.79
N TYR A 45 5.19 3.29 -0.45
CA TYR A 45 5.57 3.09 0.95
C TYR A 45 6.70 4.04 1.35
N TYR A 46 6.64 4.53 2.58
CA TYR A 46 7.66 5.45 3.09
C TYR A 46 7.74 5.38 4.61
N GLU A 47 8.96 5.41 5.13
CA GLU A 47 9.18 5.36 6.57
C GLU A 47 8.25 6.32 7.30
N LYS A 48 7.69 5.86 8.41
CA LYS A 48 6.78 6.69 9.21
C LYS A 48 7.38 8.06 9.46
N GLU A 49 8.69 8.11 9.68
CA GLU A 49 9.38 9.36 9.94
C GLU A 49 9.56 10.16 8.65
N HIS A 50 9.77 9.46 7.54
CA HIS A 50 9.95 10.11 6.24
C HIS A 50 8.61 10.53 5.66
N ASN A 51 8.64 11.46 4.70
CA ASN A 51 7.43 11.95 4.06
C ASN A 51 7.30 11.39 2.65
N GLU A 52 6.15 11.68 2.02
CA GLU A 52 5.90 11.20 0.66
C GLU A 52 7.06 11.56 -0.27
N PHE A 53 7.56 12.78 -0.14
CA PHE A 53 8.66 13.24 -0.96
C PHE A 53 9.70 12.15 -1.17
N ASN A 54 10.22 11.63 -0.06
CA ASN A 54 11.22 10.56 -0.11
C ASN A 54 10.57 9.19 0.02
N SER A 55 9.51 8.96 -0.76
CA SER A 55 8.79 7.69 -0.73
C SER A 55 9.09 6.87 -1.98
N SER A 56 8.85 5.57 -1.89
CA SER A 56 9.10 4.67 -3.02
C SER A 56 7.78 4.12 -3.57
N MET A 57 7.76 3.83 -4.86
CA MET A 57 6.57 3.31 -5.51
C MET A 57 6.88 2.00 -6.24
N ALA A 58 5.97 1.03 -6.13
CA ALA A 58 6.16 -0.26 -6.79
C ALA A 58 4.90 -0.69 -7.52
N ARG A 59 5.07 -1.33 -8.67
CA ARG A 59 3.95 -1.79 -9.47
C ARG A 59 3.65 -3.26 -9.21
N SER A 60 2.37 -3.62 -9.24
CA SER A 60 1.96 -5.00 -9.00
C SER A 60 0.95 -5.44 -10.04
N GLN A 61 1.02 -6.73 -10.41
CA GLN A 61 0.11 -7.28 -11.40
C GLN A 61 -1.08 -7.96 -10.74
N THR A 62 -1.36 -7.57 -9.49
CA THR A 62 -2.47 -8.14 -8.73
C THR A 62 -2.81 -7.28 -7.52
N ASN A 63 -3.89 -7.63 -6.84
CA ASN A 63 -4.32 -6.89 -5.66
C ASN A 63 -3.46 -7.25 -4.45
N THR A 64 -2.41 -8.02 -4.69
CA THR A 64 -1.52 -8.44 -3.62
C THR A 64 -0.06 -8.14 -3.97
N ALA A 65 0.59 -7.35 -3.12
CA ALA A 65 1.98 -6.98 -3.35
C ALA A 65 2.76 -6.95 -2.03
N ARG A 66 3.98 -7.48 -2.05
CA ARG A 66 4.82 -7.52 -0.86
C ARG A 66 6.00 -6.56 -1.00
N ILE A 67 6.24 -5.76 0.02
CA ILE A 67 7.34 -4.80 0.01
C ILE A 67 8.59 -5.40 0.63
N ASP A 68 9.67 -5.43 -0.15
CA ASP A 68 10.94 -5.98 0.33
C ASP A 68 12.01 -4.90 0.36
N GLY A 69 12.87 -4.96 1.39
CA GLY A 69 13.93 -3.98 1.52
C GLY A 69 13.71 -3.04 2.69
N LEU A 70 13.20 -3.59 3.79
CA LEU A 70 12.94 -2.79 5.00
C LEU A 70 13.74 -3.32 6.18
N ARG A 71 13.64 -2.63 7.31
CA ARG A 71 14.35 -3.03 8.52
C ARG A 71 13.39 -3.63 9.54
N PRO A 72 13.90 -4.54 10.38
CA PRO A 72 13.10 -5.20 11.41
C PRO A 72 12.70 -4.25 12.53
N GLY A 73 11.45 -4.36 12.98
CA GLY A 73 10.97 -3.49 14.04
C GLY A 73 10.80 -2.06 13.60
N MET A 74 10.21 -1.86 12.42
CA MET A 74 10.00 -0.52 11.88
C MET A 74 8.60 -0.40 11.28
N VAL A 75 8.00 0.77 11.43
CA VAL A 75 6.67 1.03 10.90
C VAL A 75 6.74 1.70 9.54
N TYR A 76 5.95 1.20 8.59
CA TYR A 76 5.92 1.75 7.24
C TYR A 76 4.48 1.95 6.77
N VAL A 77 4.18 3.17 6.30
CA VAL A 77 2.84 3.48 5.81
C VAL A 77 2.71 3.16 4.33
N VAL A 78 2.12 2.00 4.03
CA VAL A 78 1.93 1.58 2.65
C VAL A 78 0.52 1.89 2.17
N GLN A 79 0.39 2.20 0.89
CA GLN A 79 -0.91 2.51 0.31
C GLN A 79 -1.09 1.83 -1.04
N VAL A 80 -2.30 1.91 -1.60
CA VAL A 80 -2.59 1.29 -2.88
C VAL A 80 -3.67 2.06 -3.62
N ARG A 81 -3.50 2.19 -4.94
CA ARG A 81 -4.46 2.90 -5.77
C ARG A 81 -4.83 2.09 -7.00
N ALA A 82 -5.91 2.49 -7.68
CA ALA A 82 -6.37 1.80 -8.88
C ALA A 82 -6.08 2.63 -10.12
N ARG A 83 -5.29 2.07 -11.03
CA ARG A 83 -4.94 2.75 -12.27
C ARG A 83 -5.65 2.12 -13.47
N THR A 84 -6.16 2.95 -14.37
CA THR A 84 -6.86 2.48 -15.55
C THR A 84 -6.46 3.28 -16.78
N VAL A 85 -6.90 2.82 -17.95
CA VAL A 85 -6.59 3.49 -19.21
C VAL A 85 -6.97 4.98 -19.14
N ALA A 86 -7.83 5.32 -18.19
CA ALA A 86 -8.26 6.69 -18.01
C ALA A 86 -7.22 7.51 -17.24
N GLY A 87 -6.73 6.94 -16.15
CA GLY A 87 -5.74 7.62 -15.34
C GLY A 87 -5.47 6.91 -14.02
N TYR A 88 -4.99 7.65 -13.04
CA TYR A 88 -4.68 7.08 -11.72
C TYR A 88 -5.76 7.44 -10.71
N GLY A 89 -6.19 6.45 -9.94
CA GLY A 89 -7.22 6.68 -8.94
C GLY A 89 -6.63 7.09 -7.59
N LYS A 90 -7.49 7.59 -6.71
CA LYS A 90 -7.06 8.02 -5.38
C LYS A 90 -6.53 6.84 -4.58
N PHE A 91 -5.68 7.13 -3.59
CA PHE A 91 -5.10 6.10 -2.75
C PHE A 91 -6.11 5.60 -1.73
N SER A 92 -5.87 4.40 -1.19
CA SER A 92 -6.76 3.82 -0.21
C SER A 92 -6.36 4.23 1.21
N GLY A 93 -7.33 4.25 2.12
CA GLY A 93 -7.07 4.63 3.49
C GLY A 93 -5.71 4.14 3.96
N LYS A 94 -4.69 4.99 3.83
CA LYS A 94 -3.35 4.64 4.24
C LYS A 94 -3.36 3.90 5.59
N MET A 95 -2.45 2.95 5.74
CA MET A 95 -2.36 2.18 6.97
C MET A 95 -0.92 2.06 7.44
N CYS A 96 -0.73 1.65 8.69
CA CYS A 96 0.61 1.50 9.25
C CYS A 96 0.93 0.02 9.48
N PHE A 97 1.94 -0.48 8.77
CA PHE A 97 2.35 -1.88 8.90
C PHE A 97 3.80 -1.98 9.33
N GLN A 98 4.04 -2.66 10.45
CA GLN A 98 5.39 -2.83 10.97
C GLN A 98 5.90 -4.24 10.69
N THR A 99 7.21 -4.35 10.48
CA THR A 99 7.84 -5.64 10.20
C THR A 99 7.92 -6.50 11.46
N LEU A 100 8.54 -7.66 11.34
CA LEU A 100 8.69 -8.57 12.48
C LEU A 100 9.77 -8.08 13.43
N THR A 101 9.55 -8.27 14.73
CA THR A 101 10.50 -7.85 15.75
C THR A 101 11.22 -9.05 16.35
N ASP A 102 12.50 -9.18 16.05
CA ASP A 102 13.31 -10.27 16.58
C ASP A 102 13.43 -10.19 18.09
N SER A 103 14.02 -9.09 18.56
CA SER A 103 14.20 -8.88 20.00
C SER A 103 12.88 -8.54 20.67
N GLY A 104 12.57 -9.22 21.77
CA GLY A 104 11.34 -8.97 22.49
C GLY A 104 11.58 -8.29 23.83
N PRO A 105 10.51 -7.72 24.40
CA PRO A 105 10.58 -7.02 25.68
C PRO A 105 10.81 -7.98 26.86
N SER A 106 10.86 -7.44 28.07
CA SER A 106 11.07 -8.25 29.25
C SER A 106 10.92 -7.40 30.52
N SER A 107 10.40 -8.01 31.58
CA SER A 107 10.19 -7.32 32.84
C SER A 107 11.40 -7.51 33.75
N GLY A 108 11.83 -8.76 33.92
CA GLY A 108 12.97 -9.05 34.77
C GLY A 108 12.60 -9.93 35.94
N GLY A 1 -24.85 18.67 -9.57
CA GLY A 1 -25.69 17.49 -9.43
C GLY A 1 -25.11 16.46 -8.49
N SER A 2 -25.70 15.26 -8.50
CA SER A 2 -25.24 14.19 -7.63
C SER A 2 -24.14 13.37 -8.32
N SER A 3 -23.23 14.06 -8.99
CA SER A 3 -22.13 13.40 -9.70
C SER A 3 -20.94 14.33 -9.84
N GLY A 4 -19.74 13.80 -9.60
CA GLY A 4 -18.54 14.60 -9.71
C GLY A 4 -17.30 13.84 -9.25
N SER A 5 -17.04 12.71 -9.89
CA SER A 5 -15.88 11.90 -9.53
C SER A 5 -15.00 11.63 -10.76
N SER A 6 -13.76 12.11 -10.69
CA SER A 6 -12.82 11.94 -11.80
C SER A 6 -11.77 10.90 -11.46
N GLY A 7 -11.84 9.76 -12.14
CA GLY A 7 -10.87 8.69 -11.89
C GLY A 7 -11.54 7.40 -11.47
N PRO A 8 -10.80 6.30 -11.53
CA PRO A 8 -11.30 4.97 -11.16
C PRO A 8 -11.54 4.85 -9.66
N SER A 9 -12.27 3.81 -9.27
CA SER A 9 -12.57 3.58 -7.86
C SER A 9 -11.30 3.22 -7.09
N THR A 10 -11.42 3.17 -5.77
CA THR A 10 -10.28 2.84 -4.91
C THR A 10 -10.69 1.88 -3.80
N VAL A 11 -9.70 1.25 -3.18
CA VAL A 11 -9.94 0.30 -2.10
C VAL A 11 -10.32 1.02 -0.81
N PRO A 12 -11.38 0.53 -0.15
CA PRO A 12 -11.86 1.12 1.10
C PRO A 12 -10.90 0.87 2.27
N ILE A 13 -10.42 -0.36 2.38
CA ILE A 13 -9.49 -0.73 3.43
C ILE A 13 -8.49 -1.77 2.96
N MET A 14 -7.36 -1.88 3.66
CA MET A 14 -6.32 -2.83 3.30
C MET A 14 -6.17 -3.88 4.41
N HIS A 15 -5.70 -5.07 4.01
CA HIS A 15 -5.51 -6.16 4.96
C HIS A 15 -4.13 -6.78 4.80
N GLN A 16 -3.55 -7.22 5.92
CA GLN A 16 -2.23 -7.84 5.90
C GLN A 16 -2.32 -9.35 6.05
N VAL A 17 -1.55 -10.07 5.24
CA VAL A 17 -1.55 -11.53 5.28
C VAL A 17 -0.30 -12.05 5.97
N SER A 18 0.84 -11.41 5.68
CA SER A 18 2.10 -11.83 6.27
C SER A 18 3.09 -10.66 6.30
N ALA A 19 4.29 -10.91 6.82
CA ALA A 19 5.32 -9.88 6.91
C ALA A 19 6.63 -10.46 7.42
N THR A 20 7.74 -9.92 6.93
CA THR A 20 9.07 -10.39 7.33
C THR A 20 9.81 -9.31 8.11
N MET A 21 11.07 -9.59 8.44
CA MET A 21 11.89 -8.65 9.19
C MET A 21 12.39 -7.53 8.28
N ARG A 22 12.47 -7.82 6.99
CA ARG A 22 12.93 -6.83 6.01
C ARG A 22 11.91 -6.64 4.91
N SER A 23 10.67 -7.06 5.17
CA SER A 23 9.60 -6.93 4.20
C SER A 23 8.23 -7.02 4.88
N ILE A 24 7.18 -6.75 4.12
CA ILE A 24 5.82 -6.79 4.64
C ILE A 24 4.81 -7.13 3.55
N THR A 25 4.02 -8.16 3.79
CA THR A 25 3.01 -8.60 2.81
C THR A 25 1.67 -7.94 3.11
N LEU A 26 0.92 -7.65 2.05
CA LEU A 26 -0.40 -7.02 2.19
C LEU A 26 -1.35 -7.53 1.12
N SER A 27 -2.63 -7.19 1.26
CA SER A 27 -3.65 -7.61 0.31
C SER A 27 -4.90 -6.74 0.43
N TRP A 28 -5.39 -6.27 -0.71
CA TRP A 28 -6.58 -5.42 -0.73
C TRP A 28 -7.63 -5.99 -1.69
N PRO A 29 -8.92 -5.75 -1.37
CA PRO A 29 -10.03 -6.22 -2.19
C PRO A 29 -10.12 -5.49 -3.52
N GLN A 30 -10.81 -6.11 -4.49
CA GLN A 30 -10.97 -5.51 -5.81
C GLN A 30 -12.22 -4.63 -5.86
N PRO A 31 -12.08 -3.43 -6.44
CA PRO A 31 -13.19 -2.48 -6.56
C PRO A 31 -14.24 -2.94 -7.56
N GLU A 32 -15.34 -2.19 -7.65
CA GLU A 32 -16.42 -2.53 -8.57
C GLU A 32 -16.76 -1.36 -9.47
N GLN A 33 -16.18 -0.19 -9.16
CA GLN A 33 -16.42 1.00 -9.95
C GLN A 33 -15.11 1.56 -10.50
N PRO A 34 -14.30 0.67 -11.10
CA PRO A 34 -13.01 1.05 -11.68
C PRO A 34 -13.18 1.89 -12.95
N ASN A 35 -14.43 2.16 -13.32
CA ASN A 35 -14.72 2.96 -14.51
C ASN A 35 -13.82 2.54 -15.67
N GLY A 36 -13.36 1.29 -15.64
CA GLY A 36 -12.50 0.79 -16.69
C GLY A 36 -11.52 -0.26 -16.20
N ILE A 37 -11.21 -1.23 -17.04
CA ILE A 37 -10.28 -2.29 -16.68
C ILE A 37 -9.10 -1.75 -15.89
N ILE A 38 -8.75 -2.44 -14.81
CA ILE A 38 -7.65 -2.02 -13.96
C ILE A 38 -6.34 -2.63 -14.45
N LEU A 39 -5.55 -1.81 -15.17
CA LEU A 39 -4.28 -2.26 -15.70
C LEU A 39 -3.43 -2.91 -14.60
N ASP A 40 -3.03 -2.11 -13.62
CA ASP A 40 -2.23 -2.61 -12.51
C ASP A 40 -2.53 -1.85 -11.23
N TYR A 41 -1.79 -2.16 -10.17
CA TYR A 41 -1.99 -1.50 -8.88
C TYR A 41 -0.66 -0.97 -8.34
N GLU A 42 -0.60 0.33 -8.08
CA GLU A 42 0.60 0.96 -7.56
C GLU A 42 0.55 1.04 -6.03
N ILE A 43 1.73 1.07 -5.42
CA ILE A 43 1.82 1.14 -3.96
C ILE A 43 2.93 2.10 -3.53
N ARG A 44 2.62 2.95 -2.55
CA ARG A 44 3.58 3.91 -2.05
C ARG A 44 3.89 3.66 -0.57
N TYR A 45 5.14 3.31 -0.29
CA TYR A 45 5.57 3.04 1.08
C TYR A 45 6.71 3.96 1.48
N TYR A 46 6.67 4.43 2.74
CA TYR A 46 7.70 5.32 3.24
C TYR A 46 7.79 5.23 4.78
N GLU A 47 8.98 5.48 5.31
CA GLU A 47 9.19 5.41 6.74
C GLU A 47 8.29 6.41 7.46
N LYS A 48 7.78 6.00 8.63
CA LYS A 48 6.90 6.84 9.41
C LYS A 48 7.50 8.24 9.59
N GLU A 49 8.82 8.32 9.53
CA GLU A 49 9.52 9.59 9.69
C GLU A 49 9.64 10.31 8.35
N HIS A 50 9.59 9.53 7.26
CA HIS A 50 9.71 10.09 5.92
C HIS A 50 8.32 10.41 5.35
N ASN A 51 8.30 11.03 4.18
CA ASN A 51 7.05 11.39 3.52
C ASN A 51 6.97 10.78 2.13
N GLU A 52 5.84 10.99 1.46
CA GLU A 52 5.64 10.45 0.11
C GLU A 52 6.75 10.92 -0.82
N PHE A 53 7.25 12.12 -0.58
CA PHE A 53 8.32 12.69 -1.40
C PHE A 53 9.45 11.68 -1.61
N ASN A 54 10.17 11.39 -0.54
CA ASN A 54 11.29 10.44 -0.61
C ASN A 54 10.82 9.03 -0.27
N SER A 55 10.01 8.45 -1.16
CA SER A 55 9.49 7.12 -0.96
C SER A 55 9.77 6.23 -2.17
N SER A 56 9.36 4.96 -2.09
CA SER A 56 9.57 4.02 -3.17
C SER A 56 8.26 3.38 -3.61
N MET A 57 7.97 3.47 -4.90
CA MET A 57 6.73 2.90 -5.45
C MET A 57 7.00 1.53 -6.06
N ALA A 58 5.99 0.65 -5.98
CA ALA A 58 6.11 -0.69 -6.53
C ALA A 58 4.85 -1.10 -7.26
N ARG A 59 5.01 -1.59 -8.49
CA ARG A 59 3.88 -2.00 -9.31
C ARG A 59 3.54 -3.47 -9.04
N SER A 60 2.29 -3.84 -9.32
CA SER A 60 1.83 -5.20 -9.11
C SER A 60 0.74 -5.58 -10.11
N GLN A 61 0.81 -6.80 -10.61
CA GLN A 61 -0.17 -7.28 -11.58
C GLN A 61 -1.34 -7.96 -10.89
N THR A 62 -1.48 -7.71 -9.59
CA THR A 62 -2.55 -8.31 -8.81
C THR A 62 -2.91 -7.43 -7.61
N ASN A 63 -3.94 -7.83 -6.88
CA ASN A 63 -4.38 -7.08 -5.71
C ASN A 63 -3.53 -7.43 -4.49
N THR A 64 -2.39 -8.05 -4.73
CA THR A 64 -1.48 -8.43 -3.66
C THR A 64 -0.03 -8.21 -4.06
N ALA A 65 0.70 -7.47 -3.22
CA ALA A 65 2.10 -7.18 -3.48
C ALA A 65 2.91 -7.14 -2.18
N ARG A 66 4.11 -7.70 -2.23
CA ARG A 66 4.99 -7.73 -1.06
C ARG A 66 6.02 -6.61 -1.12
N ILE A 67 6.27 -5.98 0.03
CA ILE A 67 7.24 -4.90 0.10
C ILE A 67 8.54 -5.37 0.74
N ASP A 68 9.66 -5.12 0.06
CA ASP A 68 10.97 -5.52 0.56
C ASP A 68 11.92 -4.32 0.60
N GLY A 69 12.82 -4.33 1.58
CA GLY A 69 13.77 -3.24 1.70
C GLY A 69 13.46 -2.33 2.88
N LEU A 70 13.09 -2.93 4.00
CA LEU A 70 12.76 -2.18 5.20
C LEU A 70 13.61 -2.63 6.39
N ARG A 71 13.44 -1.95 7.52
CA ARG A 71 14.20 -2.29 8.72
C ARG A 71 13.31 -3.00 9.75
N PRO A 72 13.92 -3.87 10.56
CA PRO A 72 13.21 -4.63 11.59
C PRO A 72 12.73 -3.74 12.73
N GLY A 73 11.50 -3.98 13.19
CA GLY A 73 10.95 -3.19 14.28
C GLY A 73 10.73 -1.74 13.89
N MET A 74 10.13 -1.53 12.73
CA MET A 74 9.87 -0.18 12.25
C MET A 74 8.48 -0.08 11.62
N VAL A 75 7.97 1.14 11.50
CA VAL A 75 6.65 1.36 10.92
C VAL A 75 6.76 1.98 9.53
N TYR A 76 5.98 1.45 8.60
CA TYR A 76 5.99 1.95 7.23
C TYR A 76 4.56 2.15 6.71
N VAL A 77 4.28 3.36 6.25
CA VAL A 77 2.96 3.68 5.72
C VAL A 77 2.82 3.23 4.27
N VAL A 78 2.05 2.18 4.05
CA VAL A 78 1.84 1.64 2.71
C VAL A 78 0.41 1.89 2.25
N GLN A 79 0.25 2.16 0.95
CA GLN A 79 -1.07 2.42 0.38
C GLN A 79 -1.21 1.73 -0.97
N VAL A 80 -2.39 1.89 -1.58
CA VAL A 80 -2.66 1.28 -2.88
C VAL A 80 -3.74 2.04 -3.62
N ARG A 81 -3.55 2.22 -4.93
CA ARG A 81 -4.52 2.94 -5.76
C ARG A 81 -4.84 2.14 -7.02
N ALA A 82 -5.93 2.50 -7.67
CA ALA A 82 -6.35 1.83 -8.90
C ALA A 82 -6.13 2.71 -10.12
N ARG A 83 -5.41 2.19 -11.11
CA ARG A 83 -5.13 2.94 -12.32
C ARG A 83 -5.81 2.30 -13.53
N THR A 84 -6.23 3.13 -14.48
CA THR A 84 -6.91 2.64 -15.69
C THR A 84 -6.50 3.46 -16.91
N VAL A 85 -7.01 3.06 -18.06
CA VAL A 85 -6.69 3.76 -19.31
C VAL A 85 -7.14 5.22 -19.25
N ALA A 86 -7.91 5.55 -18.22
CA ALA A 86 -8.40 6.91 -18.06
C ALA A 86 -7.37 7.78 -17.34
N GLY A 87 -6.84 7.27 -16.23
CA GLY A 87 -5.85 8.01 -15.47
C GLY A 87 -5.39 7.26 -14.23
N TYR A 88 -5.32 7.97 -13.11
CA TYR A 88 -4.89 7.37 -11.86
C TYR A 88 -5.95 7.52 -10.78
N GLY A 89 -6.04 6.53 -9.90
CA GLY A 89 -7.02 6.58 -8.82
C GLY A 89 -6.44 7.07 -7.52
N LYS A 90 -7.30 7.39 -6.56
CA LYS A 90 -6.86 7.87 -5.26
C LYS A 90 -6.27 6.74 -4.43
N PHE A 91 -5.64 7.10 -3.31
CA PHE A 91 -5.03 6.11 -2.43
C PHE A 91 -6.02 5.65 -1.36
N SER A 92 -5.96 4.37 -1.02
CA SER A 92 -6.86 3.80 -0.01
C SER A 92 -6.53 4.35 1.37
N GLY A 93 -7.38 4.01 2.34
CA GLY A 93 -7.16 4.48 3.70
C GLY A 93 -5.74 4.29 4.16
N LYS A 94 -5.06 5.40 4.48
CA LYS A 94 -3.68 5.35 4.93
C LYS A 94 -3.51 4.33 6.06
N MET A 95 -2.66 3.33 5.82
CA MET A 95 -2.41 2.29 6.81
C MET A 95 -0.93 2.23 7.16
N CYS A 96 -0.63 1.71 8.35
CA CYS A 96 0.75 1.59 8.80
C CYS A 96 1.07 0.15 9.17
N PHE A 97 1.97 -0.47 8.40
CA PHE A 97 2.36 -1.85 8.65
C PHE A 97 3.81 -1.93 9.13
N GLN A 98 4.00 -2.45 10.33
CA GLN A 98 5.34 -2.58 10.91
C GLN A 98 5.92 -3.96 10.63
N THR A 99 7.25 -4.06 10.69
CA THR A 99 7.92 -5.33 10.45
C THR A 99 7.98 -6.17 11.71
N LEU A 100 8.62 -7.33 11.62
CA LEU A 100 8.74 -8.23 12.76
C LEU A 100 9.87 -7.79 13.69
N THR A 101 9.62 -7.86 14.99
CA THR A 101 10.60 -7.46 15.98
C THR A 101 11.33 -8.68 16.56
N ASP A 102 12.55 -8.90 16.12
CA ASP A 102 13.34 -10.03 16.59
C ASP A 102 14.11 -9.67 17.86
N SER A 103 13.45 -8.92 18.74
CA SER A 103 14.07 -8.49 20.00
C SER A 103 13.36 -9.11 21.19
N GLY A 104 12.04 -8.93 21.24
CA GLY A 104 11.25 -9.47 22.34
C GLY A 104 9.77 -9.46 22.05
N PRO A 105 9.31 -10.49 21.32
CA PRO A 105 7.89 -10.63 20.95
C PRO A 105 7.01 -10.95 22.15
N SER A 106 5.78 -10.46 22.13
CA SER A 106 4.84 -10.70 23.22
C SER A 106 3.63 -11.48 22.73
N SER A 107 3.11 -12.35 23.60
CA SER A 107 1.96 -13.18 23.26
C SER A 107 0.87 -13.06 24.32
N GLY A 108 -0.32 -13.59 24.01
CA GLY A 108 -1.42 -13.52 24.95
C GLY A 108 -2.01 -12.13 25.06
N GLY A 1 -18.56 21.43 -4.75
CA GLY A 1 -18.13 21.54 -6.13
C GLY A 1 -17.52 20.24 -6.64
N SER A 2 -16.39 20.36 -7.35
CA SER A 2 -15.72 19.20 -7.90
C SER A 2 -14.34 19.04 -7.28
N SER A 3 -14.11 17.91 -6.63
CA SER A 3 -12.83 17.62 -5.99
C SER A 3 -11.90 16.86 -6.93
N GLY A 4 -10.90 17.56 -7.45
CA GLY A 4 -9.95 16.94 -8.37
C GLY A 4 -10.64 16.24 -9.52
N SER A 5 -9.85 15.65 -10.42
CA SER A 5 -10.38 14.96 -11.57
C SER A 5 -10.93 13.59 -11.18
N SER A 6 -12.20 13.35 -11.51
CA SER A 6 -12.84 12.08 -11.18
C SER A 6 -12.05 10.90 -11.75
N GLY A 7 -11.57 10.03 -10.86
CA GLY A 7 -10.80 8.89 -11.28
C GLY A 7 -11.47 7.58 -10.92
N PRO A 8 -10.76 6.45 -11.14
CA PRO A 8 -11.28 5.12 -10.86
C PRO A 8 -11.40 4.86 -9.35
N SER A 9 -12.28 3.94 -9.00
CA SER A 9 -12.50 3.60 -7.59
C SER A 9 -11.30 2.85 -7.03
N THR A 10 -11.03 3.06 -5.74
CA THR A 10 -9.91 2.41 -5.08
C THR A 10 -10.38 1.57 -3.90
N VAL A 11 -9.54 0.63 -3.47
CA VAL A 11 -9.87 -0.24 -2.35
C VAL A 11 -10.34 0.57 -1.14
N PRO A 12 -11.46 0.14 -0.55
CA PRO A 12 -12.03 0.82 0.62
C PRO A 12 -11.17 0.62 1.87
N ILE A 13 -10.64 -0.59 2.05
CA ILE A 13 -9.80 -0.90 3.20
C ILE A 13 -8.71 -1.88 2.83
N MET A 14 -7.59 -1.82 3.55
CA MET A 14 -6.47 -2.72 3.30
C MET A 14 -6.39 -3.80 4.37
N HIS A 15 -5.86 -4.96 3.98
CA HIS A 15 -5.72 -6.08 4.92
C HIS A 15 -4.34 -6.72 4.80
N GLN A 16 -3.70 -6.94 5.94
CA GLN A 16 -2.37 -7.54 5.96
C GLN A 16 -2.46 -9.05 6.14
N VAL A 17 -1.66 -9.78 5.37
CA VAL A 17 -1.65 -11.24 5.45
C VAL A 17 -0.43 -11.75 6.20
N SER A 18 0.73 -11.17 5.88
CA SER A 18 1.98 -11.57 6.53
C SER A 18 3.02 -10.46 6.43
N ALA A 19 4.21 -10.72 6.96
CA ALA A 19 5.29 -9.74 6.93
C ALA A 19 6.59 -10.35 7.44
N THR A 20 7.70 -9.91 6.88
CA THR A 20 9.02 -10.41 7.27
C THR A 20 9.82 -9.33 8.00
N MET A 21 11.07 -9.65 8.32
CA MET A 21 11.94 -8.71 9.02
C MET A 21 12.55 -7.71 8.04
N ARG A 22 12.59 -8.08 6.77
CA ARG A 22 13.13 -7.20 5.74
C ARG A 22 12.10 -6.90 4.66
N SER A 23 10.86 -7.29 4.92
CA SER A 23 9.78 -7.06 3.98
C SER A 23 8.42 -7.09 4.68
N ILE A 24 7.35 -6.89 3.91
CA ILE A 24 6.00 -6.91 4.47
C ILE A 24 4.98 -7.32 3.42
N THR A 25 4.14 -8.28 3.76
CA THR A 25 3.11 -8.78 2.85
C THR A 25 1.77 -8.11 3.12
N LEU A 26 1.06 -7.77 2.06
CA LEU A 26 -0.24 -7.13 2.18
C LEU A 26 -1.21 -7.62 1.10
N SER A 27 -2.49 -7.38 1.30
CA SER A 27 -3.50 -7.80 0.34
C SER A 27 -4.73 -6.89 0.43
N TRP A 28 -5.38 -6.69 -0.72
CA TRP A 28 -6.57 -5.85 -0.78
C TRP A 28 -7.55 -6.37 -1.82
N PRO A 29 -8.85 -6.16 -1.57
CA PRO A 29 -9.92 -6.60 -2.48
C PRO A 29 -9.95 -5.80 -3.77
N GLN A 30 -10.89 -6.12 -4.65
CA GLN A 30 -11.02 -5.44 -5.93
C GLN A 30 -12.24 -4.52 -5.93
N PRO A 31 -12.06 -3.30 -6.46
CA PRO A 31 -13.13 -2.30 -6.53
C PRO A 31 -14.21 -2.69 -7.54
N GLU A 32 -15.38 -2.06 -7.41
CA GLU A 32 -16.49 -2.34 -8.30
C GLU A 32 -16.75 -1.16 -9.23
N GLN A 33 -16.16 -0.01 -8.91
CA GLN A 33 -16.33 1.18 -9.72
C GLN A 33 -14.98 1.68 -10.23
N PRO A 34 -14.21 0.77 -10.85
CA PRO A 34 -12.89 1.09 -11.42
C PRO A 34 -12.98 1.98 -12.64
N ASN A 35 -14.20 2.38 -12.99
CA ASN A 35 -14.43 3.24 -14.14
C ASN A 35 -13.67 2.73 -15.36
N GLY A 36 -13.47 1.42 -15.43
CA GLY A 36 -12.77 0.82 -16.54
C GLY A 36 -11.73 -0.19 -16.09
N ILE A 37 -11.33 -1.07 -17.00
CA ILE A 37 -10.34 -2.09 -16.70
C ILE A 37 -9.21 -1.53 -15.85
N ILE A 38 -8.75 -2.31 -14.88
CA ILE A 38 -7.66 -1.88 -14.00
C ILE A 38 -6.32 -2.42 -14.48
N LEU A 39 -5.59 -1.58 -15.20
CA LEU A 39 -4.28 -1.97 -15.72
C LEU A 39 -3.47 -2.72 -14.65
N ASP A 40 -3.19 -2.03 -13.55
CA ASP A 40 -2.42 -2.64 -12.46
C ASP A 40 -2.64 -1.86 -11.17
N TYR A 41 -1.96 -2.30 -10.11
CA TYR A 41 -2.08 -1.65 -8.80
C TYR A 41 -0.71 -1.21 -8.29
N GLU A 42 -0.55 0.09 -8.10
CA GLU A 42 0.70 0.65 -7.61
C GLU A 42 0.67 0.83 -6.09
N ILE A 43 1.75 0.44 -5.44
CA ILE A 43 1.85 0.55 -3.99
C ILE A 43 2.92 1.56 -3.59
N ARG A 44 2.57 2.47 -2.68
CA ARG A 44 3.50 3.49 -2.22
C ARG A 44 3.80 3.31 -0.73
N TYR A 45 5.07 3.09 -0.42
CA TYR A 45 5.50 2.90 0.97
C TYR A 45 6.66 3.84 1.32
N TYR A 46 6.64 4.34 2.55
CA TYR A 46 7.68 5.25 3.01
C TYR A 46 7.85 5.16 4.53
N GLU A 47 9.01 5.58 5.01
CA GLU A 47 9.29 5.55 6.45
C GLU A 47 8.38 6.50 7.20
N LYS A 48 7.78 6.01 8.28
CA LYS A 48 6.88 6.82 9.09
C LYS A 48 7.44 8.22 9.29
N GLU A 49 8.75 8.30 9.52
CA GLU A 49 9.41 9.58 9.73
C GLU A 49 9.55 10.34 8.41
N HIS A 50 9.69 9.60 7.32
CA HIS A 50 9.83 10.19 6.00
C HIS A 50 8.49 10.69 5.47
N ASN A 51 8.53 11.73 4.65
CA ASN A 51 7.32 12.31 4.07
C ASN A 51 7.03 11.72 2.69
N GLU A 52 5.81 11.90 2.21
CA GLU A 52 5.41 11.39 0.91
C GLU A 52 6.45 11.74 -0.15
N PHE A 53 6.86 12.99 -0.17
CA PHE A 53 7.86 13.46 -1.14
C PHE A 53 8.93 12.40 -1.35
N ASN A 54 9.53 11.94 -0.27
CA ASN A 54 10.58 10.92 -0.35
C ASN A 54 10.01 9.52 -0.09
N SER A 55 9.23 9.03 -1.05
CA SER A 55 8.61 7.71 -0.93
C SER A 55 8.95 6.85 -2.15
N SER A 56 8.65 5.56 -2.04
CA SER A 56 8.92 4.63 -3.14
C SER A 56 7.63 3.97 -3.62
N MET A 57 7.52 3.81 -4.93
CA MET A 57 6.32 3.20 -5.52
C MET A 57 6.68 1.90 -6.23
N ALA A 58 5.74 0.97 -6.25
CA ALA A 58 5.95 -0.32 -6.90
C ALA A 58 4.71 -0.75 -7.68
N ARG A 59 4.94 -1.39 -8.83
CA ARG A 59 3.85 -1.85 -9.68
C ARG A 59 3.45 -3.28 -9.32
N SER A 60 2.15 -3.54 -9.34
CA SER A 60 1.63 -4.87 -9.02
C SER A 60 0.57 -5.31 -10.02
N GLN A 61 0.81 -6.43 -10.69
CA GLN A 61 -0.12 -6.95 -11.67
C GLN A 61 -1.24 -7.74 -11.00
N THR A 62 -1.31 -7.66 -9.67
CA THR A 62 -2.33 -8.36 -8.90
C THR A 62 -2.75 -7.57 -7.67
N ASN A 63 -3.72 -8.09 -6.94
CA ASN A 63 -4.20 -7.43 -5.73
C ASN A 63 -3.43 -7.91 -4.50
N THR A 64 -2.19 -8.31 -4.72
CA THR A 64 -1.33 -8.78 -3.64
C THR A 64 0.14 -8.60 -3.96
N ALA A 65 0.84 -7.84 -3.12
CA ALA A 65 2.25 -7.58 -3.31
C ALA A 65 2.99 -7.46 -1.98
N ARG A 66 4.28 -7.73 -1.99
CA ARG A 66 5.09 -7.65 -0.78
C ARG A 66 6.16 -6.57 -0.91
N ILE A 67 6.26 -5.72 0.11
CA ILE A 67 7.23 -4.64 0.11
C ILE A 67 8.58 -5.10 0.68
N ASP A 68 9.63 -4.97 -0.12
CA ASP A 68 10.96 -5.37 0.31
C ASP A 68 11.89 -4.16 0.43
N GLY A 69 12.82 -4.24 1.37
CA GLY A 69 13.75 -3.14 1.58
C GLY A 69 13.41 -2.32 2.81
N LEU A 70 13.14 -3.00 3.92
CA LEU A 70 12.81 -2.33 5.17
C LEU A 70 13.61 -2.91 6.32
N ARG A 71 13.65 -2.18 7.43
CA ARG A 71 14.38 -2.61 8.62
C ARG A 71 13.44 -3.22 9.65
N PRO A 72 14.00 -4.08 10.51
CA PRO A 72 13.23 -4.75 11.57
C PRO A 72 12.77 -3.80 12.66
N GLY A 73 11.55 -3.99 13.14
CA GLY A 73 11.02 -3.13 14.18
C GLY A 73 10.81 -1.71 13.71
N MET A 74 10.24 -1.55 12.51
CA MET A 74 9.98 -0.24 11.95
C MET A 74 8.64 -0.21 11.24
N VAL A 75 7.93 0.92 11.37
CA VAL A 75 6.63 1.08 10.74
C VAL A 75 6.76 1.76 9.38
N TYR A 76 6.01 1.26 8.40
CA TYR A 76 6.03 1.82 7.05
C TYR A 76 4.62 2.03 6.52
N VAL A 77 4.27 3.28 6.26
CA VAL A 77 2.95 3.61 5.74
C VAL A 77 2.80 3.16 4.29
N VAL A 78 2.06 2.09 4.08
CA VAL A 78 1.83 1.55 2.75
C VAL A 78 0.42 1.88 2.25
N GLN A 79 0.30 2.05 0.94
CA GLN A 79 -1.00 2.37 0.34
C GLN A 79 -1.05 1.90 -1.11
N VAL A 80 -2.24 1.57 -1.58
CA VAL A 80 -2.43 1.12 -2.95
C VAL A 80 -3.54 1.89 -3.65
N ARG A 81 -3.39 2.11 -4.95
CA ARG A 81 -4.37 2.85 -5.72
C ARG A 81 -4.69 2.12 -7.02
N ALA A 82 -5.77 2.53 -7.68
CA ALA A 82 -6.18 1.91 -8.93
C ALA A 82 -5.93 2.84 -10.12
N ARG A 83 -5.37 2.29 -11.19
CA ARG A 83 -5.06 3.07 -12.37
C ARG A 83 -5.75 2.46 -13.61
N THR A 84 -6.16 3.34 -14.53
CA THR A 84 -6.83 2.90 -15.74
C THR A 84 -6.39 3.72 -16.94
N VAL A 85 -6.99 3.45 -18.10
CA VAL A 85 -6.64 4.16 -19.32
C VAL A 85 -6.96 5.65 -19.20
N ALA A 86 -7.62 6.01 -18.10
CA ALA A 86 -7.97 7.41 -17.86
C ALA A 86 -6.95 8.10 -16.96
N GLY A 87 -6.31 7.32 -16.10
CA GLY A 87 -5.31 7.87 -15.20
C GLY A 87 -5.21 7.10 -13.90
N TYR A 88 -4.51 7.67 -12.93
CA TYR A 88 -4.33 7.03 -11.63
C TYR A 88 -5.36 7.53 -10.63
N GLY A 89 -5.86 6.63 -9.79
CA GLY A 89 -6.84 7.00 -8.80
C GLY A 89 -6.22 7.28 -7.44
N LYS A 90 -7.03 7.80 -6.52
CA LYS A 90 -6.55 8.12 -5.18
C LYS A 90 -6.09 6.86 -4.45
N PHE A 91 -5.57 7.03 -3.24
CA PHE A 91 -5.09 5.90 -2.45
C PHE A 91 -6.16 5.45 -1.46
N SER A 92 -6.05 4.20 -1.02
CA SER A 92 -7.01 3.64 -0.07
C SER A 92 -6.80 4.22 1.33
N GLY A 93 -7.64 3.80 2.26
CA GLY A 93 -7.54 4.29 3.62
C GLY A 93 -6.15 4.08 4.21
N LYS A 94 -5.46 5.19 4.50
CA LYS A 94 -4.13 5.12 5.06
C LYS A 94 -4.05 4.07 6.16
N MET A 95 -2.93 3.35 6.21
CA MET A 95 -2.72 2.32 7.21
C MET A 95 -1.25 2.19 7.57
N CYS A 96 -0.99 1.68 8.77
CA CYS A 96 0.39 1.52 9.24
C CYS A 96 0.73 0.03 9.41
N PHE A 97 1.87 -0.37 8.88
CA PHE A 97 2.31 -1.76 8.97
C PHE A 97 3.77 -1.85 9.41
N GLN A 98 4.00 -2.50 10.55
CA GLN A 98 5.35 -2.64 11.08
C GLN A 98 5.90 -4.03 10.78
N THR A 99 7.23 -4.13 10.71
CA THR A 99 7.88 -5.40 10.42
C THR A 99 8.02 -6.24 11.68
N LEU A 100 8.70 -7.38 11.56
CA LEU A 100 8.90 -8.28 12.69
C LEU A 100 9.94 -7.71 13.65
N THR A 101 9.66 -7.82 14.95
CA THR A 101 10.57 -7.32 15.97
C THR A 101 11.52 -8.41 16.43
N ASP A 102 12.80 -8.27 16.09
CA ASP A 102 13.81 -9.25 16.49
C ASP A 102 13.90 -9.36 18.01
N SER A 103 13.88 -8.21 18.68
CA SER A 103 13.97 -8.18 20.14
C SER A 103 12.73 -8.80 20.76
N GLY A 104 11.56 -8.41 20.26
CA GLY A 104 10.31 -8.94 20.78
C GLY A 104 9.21 -7.90 20.80
N PRO A 105 7.99 -8.32 21.18
CA PRO A 105 6.83 -7.43 21.25
C PRO A 105 6.95 -6.42 22.39
N SER A 106 6.03 -5.46 22.41
CA SER A 106 6.03 -4.42 23.44
C SER A 106 4.89 -4.66 24.44
N SER A 107 5.05 -4.09 25.63
CA SER A 107 4.04 -4.24 26.68
C SER A 107 2.67 -3.78 26.19
N GLY A 108 1.66 -3.94 27.03
CA GLY A 108 0.32 -3.54 26.66
C GLY A 108 -0.08 -4.02 25.28
N GLY A 1 -9.53 21.75 -4.40
CA GLY A 1 -8.74 22.77 -5.09
C GLY A 1 -9.33 23.13 -6.44
N SER A 2 -8.81 24.19 -7.05
CA SER A 2 -9.30 24.66 -8.34
C SER A 2 -9.57 23.47 -9.26
N SER A 3 -8.56 22.64 -9.46
CA SER A 3 -8.69 21.46 -10.32
C SER A 3 -8.67 20.18 -9.50
N GLY A 4 -9.61 19.28 -9.80
CA GLY A 4 -9.68 18.02 -9.08
C GLY A 4 -10.13 16.87 -9.97
N SER A 5 -9.65 15.67 -9.65
CA SER A 5 -10.01 14.49 -10.43
C SER A 5 -10.60 13.40 -9.53
N SER A 6 -11.18 12.38 -10.16
CA SER A 6 -11.78 11.28 -9.41
C SER A 6 -11.20 9.94 -9.86
N GLY A 7 -11.14 9.74 -11.18
CA GLY A 7 -10.62 8.50 -11.71
C GLY A 7 -11.33 7.27 -11.17
N PRO A 8 -10.66 6.12 -11.23
CA PRO A 8 -11.22 4.86 -10.74
C PRO A 8 -11.35 4.82 -9.23
N SER A 9 -12.22 3.94 -8.73
CA SER A 9 -12.45 3.82 -7.30
C SER A 9 -11.14 3.50 -6.58
N THR A 10 -11.19 3.53 -5.24
CA THR A 10 -10.01 3.25 -4.44
C THR A 10 -10.37 2.40 -3.22
N VAL A 11 -9.54 1.41 -2.94
CA VAL A 11 -9.77 0.52 -1.80
C VAL A 11 -9.99 1.32 -0.52
N PRO A 12 -11.07 0.97 0.21
CA PRO A 12 -11.42 1.64 1.46
C PRO A 12 -10.43 1.33 2.59
N ILE A 13 -10.02 0.07 2.68
CA ILE A 13 -9.08 -0.36 3.71
C ILE A 13 -8.14 -1.44 3.18
N MET A 14 -7.02 -1.63 3.86
CA MET A 14 -6.05 -2.64 3.47
C MET A 14 -5.91 -3.71 4.53
N HIS A 15 -5.80 -4.96 4.10
CA HIS A 15 -5.66 -6.08 5.02
C HIS A 15 -4.32 -6.78 4.82
N GLN A 16 -3.56 -6.90 5.91
CA GLN A 16 -2.26 -7.55 5.85
C GLN A 16 -2.39 -9.07 6.03
N VAL A 17 -1.66 -9.82 5.21
CA VAL A 17 -1.69 -11.27 5.29
C VAL A 17 -0.46 -11.82 5.97
N SER A 18 0.71 -11.28 5.63
CA SER A 18 1.96 -11.71 6.22
C SER A 18 3.03 -10.62 6.10
N ALA A 19 4.14 -10.81 6.81
CA ALA A 19 5.23 -9.85 6.78
C ALA A 19 6.55 -10.51 7.19
N THR A 20 7.65 -9.80 6.93
CA THR A 20 8.98 -10.32 7.26
C THR A 20 9.80 -9.27 8.00
N MET A 21 11.06 -9.60 8.26
CA MET A 21 11.96 -8.67 8.96
C MET A 21 12.60 -7.70 7.97
N ARG A 22 12.53 -8.02 6.69
CA ARG A 22 13.10 -7.16 5.65
C ARG A 22 12.07 -6.86 4.57
N SER A 23 10.82 -7.25 4.82
CA SER A 23 9.74 -7.01 3.86
C SER A 23 8.38 -7.07 4.56
N ILE A 24 7.33 -6.75 3.81
CA ILE A 24 5.97 -6.77 4.34
C ILE A 24 4.96 -7.11 3.27
N THR A 25 4.11 -8.10 3.56
CA THR A 25 3.09 -8.52 2.61
C THR A 25 1.71 -7.98 3.00
N LEU A 26 0.92 -7.63 1.99
CA LEU A 26 -0.42 -7.10 2.23
C LEU A 26 -1.39 -7.55 1.15
N SER A 27 -2.67 -7.24 1.34
CA SER A 27 -3.69 -7.62 0.37
C SER A 27 -4.95 -6.77 0.54
N TRP A 28 -5.40 -6.15 -0.54
CA TRP A 28 -6.59 -5.31 -0.50
C TRP A 28 -7.66 -5.85 -1.44
N PRO A 29 -8.93 -5.66 -1.06
CA PRO A 29 -10.08 -6.12 -1.86
C PRO A 29 -10.25 -5.32 -3.14
N GLN A 30 -10.80 -5.96 -4.16
CA GLN A 30 -11.02 -5.31 -5.45
C GLN A 30 -12.26 -4.43 -5.40
N PRO A 31 -12.14 -3.20 -5.95
CA PRO A 31 -13.24 -2.24 -5.99
C PRO A 31 -14.34 -2.65 -6.95
N GLU A 32 -15.43 -1.88 -6.98
CA GLU A 32 -16.54 -2.17 -7.86
C GLU A 32 -16.79 -1.02 -8.83
N GLN A 33 -16.18 0.13 -8.54
CA GLN A 33 -16.35 1.31 -9.39
C GLN A 33 -15.01 1.73 -9.98
N PRO A 34 -14.26 0.76 -10.53
CA PRO A 34 -12.96 1.01 -11.15
C PRO A 34 -13.07 1.80 -12.44
N ASN A 35 -14.30 2.14 -12.83
CA ASN A 35 -14.54 2.89 -14.05
C ASN A 35 -13.87 2.22 -15.25
N GLY A 36 -13.79 0.90 -15.21
CA GLY A 36 -13.18 0.16 -16.30
C GLY A 36 -12.35 -1.02 -15.81
N ILE A 37 -11.53 -1.56 -16.69
CA ILE A 37 -10.69 -2.71 -16.33
C ILE A 37 -9.37 -2.25 -15.71
N ILE A 38 -9.18 -2.58 -14.43
CA ILE A 38 -7.97 -2.19 -13.72
C ILE A 38 -6.74 -2.91 -14.30
N LEU A 39 -5.83 -2.15 -14.89
CA LEU A 39 -4.63 -2.70 -15.47
C LEU A 39 -3.70 -3.28 -14.39
N ASP A 40 -3.33 -2.44 -13.43
CA ASP A 40 -2.46 -2.86 -12.34
C ASP A 40 -2.72 -2.03 -11.09
N TYR A 41 -2.02 -2.36 -10.02
CA TYR A 41 -2.17 -1.64 -8.75
C TYR A 41 -0.82 -1.14 -8.24
N GLU A 42 -0.73 0.16 -8.04
CA GLU A 42 0.51 0.77 -7.55
C GLU A 42 0.51 0.84 -6.02
N ILE A 43 1.71 0.78 -5.44
CA ILE A 43 1.86 0.83 -4.00
C ILE A 43 2.95 1.82 -3.59
N ARG A 44 2.59 2.76 -2.71
CA ARG A 44 3.55 3.75 -2.24
C ARG A 44 3.74 3.67 -0.73
N TYR A 45 4.97 3.43 -0.30
CA TYR A 45 5.28 3.32 1.12
C TYR A 45 6.43 4.26 1.50
N TYR A 46 6.39 4.77 2.73
CA TYR A 46 7.42 5.67 3.22
C TYR A 46 7.59 5.54 4.72
N GLU A 47 8.77 5.91 5.22
CA GLU A 47 9.05 5.84 6.65
C GLU A 47 8.10 6.71 7.45
N LYS A 48 7.63 6.20 8.58
CA LYS A 48 6.70 6.93 9.44
C LYS A 48 7.30 8.28 9.84
N GLU A 49 8.61 8.40 9.73
CA GLU A 49 9.29 9.64 10.08
C GLU A 49 9.72 10.39 8.83
N HIS A 50 9.09 10.08 7.70
CA HIS A 50 9.39 10.73 6.44
C HIS A 50 8.13 11.25 5.78
N ASN A 51 8.29 11.86 4.59
CA ASN A 51 7.15 12.40 3.86
C ASN A 51 6.97 11.65 2.53
N GLU A 52 5.94 12.04 1.79
CA GLU A 52 5.65 11.41 0.51
C GLU A 52 6.79 11.65 -0.48
N PHE A 53 7.48 12.77 -0.33
CA PHE A 53 8.59 13.12 -1.21
C PHE A 53 9.58 11.96 -1.31
N ASN A 54 10.28 11.68 -0.21
CA ASN A 54 11.26 10.61 -0.17
C ASN A 54 10.59 9.28 0.15
N SER A 55 9.76 8.79 -0.76
CA SER A 55 9.05 7.53 -0.56
C SER A 55 9.43 6.52 -1.64
N SER A 56 8.84 5.33 -1.55
CA SER A 56 9.12 4.27 -2.51
C SER A 56 7.83 3.82 -3.20
N MET A 57 7.95 3.43 -4.47
CA MET A 57 6.80 2.97 -5.24
C MET A 57 7.02 1.55 -5.76
N ALA A 58 5.93 0.83 -6.00
CA ALA A 58 6.00 -0.53 -6.50
C ALA A 58 4.71 -0.94 -7.20
N ARG A 59 4.84 -1.39 -8.44
CA ARG A 59 3.68 -1.82 -9.22
C ARG A 59 3.36 -3.29 -8.97
N SER A 60 2.09 -3.65 -9.12
CA SER A 60 1.65 -5.02 -8.92
C SER A 60 0.60 -5.42 -9.94
N GLN A 61 0.73 -6.63 -10.46
CA GLN A 61 -0.21 -7.13 -11.46
C GLN A 61 -1.42 -7.78 -10.79
N THR A 62 -1.68 -7.40 -9.54
CA THR A 62 -2.80 -7.94 -8.79
C THR A 62 -3.07 -7.11 -7.54
N ASN A 63 -4.12 -7.48 -6.81
CA ASN A 63 -4.49 -6.77 -5.59
C ASN A 63 -3.57 -7.16 -4.43
N THR A 64 -2.53 -7.92 -4.75
CA THR A 64 -1.59 -8.37 -3.74
C THR A 64 -0.15 -8.07 -4.16
N ALA A 65 0.58 -7.36 -3.30
CA ALA A 65 1.96 -7.01 -3.59
C ALA A 65 2.81 -6.99 -2.32
N ARG A 66 4.01 -7.55 -2.41
CA ARG A 66 4.91 -7.61 -1.26
C ARG A 66 5.94 -6.48 -1.33
N ILE A 67 6.26 -5.90 -0.18
CA ILE A 67 7.23 -4.82 -0.11
C ILE A 67 8.57 -5.32 0.43
N ASP A 68 9.63 -5.07 -0.32
CA ASP A 68 10.98 -5.49 0.08
C ASP A 68 11.92 -4.30 0.17
N GLY A 69 12.88 -4.37 1.09
CA GLY A 69 13.83 -3.29 1.26
C GLY A 69 13.48 -2.39 2.43
N LEU A 70 13.16 -3.00 3.57
CA LEU A 70 12.80 -2.25 4.77
C LEU A 70 13.66 -2.69 5.96
N ARG A 71 13.51 -1.99 7.07
CA ARG A 71 14.27 -2.30 8.28
C ARG A 71 13.41 -3.06 9.28
N PRO A 72 14.05 -3.95 10.05
CA PRO A 72 13.37 -4.76 11.07
C PRO A 72 12.87 -3.94 12.25
N GLY A 73 11.60 -4.10 12.59
CA GLY A 73 11.03 -3.36 13.71
C GLY A 73 10.81 -1.90 13.37
N MET A 74 10.24 -1.64 12.21
CA MET A 74 9.97 -0.27 11.78
C MET A 74 8.62 -0.18 11.06
N VAL A 75 7.86 0.86 11.38
CA VAL A 75 6.56 1.07 10.77
C VAL A 75 6.69 1.80 9.44
N TYR A 76 5.91 1.35 8.45
CA TYR A 76 5.94 1.96 7.12
C TYR A 76 4.53 2.19 6.60
N VAL A 77 4.20 3.45 6.32
CA VAL A 77 2.88 3.80 5.81
C VAL A 77 2.72 3.37 4.36
N VAL A 78 2.13 2.19 4.17
CA VAL A 78 1.92 1.66 2.83
C VAL A 78 0.54 2.06 2.30
N GLN A 79 0.45 2.26 0.99
CA GLN A 79 -0.81 2.64 0.35
C GLN A 79 -1.03 1.85 -0.93
N VAL A 80 -2.20 2.03 -1.53
CA VAL A 80 -2.54 1.34 -2.77
C VAL A 80 -3.60 2.11 -3.56
N ARG A 81 -3.39 2.23 -4.86
CA ARG A 81 -4.32 2.94 -5.72
C ARG A 81 -4.70 2.09 -6.94
N ALA A 82 -5.76 2.49 -7.63
CA ALA A 82 -6.21 1.77 -8.81
C ALA A 82 -5.95 2.57 -10.08
N ARG A 83 -5.22 1.97 -11.01
CA ARG A 83 -4.90 2.64 -12.27
C ARG A 83 -5.64 1.99 -13.43
N THR A 84 -6.18 2.81 -14.33
CA THR A 84 -6.91 2.31 -15.48
C THR A 84 -6.49 3.04 -16.75
N VAL A 85 -7.05 2.62 -17.88
CA VAL A 85 -6.74 3.23 -19.17
C VAL A 85 -7.11 4.70 -19.19
N ALA A 86 -7.86 5.14 -18.17
CA ALA A 86 -8.28 6.52 -18.07
C ALA A 86 -7.24 7.37 -17.35
N GLY A 87 -6.78 6.87 -16.21
CA GLY A 87 -5.78 7.59 -15.43
C GLY A 87 -5.37 6.85 -14.17
N TYR A 88 -4.91 7.61 -13.18
CA TYR A 88 -4.49 7.01 -11.92
C TYR A 88 -5.52 7.27 -10.82
N GLY A 89 -5.78 6.25 -10.00
CA GLY A 89 -6.73 6.39 -8.93
C GLY A 89 -6.12 6.95 -7.66
N LYS A 90 -6.96 7.30 -6.70
CA LYS A 90 -6.50 7.86 -5.43
C LYS A 90 -5.78 6.80 -4.61
N PHE A 91 -5.22 7.21 -3.48
CA PHE A 91 -4.51 6.29 -2.60
C PHE A 91 -5.38 5.92 -1.39
N SER A 92 -5.38 4.63 -1.05
CA SER A 92 -6.17 4.14 0.07
C SER A 92 -5.65 4.71 1.38
N GLY A 93 -6.57 4.90 2.33
CA GLY A 93 -6.19 5.45 3.62
C GLY A 93 -4.85 4.93 4.10
N LYS A 94 -4.00 5.84 4.57
CA LYS A 94 -2.68 5.48 5.06
C LYS A 94 -2.78 4.34 6.08
N MET A 95 -2.14 3.23 5.77
CA MET A 95 -2.14 2.07 6.66
C MET A 95 -0.81 1.91 7.36
N CYS A 96 -0.83 1.38 8.58
CA CYS A 96 0.39 1.18 9.35
C CYS A 96 0.76 -0.29 9.40
N PHE A 97 2.00 -0.60 9.01
CA PHE A 97 2.49 -1.97 9.00
C PHE A 97 3.95 -2.03 9.43
N GLN A 98 4.21 -2.75 10.51
CA GLN A 98 5.56 -2.89 11.04
C GLN A 98 6.13 -4.27 10.72
N THR A 99 7.42 -4.32 10.40
CA THR A 99 8.08 -5.58 10.08
C THR A 99 8.25 -6.44 11.32
N LEU A 100 8.85 -7.62 11.13
CA LEU A 100 9.08 -8.53 12.25
C LEU A 100 10.17 -8.01 13.17
N THR A 101 9.89 -8.01 14.47
CA THR A 101 10.84 -7.54 15.47
C THR A 101 11.58 -8.71 16.11
N ASP A 102 12.88 -8.79 15.86
CA ASP A 102 13.71 -9.86 16.43
C ASP A 102 13.86 -9.69 17.94
N SER A 103 14.20 -8.48 18.36
CA SER A 103 14.39 -8.18 19.77
C SER A 103 13.23 -7.34 20.31
N GLY A 104 12.75 -7.71 21.48
CA GLY A 104 11.65 -6.98 22.09
C GLY A 104 10.51 -7.89 22.51
N PRO A 105 10.76 -8.71 23.55
CA PRO A 105 9.76 -9.65 24.07
C PRO A 105 8.61 -8.94 24.78
N SER A 106 8.72 -7.61 24.91
CA SER A 106 7.69 -6.82 25.56
C SER A 106 6.43 -6.75 24.71
N SER A 107 5.32 -7.24 25.25
CA SER A 107 4.05 -7.23 24.53
C SER A 107 2.94 -6.63 25.40
N GLY A 108 2.12 -5.79 24.80
CA GLY A 108 1.02 -5.16 25.53
C GLY A 108 1.24 -3.68 25.75
N GLY A 1 -5.84 21.91 -3.12
CA GLY A 1 -6.68 20.73 -3.30
C GLY A 1 -5.92 19.57 -3.92
N SER A 2 -5.17 18.85 -3.10
CA SER A 2 -4.40 17.70 -3.57
C SER A 2 -5.23 16.85 -4.53
N SER A 3 -6.39 16.41 -4.06
CA SER A 3 -7.27 15.58 -4.88
C SER A 3 -8.24 16.44 -5.67
N GLY A 4 -8.39 16.14 -6.96
CA GLY A 4 -9.28 16.89 -7.81
C GLY A 4 -9.67 16.12 -9.06
N SER A 5 -8.69 15.50 -9.71
CA SER A 5 -8.94 14.74 -10.92
C SER A 5 -9.54 13.38 -10.60
N SER A 6 -10.83 13.23 -10.88
CA SER A 6 -11.53 11.97 -10.61
C SER A 6 -10.85 10.81 -11.35
N GLY A 7 -11.07 9.59 -10.84
CA GLY A 7 -10.48 8.43 -11.46
C GLY A 7 -11.22 7.15 -11.11
N PRO A 8 -10.54 6.00 -11.26
CA PRO A 8 -11.12 4.69 -10.97
C PRO A 8 -11.33 4.47 -9.47
N SER A 9 -12.32 3.65 -9.13
CA SER A 9 -12.61 3.36 -7.74
C SER A 9 -11.39 2.81 -7.01
N THR A 10 -11.28 3.14 -5.73
CA THR A 10 -10.14 2.69 -4.93
C THR A 10 -10.60 1.74 -3.83
N VAL A 11 -9.65 1.02 -3.24
CA VAL A 11 -9.95 0.08 -2.16
C VAL A 11 -10.38 0.80 -0.89
N PRO A 12 -11.43 0.29 -0.24
CA PRO A 12 -11.96 0.87 0.99
C PRO A 12 -11.01 0.69 2.18
N ILE A 13 -10.57 -0.55 2.39
CA ILE A 13 -9.66 -0.86 3.48
C ILE A 13 -8.57 -1.82 3.03
N MET A 14 -7.49 -1.89 3.81
CA MET A 14 -6.38 -2.78 3.49
C MET A 14 -6.29 -3.93 4.49
N HIS A 15 -5.71 -5.04 4.06
CA HIS A 15 -5.57 -6.21 4.94
C HIS A 15 -4.20 -6.85 4.75
N GLN A 16 -3.56 -7.19 5.86
CA GLN A 16 -2.24 -7.82 5.82
C GLN A 16 -2.36 -9.34 5.85
N VAL A 17 -1.48 -10.01 5.10
CA VAL A 17 -1.49 -11.46 5.03
C VAL A 17 -0.27 -12.05 5.73
N SER A 18 0.88 -11.42 5.52
CA SER A 18 2.13 -11.88 6.13
C SER A 18 3.17 -10.76 6.16
N ALA A 19 4.34 -11.08 6.70
CA ALA A 19 5.42 -10.09 6.78
C ALA A 19 6.70 -10.73 7.31
N THR A 20 7.84 -10.18 6.91
CA THR A 20 9.13 -10.69 7.35
C THR A 20 9.89 -9.67 8.17
N MET A 21 11.14 -9.98 8.52
CA MET A 21 11.97 -9.08 9.30
C MET A 21 12.32 -7.84 8.50
N ARG A 22 12.52 -8.01 7.21
CA ARG A 22 12.86 -6.90 6.32
C ARG A 22 11.90 -6.82 5.14
N SER A 23 10.64 -7.17 5.39
CA SER A 23 9.62 -7.14 4.34
C SER A 23 8.22 -7.12 4.96
N ILE A 24 7.22 -6.90 4.11
CA ILE A 24 5.84 -6.85 4.56
C ILE A 24 4.89 -7.29 3.46
N THR A 25 3.96 -8.18 3.79
CA THR A 25 2.99 -8.67 2.83
C THR A 25 1.59 -8.12 3.12
N LEU A 26 1.05 -7.39 2.15
CA LEU A 26 -0.29 -6.81 2.31
C LEU A 26 -1.23 -7.28 1.20
N SER A 27 -2.50 -6.93 1.31
CA SER A 27 -3.50 -7.32 0.33
C SER A 27 -4.72 -6.40 0.39
N TRP A 28 -5.44 -6.32 -0.72
CA TRP A 28 -6.62 -5.47 -0.79
C TRP A 28 -7.64 -6.04 -1.78
N PRO A 29 -8.93 -5.87 -1.48
CA PRO A 29 -10.01 -6.36 -2.34
C PRO A 29 -10.12 -5.57 -3.65
N GLN A 30 -10.86 -6.12 -4.61
CA GLN A 30 -11.03 -5.47 -5.90
C GLN A 30 -12.29 -4.61 -5.90
N PRO A 31 -12.16 -3.38 -6.43
CA PRO A 31 -13.28 -2.44 -6.51
C PRO A 31 -14.34 -2.87 -7.53
N GLU A 32 -15.56 -2.35 -7.37
CA GLU A 32 -16.64 -2.69 -8.27
C GLU A 32 -16.89 -1.57 -9.27
N GLN A 33 -16.35 -0.40 -8.98
CA GLN A 33 -16.51 0.76 -9.86
C GLN A 33 -15.15 1.26 -10.35
N PRO A 34 -14.34 0.32 -10.88
CA PRO A 34 -13.01 0.65 -11.41
C PRO A 34 -13.07 1.47 -12.69
N ASN A 35 -14.29 1.80 -13.11
CA ASN A 35 -14.48 2.59 -14.32
C ASN A 35 -13.72 1.97 -15.50
N GLY A 36 -13.49 0.67 -15.43
CA GLY A 36 -12.78 -0.03 -16.49
C GLY A 36 -11.85 -1.10 -15.96
N ILE A 37 -11.27 -1.88 -16.87
CA ILE A 37 -10.37 -2.96 -16.49
C ILE A 37 -9.09 -2.39 -15.87
N ILE A 38 -8.91 -2.63 -14.57
CA ILE A 38 -7.73 -2.16 -13.86
C ILE A 38 -6.46 -2.83 -14.39
N LEU A 39 -5.63 -2.04 -15.06
CA LEU A 39 -4.38 -2.56 -15.62
C LEU A 39 -3.48 -3.10 -14.52
N ASP A 40 -3.23 -2.28 -13.51
CA ASP A 40 -2.38 -2.68 -12.39
C ASP A 40 -2.65 -1.81 -11.17
N TYR A 41 -2.01 -2.16 -10.04
CA TYR A 41 -2.19 -1.41 -8.81
C TYR A 41 -0.85 -0.89 -8.29
N GLU A 42 -0.79 0.41 -8.02
CA GLU A 42 0.43 1.03 -7.51
C GLU A 42 0.46 1.00 -6.00
N ILE A 43 1.66 0.84 -5.44
CA ILE A 43 1.83 0.81 -3.99
C ILE A 43 2.96 1.74 -3.55
N ARG A 44 2.61 2.74 -2.75
CA ARG A 44 3.59 3.70 -2.26
C ARG A 44 3.81 3.53 -0.76
N TYR A 45 5.07 3.34 -0.37
CA TYR A 45 5.42 3.15 1.04
C TYR A 45 6.63 3.99 1.41
N TYR A 46 6.61 4.55 2.62
CA TYR A 46 7.71 5.38 3.09
C TYR A 46 7.78 5.36 4.62
N GLU A 47 8.99 5.53 5.16
CA GLU A 47 9.19 5.54 6.60
C GLU A 47 8.24 6.52 7.28
N LYS A 48 7.56 6.07 8.32
CA LYS A 48 6.63 6.92 9.05
C LYS A 48 7.24 8.28 9.35
N GLU A 49 8.57 8.31 9.45
CA GLU A 49 9.28 9.55 9.73
C GLU A 49 9.48 10.36 8.45
N HIS A 50 9.62 9.66 7.32
CA HIS A 50 9.82 10.31 6.03
C HIS A 50 8.48 10.75 5.43
N ASN A 51 8.55 11.45 4.31
CA ASN A 51 7.34 11.92 3.62
C ASN A 51 7.29 11.39 2.20
N GLU A 52 6.10 11.44 1.60
CA GLU A 52 5.91 10.96 0.23
C GLU A 52 7.08 11.39 -0.65
N PHE A 53 7.71 12.50 -0.29
CA PHE A 53 8.85 13.02 -1.05
C PHE A 53 9.85 11.91 -1.37
N ASN A 54 10.35 11.27 -0.33
CA ASN A 54 11.32 10.19 -0.49
C ASN A 54 10.66 8.83 -0.26
N SER A 55 9.57 8.57 -0.98
CA SER A 55 8.85 7.32 -0.86
C SER A 55 9.16 6.39 -2.04
N SER A 56 8.87 5.11 -1.86
CA SER A 56 9.13 4.11 -2.90
C SER A 56 7.81 3.58 -3.46
N MET A 57 7.69 3.60 -4.79
CA MET A 57 6.49 3.12 -5.46
C MET A 57 6.76 1.79 -6.17
N ALA A 58 5.81 0.88 -6.09
CA ALA A 58 5.94 -0.43 -6.72
C ALA A 58 4.64 -0.83 -7.43
N ARG A 59 4.76 -1.23 -8.69
CA ARG A 59 3.60 -1.64 -9.47
C ARG A 59 3.33 -3.13 -9.30
N SER A 60 2.06 -3.50 -9.22
CA SER A 60 1.67 -4.89 -9.06
C SER A 60 0.54 -5.26 -10.01
N GLN A 61 0.72 -6.37 -10.73
CA GLN A 61 -0.28 -6.83 -11.69
C GLN A 61 -1.40 -7.60 -10.98
N THR A 62 -1.43 -7.49 -9.65
CA THR A 62 -2.45 -8.17 -8.86
C THR A 62 -2.85 -7.35 -7.65
N ASN A 63 -3.86 -7.82 -6.92
CA ASN A 63 -4.33 -7.12 -5.73
C ASN A 63 -3.51 -7.49 -4.51
N THR A 64 -2.27 -7.92 -4.76
CA THR A 64 -1.38 -8.31 -3.67
C THR A 64 0.08 -7.97 -4.01
N ALA A 65 0.76 -7.31 -3.08
CA ALA A 65 2.15 -6.92 -3.27
C ALA A 65 2.91 -6.93 -1.96
N ARG A 66 4.10 -7.51 -1.97
CA ARG A 66 4.94 -7.59 -0.78
C ARG A 66 6.12 -6.63 -0.87
N ILE A 67 6.26 -5.77 0.13
CA ILE A 67 7.35 -4.80 0.17
C ILE A 67 8.59 -5.39 0.83
N ASP A 68 9.70 -5.41 0.10
CA ASP A 68 10.95 -5.93 0.61
C ASP A 68 12.04 -4.86 0.62
N GLY A 69 12.94 -4.94 1.59
CA GLY A 69 14.01 -3.97 1.70
C GLY A 69 13.76 -2.95 2.79
N LEU A 70 13.21 -3.41 3.90
CA LEU A 70 12.92 -2.53 5.03
C LEU A 70 13.72 -2.95 6.26
N ARG A 71 13.65 -2.14 7.31
CA ARG A 71 14.36 -2.42 8.55
C ARG A 71 13.45 -3.12 9.55
N PRO A 72 14.05 -3.97 10.40
CA PRO A 72 13.30 -4.72 11.43
C PRO A 72 12.77 -3.82 12.53
N GLY A 73 11.52 -4.03 12.92
CA GLY A 73 10.91 -3.23 13.96
C GLY A 73 10.73 -1.78 13.55
N MET A 74 10.13 -1.57 12.38
CA MET A 74 9.88 -0.23 11.87
C MET A 74 8.54 -0.15 11.16
N VAL A 75 7.81 0.94 11.39
CA VAL A 75 6.52 1.15 10.78
C VAL A 75 6.64 1.85 9.43
N TYR A 76 5.94 1.34 8.43
CA TYR A 76 5.98 1.93 7.09
C TYR A 76 4.58 2.11 6.54
N VAL A 77 4.20 3.36 6.29
CA VAL A 77 2.88 3.67 5.76
C VAL A 77 2.77 3.26 4.30
N VAL A 78 2.08 2.15 4.06
CA VAL A 78 1.90 1.63 2.71
C VAL A 78 0.50 1.94 2.19
N GLN A 79 0.42 2.40 0.95
CA GLN A 79 -0.86 2.74 0.34
C GLN A 79 -1.02 2.05 -1.01
N VAL A 80 -2.24 2.08 -1.55
CA VAL A 80 -2.52 1.44 -2.83
C VAL A 80 -3.63 2.18 -3.57
N ARG A 81 -3.50 2.26 -4.89
CA ARG A 81 -4.49 2.95 -5.72
C ARG A 81 -4.80 2.14 -6.98
N ALA A 82 -5.88 2.50 -7.65
CA ALA A 82 -6.30 1.81 -8.86
C ALA A 82 -5.95 2.62 -10.11
N ARG A 83 -5.33 1.97 -11.08
CA ARG A 83 -4.94 2.64 -12.32
C ARG A 83 -5.60 1.97 -13.53
N THR A 84 -6.18 2.79 -14.40
CA THR A 84 -6.84 2.28 -15.59
C THR A 84 -6.49 3.12 -16.81
N VAL A 85 -7.06 2.75 -17.96
CA VAL A 85 -6.82 3.47 -19.20
C VAL A 85 -7.30 4.92 -19.10
N ALA A 86 -8.11 5.19 -18.08
CA ALA A 86 -8.63 6.54 -17.87
C ALA A 86 -7.62 7.41 -17.13
N GLY A 87 -7.07 6.87 -16.04
CA GLY A 87 -6.10 7.62 -15.26
C GLY A 87 -5.80 6.95 -13.94
N TYR A 88 -4.92 7.58 -13.15
CA TYR A 88 -4.54 7.04 -11.85
C TYR A 88 -5.61 7.35 -10.80
N GLY A 89 -5.88 6.39 -9.93
CA GLY A 89 -6.87 6.59 -8.89
C GLY A 89 -6.25 7.02 -7.57
N LYS A 90 -7.09 7.47 -6.65
CA LYS A 90 -6.62 7.91 -5.34
C LYS A 90 -6.11 6.73 -4.51
N PHE A 91 -5.41 7.03 -3.43
CA PHE A 91 -4.87 6.00 -2.56
C PHE A 91 -5.90 5.56 -1.54
N SER A 92 -5.73 4.35 -1.01
CA SER A 92 -6.65 3.80 -0.03
C SER A 92 -6.38 4.39 1.36
N GLY A 93 -7.18 3.97 2.33
CA GLY A 93 -7.01 4.47 3.69
C GLY A 93 -5.61 4.26 4.22
N LYS A 94 -4.84 5.33 4.27
CA LYS A 94 -3.46 5.27 4.76
C LYS A 94 -3.35 4.36 5.98
N MET A 95 -2.61 3.27 5.83
CA MET A 95 -2.43 2.32 6.94
C MET A 95 -0.97 2.29 7.38
N CYS A 96 -0.72 1.63 8.51
CA CYS A 96 0.63 1.51 9.05
C CYS A 96 0.97 0.06 9.36
N PHE A 97 1.99 -0.46 8.67
CA PHE A 97 2.41 -1.85 8.87
C PHE A 97 3.85 -1.91 9.36
N GLN A 98 4.10 -2.71 10.39
CA GLN A 98 5.44 -2.85 10.95
C GLN A 98 5.99 -4.24 10.67
N THR A 99 7.32 -4.33 10.59
CA THR A 99 7.99 -5.60 10.32
C THR A 99 8.12 -6.42 11.59
N LEU A 100 8.71 -7.61 11.45
CA LEU A 100 8.90 -8.51 12.59
C LEU A 100 10.00 -7.99 13.50
N THR A 101 9.72 -7.90 14.79
CA THR A 101 10.68 -7.43 15.77
C THR A 101 11.45 -8.58 16.39
N ASP A 102 12.72 -8.73 16.00
CA ASP A 102 13.56 -9.80 16.52
C ASP A 102 13.66 -9.73 18.04
N SER A 103 13.91 -8.52 18.55
CA SER A 103 14.03 -8.31 19.99
C SER A 103 13.15 -7.16 20.45
N GLY A 104 12.96 -7.06 21.76
CA GLY A 104 12.14 -5.99 22.31
C GLY A 104 11.47 -6.39 23.61
N PRO A 105 12.12 -6.06 24.74
CA PRO A 105 11.59 -6.38 26.07
C PRO A 105 10.36 -5.55 26.42
N SER A 106 9.58 -6.04 27.38
CA SER A 106 8.37 -5.35 27.81
C SER A 106 8.33 -5.18 29.32
N SER A 107 7.31 -4.49 29.82
CA SER A 107 7.18 -4.26 31.25
C SER A 107 5.78 -4.64 31.73
N GLY A 108 5.71 -5.70 32.53
CA GLY A 108 4.42 -6.15 33.04
C GLY A 108 3.32 -6.06 32.02
N GLY A 1 -7.42 22.88 -7.81
CA GLY A 1 -6.75 21.61 -7.58
C GLY A 1 -6.83 20.69 -8.78
N SER A 2 -5.74 19.99 -9.06
CA SER A 2 -5.69 19.07 -10.18
C SER A 2 -6.07 17.65 -9.75
N SER A 3 -7.26 17.23 -10.13
CA SER A 3 -7.75 15.90 -9.78
C SER A 3 -8.87 15.47 -10.73
N GLY A 4 -8.73 14.27 -11.29
CA GLY A 4 -9.73 13.76 -12.20
C GLY A 4 -11.12 13.73 -11.58
N SER A 5 -12.11 14.21 -12.33
CA SER A 5 -13.48 14.25 -11.84
C SER A 5 -14.03 12.83 -11.67
N SER A 6 -13.77 11.98 -12.65
CA SER A 6 -14.25 10.60 -12.61
C SER A 6 -13.08 9.63 -12.82
N GLY A 7 -12.55 9.09 -11.73
CA GLY A 7 -11.45 8.16 -11.82
C GLY A 7 -11.83 6.77 -11.35
N PRO A 8 -10.87 5.83 -11.42
CA PRO A 8 -11.09 4.44 -11.00
C PRO A 8 -11.24 4.31 -9.50
N SER A 9 -12.31 3.64 -9.07
CA SER A 9 -12.57 3.45 -7.65
C SER A 9 -11.31 2.99 -6.92
N THR A 10 -11.29 3.20 -5.61
CA THR A 10 -10.14 2.82 -4.80
C THR A 10 -10.56 1.91 -3.65
N VAL A 11 -9.64 1.05 -3.21
CA VAL A 11 -9.92 0.13 -2.11
C VAL A 11 -10.34 0.88 -0.86
N PRO A 12 -11.41 0.40 -0.20
CA PRO A 12 -11.93 1.00 1.03
C PRO A 12 -10.99 0.82 2.21
N ILE A 13 -10.46 -0.39 2.36
CA ILE A 13 -9.55 -0.71 3.44
C ILE A 13 -8.46 -1.68 3.00
N MET A 14 -7.36 -1.72 3.74
CA MET A 14 -6.26 -2.61 3.42
C MET A 14 -6.12 -3.70 4.48
N HIS A 15 -5.76 -4.91 4.03
CA HIS A 15 -5.59 -6.03 4.95
C HIS A 15 -4.19 -6.63 4.82
N GLN A 16 -3.66 -7.13 5.93
CA GLN A 16 -2.33 -7.74 5.94
C GLN A 16 -2.42 -9.24 6.12
N VAL A 17 -1.56 -9.97 5.41
CA VAL A 17 -1.54 -11.43 5.50
C VAL A 17 -0.33 -11.91 6.30
N SER A 18 0.81 -11.29 6.06
CA SER A 18 2.04 -11.66 6.75
C SER A 18 3.10 -10.58 6.61
N ALA A 19 4.30 -10.86 7.11
CA ALA A 19 5.41 -9.91 7.03
C ALA A 19 6.69 -10.51 7.56
N THR A 20 7.82 -10.12 6.98
CA THR A 20 9.11 -10.62 7.40
C THR A 20 9.90 -9.56 8.15
N MET A 21 11.14 -9.88 8.51
CA MET A 21 12.00 -8.96 9.24
C MET A 21 12.49 -7.83 8.33
N ARG A 22 12.60 -8.13 7.03
CA ARG A 22 13.05 -7.14 6.06
C ARG A 22 12.05 -7.01 4.91
N SER A 23 10.81 -7.43 5.17
CA SER A 23 9.76 -7.37 4.16
C SER A 23 8.38 -7.40 4.82
N ILE A 24 7.35 -7.05 4.05
CA ILE A 24 5.98 -7.05 4.55
C ILE A 24 5.00 -7.43 3.46
N THR A 25 3.98 -8.20 3.82
CA THR A 25 2.96 -8.63 2.87
C THR A 25 1.66 -7.87 3.08
N LEU A 26 0.91 -7.67 2.00
CA LEU A 26 -0.35 -6.95 2.06
C LEU A 26 -1.35 -7.51 1.05
N SER A 27 -2.62 -7.17 1.23
CA SER A 27 -3.66 -7.64 0.33
C SER A 27 -4.91 -6.76 0.44
N TRP A 28 -5.45 -6.38 -0.71
CA TRP A 28 -6.64 -5.53 -0.75
C TRP A 28 -7.66 -6.07 -1.75
N PRO A 29 -8.95 -5.92 -1.41
CA PRO A 29 -10.05 -6.39 -2.27
C PRO A 29 -10.17 -5.56 -3.54
N GLN A 30 -10.69 -6.18 -4.60
CA GLN A 30 -10.86 -5.49 -5.88
C GLN A 30 -12.12 -4.64 -5.87
N PRO A 31 -12.00 -3.40 -6.36
CA PRO A 31 -13.11 -2.45 -6.41
C PRO A 31 -14.17 -2.86 -7.44
N GLU A 32 -15.32 -2.20 -7.39
CA GLU A 32 -16.41 -2.49 -8.30
C GLU A 32 -16.68 -1.31 -9.22
N GLN A 33 -16.13 -0.16 -8.87
CA GLN A 33 -16.31 1.05 -9.67
C GLN A 33 -14.98 1.56 -10.20
N PRO A 34 -14.21 0.66 -10.83
CA PRO A 34 -12.90 0.99 -11.40
C PRO A 34 -13.01 1.89 -12.62
N ASN A 35 -14.22 2.01 -13.16
CA ASN A 35 -14.46 2.84 -14.34
C ASN A 35 -13.53 2.46 -15.47
N GLY A 36 -13.24 1.17 -15.59
CA GLY A 36 -12.36 0.69 -16.63
C GLY A 36 -11.45 -0.44 -16.17
N ILE A 37 -11.09 -1.32 -17.10
CA ILE A 37 -10.23 -2.45 -16.78
C ILE A 37 -8.97 -1.99 -16.07
N ILE A 38 -8.84 -2.35 -14.80
CA ILE A 38 -7.68 -1.97 -14.00
C ILE A 38 -6.41 -2.62 -14.56
N LEU A 39 -5.53 -1.80 -15.13
CA LEU A 39 -4.28 -2.29 -15.71
C LEU A 39 -3.42 -2.96 -14.63
N ASP A 40 -3.03 -2.17 -13.64
CA ASP A 40 -2.20 -2.68 -12.54
C ASP A 40 -2.49 -1.94 -11.25
N TYR A 41 -1.78 -2.30 -10.19
CA TYR A 41 -1.97 -1.66 -8.89
C TYR A 41 -0.63 -1.18 -8.32
N GLU A 42 -0.55 0.12 -8.05
CA GLU A 42 0.67 0.71 -7.50
C GLU A 42 0.59 0.82 -5.99
N ILE A 43 1.73 0.64 -5.33
CA ILE A 43 1.79 0.72 -3.87
C ILE A 43 2.91 1.65 -3.42
N ARG A 44 2.54 2.75 -2.80
CA ARG A 44 3.51 3.72 -2.31
C ARG A 44 3.79 3.52 -0.83
N TYR A 45 5.06 3.34 -0.49
CA TYR A 45 5.46 3.13 0.89
C TYR A 45 6.60 4.07 1.29
N TYR A 46 6.57 4.54 2.53
CA TYR A 46 7.60 5.44 3.03
C TYR A 46 7.75 5.33 4.54
N GLU A 47 8.89 5.75 5.05
CA GLU A 47 9.16 5.69 6.49
C GLU A 47 8.23 6.64 7.25
N LYS A 48 7.58 6.11 8.28
CA LYS A 48 6.66 6.91 9.08
C LYS A 48 7.25 8.28 9.37
N GLU A 49 8.57 8.36 9.43
CA GLU A 49 9.25 9.62 9.70
C GLU A 49 9.40 10.44 8.42
N HIS A 50 9.62 9.75 7.30
CA HIS A 50 9.77 10.42 6.02
C HIS A 50 8.42 10.91 5.49
N ASN A 51 8.45 11.68 4.41
CA ASN A 51 7.23 12.21 3.81
C ASN A 51 7.06 11.69 2.39
N GLU A 52 5.91 11.98 1.80
CA GLU A 52 5.63 11.55 0.43
C GLU A 52 6.77 11.89 -0.51
N PHE A 53 7.33 13.08 -0.33
CA PHE A 53 8.43 13.53 -1.17
C PHE A 53 9.48 12.42 -1.34
N ASN A 54 10.05 11.99 -0.22
CA ASN A 54 11.06 10.94 -0.24
C ASN A 54 10.43 9.57 -0.03
N SER A 55 9.41 9.27 -0.84
CA SER A 55 8.72 7.99 -0.74
C SER A 55 9.03 7.10 -1.95
N SER A 56 8.81 5.81 -1.79
CA SER A 56 9.07 4.86 -2.86
C SER A 56 7.86 3.97 -3.11
N MET A 57 7.45 3.87 -4.37
CA MET A 57 6.30 3.05 -4.74
C MET A 57 6.72 1.93 -5.68
N ALA A 58 5.85 0.93 -5.82
CA ALA A 58 6.13 -0.20 -6.69
C ALA A 58 4.91 -0.58 -7.51
N ARG A 59 5.11 -1.40 -8.53
CA ARG A 59 4.03 -1.82 -9.41
C ARG A 59 3.60 -3.26 -9.09
N SER A 60 2.31 -3.54 -9.25
CA SER A 60 1.78 -4.87 -8.97
C SER A 60 0.79 -5.29 -10.05
N GLN A 61 0.91 -6.54 -10.49
CA GLN A 61 0.04 -7.08 -11.53
C GLN A 61 -1.17 -7.78 -10.91
N THR A 62 -1.43 -7.49 -9.64
CA THR A 62 -2.55 -8.10 -8.93
C THR A 62 -2.91 -7.31 -7.68
N ASN A 63 -3.94 -7.74 -6.99
CA ASN A 63 -4.39 -7.07 -5.77
C ASN A 63 -3.60 -7.55 -4.56
N THR A 64 -2.39 -8.05 -4.82
CA THR A 64 -1.53 -8.55 -3.74
C THR A 64 -0.06 -8.34 -4.09
N ALA A 65 0.64 -7.59 -3.24
CA ALA A 65 2.06 -7.32 -3.45
C ALA A 65 2.82 -7.30 -2.13
N ARG A 66 4.09 -7.69 -2.17
CA ARG A 66 4.92 -7.71 -0.98
C ARG A 66 6.09 -6.75 -1.11
N ILE A 67 6.42 -6.06 -0.02
CA ILE A 67 7.52 -5.11 -0.02
C ILE A 67 8.77 -5.71 0.62
N ASP A 68 9.89 -5.63 -0.10
CA ASP A 68 11.15 -6.17 0.41
C ASP A 68 12.21 -5.08 0.48
N GLY A 69 12.99 -5.08 1.56
CA GLY A 69 14.03 -4.08 1.72
C GLY A 69 13.69 -3.06 2.78
N LEU A 70 13.32 -3.53 3.97
CA LEU A 70 12.96 -2.65 5.07
C LEU A 70 13.76 -3.00 6.33
N ARG A 71 13.61 -2.19 7.37
CA ARG A 71 14.30 -2.42 8.63
C ARG A 71 13.39 -3.10 9.64
N PRO A 72 14.00 -3.87 10.56
CA PRO A 72 13.26 -4.59 11.59
C PRO A 72 12.66 -3.65 12.64
N GLY A 73 11.43 -3.93 13.05
CA GLY A 73 10.77 -3.09 14.04
C GLY A 73 10.58 -1.67 13.56
N MET A 74 10.27 -1.50 12.29
CA MET A 74 10.06 -0.18 11.72
C MET A 74 8.72 -0.10 10.99
N VAL A 75 7.95 0.95 11.30
CA VAL A 75 6.64 1.13 10.68
C VAL A 75 6.77 1.75 9.30
N TYR A 76 5.94 1.29 8.37
CA TYR A 76 5.97 1.79 7.00
C TYR A 76 4.57 2.09 6.50
N VAL A 77 4.33 3.35 6.14
CA VAL A 77 3.01 3.76 5.64
C VAL A 77 2.81 3.30 4.20
N VAL A 78 2.15 2.16 4.03
CA VAL A 78 1.89 1.62 2.71
C VAL A 78 0.47 1.96 2.25
N GLN A 79 0.30 2.10 0.94
CA GLN A 79 -1.00 2.43 0.37
C GLN A 79 -1.20 1.73 -0.97
N VAL A 80 -2.36 1.95 -1.58
CA VAL A 80 -2.67 1.35 -2.86
C VAL A 80 -3.69 2.19 -3.64
N ARG A 81 -3.53 2.24 -4.95
CA ARG A 81 -4.42 3.00 -5.81
C ARG A 81 -4.77 2.23 -7.07
N ALA A 82 -5.85 2.64 -7.73
CA ALA A 82 -6.30 1.98 -8.95
C ALA A 82 -6.04 2.86 -10.18
N ARG A 83 -5.49 2.25 -11.22
CA ARG A 83 -5.19 2.99 -12.45
C ARG A 83 -5.90 2.35 -13.65
N THR A 84 -6.29 3.19 -14.60
CA THR A 84 -6.98 2.72 -15.79
C THR A 84 -6.67 3.60 -17.00
N VAL A 85 -7.01 3.11 -18.18
CA VAL A 85 -6.77 3.87 -19.42
C VAL A 85 -7.15 5.33 -19.24
N ALA A 86 -8.18 5.58 -18.43
CA ALA A 86 -8.64 6.93 -18.18
C ALA A 86 -7.59 7.74 -17.42
N GLY A 87 -7.07 7.15 -16.34
CA GLY A 87 -6.07 7.83 -15.54
C GLY A 87 -5.84 7.15 -14.21
N TYR A 88 -5.01 7.76 -13.36
CA TYR A 88 -4.71 7.21 -12.05
C TYR A 88 -5.81 7.55 -11.06
N GLY A 89 -6.03 6.65 -10.09
CA GLY A 89 -7.05 6.87 -9.09
C GLY A 89 -6.47 7.27 -7.75
N LYS A 90 -7.33 7.68 -6.82
CA LYS A 90 -6.90 8.08 -5.49
C LYS A 90 -6.38 6.89 -4.70
N PHE A 91 -5.65 7.16 -3.64
CA PHE A 91 -5.09 6.11 -2.79
C PHE A 91 -6.11 5.67 -1.73
N SER A 92 -5.89 4.48 -1.18
CA SER A 92 -6.78 3.94 -0.16
C SER A 92 -6.40 4.44 1.22
N GLY A 93 -7.24 4.14 2.21
CA GLY A 93 -6.96 4.57 3.57
C GLY A 93 -5.50 4.41 3.95
N LYS A 94 -5.07 5.17 4.94
CA LYS A 94 -3.68 5.12 5.41
C LYS A 94 -3.52 4.11 6.55
N MET A 95 -2.69 3.11 6.33
CA MET A 95 -2.45 2.08 7.34
C MET A 95 -0.97 2.01 7.70
N CYS A 96 -0.67 1.55 8.91
CA CYS A 96 0.70 1.42 9.37
C CYS A 96 1.08 -0.04 9.58
N PHE A 97 2.07 -0.50 8.83
CA PHE A 97 2.53 -1.89 8.93
C PHE A 97 4.00 -1.95 9.33
N GLN A 98 4.27 -2.57 10.48
CA GLN A 98 5.63 -2.70 10.98
C GLN A 98 6.17 -4.10 10.75
N THR A 99 7.48 -4.21 10.57
CA THR A 99 8.12 -5.50 10.34
C THR A 99 8.26 -6.29 11.64
N LEU A 100 8.78 -7.50 11.54
CA LEU A 100 8.97 -8.36 12.70
C LEU A 100 10.11 -7.84 13.58
N THR A 101 9.83 -7.68 14.87
CA THR A 101 10.83 -7.19 15.80
C THR A 101 11.55 -8.34 16.49
N ASP A 102 12.76 -8.64 16.04
CA ASP A 102 13.55 -9.72 16.62
C ASP A 102 13.55 -9.65 18.13
N SER A 103 13.96 -8.50 18.68
CA SER A 103 14.01 -8.30 20.12
C SER A 103 12.63 -8.50 20.74
N GLY A 104 12.52 -9.50 21.62
CA GLY A 104 11.26 -9.78 22.27
C GLY A 104 10.83 -8.66 23.21
N PRO A 105 9.51 -8.46 23.33
CA PRO A 105 8.95 -7.41 24.20
C PRO A 105 9.12 -7.74 25.68
N SER A 106 8.66 -6.83 26.54
CA SER A 106 8.77 -7.02 27.98
C SER A 106 7.42 -7.45 28.57
N SER A 107 6.73 -8.33 27.88
CA SER A 107 5.43 -8.81 28.34
C SER A 107 4.39 -7.69 28.31
N GLY A 108 4.42 -6.90 27.25
CA GLY A 108 3.49 -5.80 27.12
C GLY A 108 3.88 -4.60 27.93
N GLY A 1 -1.01 20.35 -5.37
CA GLY A 1 -1.89 21.45 -5.04
C GLY A 1 -3.35 21.10 -5.25
N SER A 2 -3.99 21.81 -6.18
CA SER A 2 -5.40 21.58 -6.47
C SER A 2 -5.62 20.18 -7.04
N SER A 3 -6.62 19.48 -6.52
CA SER A 3 -6.93 18.13 -6.98
C SER A 3 -8.37 18.05 -7.46
N GLY A 4 -8.54 18.06 -8.78
CA GLY A 4 -9.87 17.98 -9.36
C GLY A 4 -9.90 17.22 -10.67
N SER A 5 -9.50 15.95 -10.62
CA SER A 5 -9.47 15.12 -11.81
C SER A 5 -10.12 13.76 -11.55
N SER A 6 -11.17 13.46 -12.30
CA SER A 6 -11.88 12.19 -12.14
C SER A 6 -10.92 11.01 -12.21
N GLY A 7 -11.24 9.94 -11.49
CA GLY A 7 -10.40 8.77 -11.49
C GLY A 7 -11.16 7.50 -11.17
N PRO A 8 -10.50 6.34 -11.34
CA PRO A 8 -11.11 5.04 -11.07
C PRO A 8 -11.36 4.80 -9.59
N SER A 9 -12.17 3.80 -9.27
CA SER A 9 -12.50 3.47 -7.90
C SER A 9 -11.23 3.16 -7.10
N THR A 10 -11.38 2.96 -5.80
CA THR A 10 -10.26 2.66 -4.93
C THR A 10 -10.68 1.76 -3.77
N VAL A 11 -9.75 0.95 -3.28
CA VAL A 11 -10.03 0.04 -2.18
C VAL A 11 -10.39 0.81 -0.92
N PRO A 12 -11.48 0.39 -0.25
CA PRO A 12 -11.95 1.02 0.97
C PRO A 12 -11.01 0.78 2.16
N ILE A 13 -10.57 -0.46 2.31
CA ILE A 13 -9.67 -0.82 3.40
C ILE A 13 -8.59 -1.79 2.92
N MET A 14 -7.52 -1.90 3.69
CA MET A 14 -6.42 -2.79 3.35
C MET A 14 -6.35 -3.96 4.32
N HIS A 15 -5.95 -5.12 3.82
CA HIS A 15 -5.85 -6.32 4.64
C HIS A 15 -4.48 -6.98 4.46
N GLN A 16 -3.78 -7.19 5.57
CA GLN A 16 -2.46 -7.82 5.53
C GLN A 16 -2.58 -9.33 5.57
N VAL A 17 -1.70 -10.01 4.85
CA VAL A 17 -1.70 -11.47 4.81
C VAL A 17 -0.52 -12.04 5.56
N SER A 18 0.65 -11.42 5.41
CA SER A 18 1.87 -11.86 6.08
C SER A 18 2.93 -10.78 6.04
N ALA A 19 4.08 -11.08 6.64
CA ALA A 19 5.19 -10.13 6.67
C ALA A 19 6.43 -10.76 7.32
N THR A 20 7.56 -10.06 7.23
CA THR A 20 8.81 -10.54 7.79
C THR A 20 9.58 -9.42 8.47
N MET A 21 10.66 -9.78 9.16
CA MET A 21 11.48 -8.80 9.84
C MET A 21 12.29 -7.97 8.85
N ARG A 22 12.21 -8.34 7.57
CA ARG A 22 12.94 -7.64 6.54
C ARG A 22 12.00 -7.21 5.41
N SER A 23 10.72 -7.56 5.54
CA SER A 23 9.72 -7.23 4.53
C SER A 23 8.32 -7.25 5.13
N ILE A 24 7.33 -6.94 4.31
CA ILE A 24 5.94 -6.94 4.75
C ILE A 24 4.99 -7.26 3.60
N THR A 25 4.12 -8.23 3.81
CA THR A 25 3.15 -8.63 2.80
C THR A 25 1.77 -8.08 3.10
N LEU A 26 1.13 -7.50 2.08
CA LEU A 26 -0.20 -6.92 2.24
C LEU A 26 -1.12 -7.35 1.10
N SER A 27 -2.41 -7.07 1.25
CA SER A 27 -3.38 -7.42 0.23
C SER A 27 -4.60 -6.50 0.29
N TRP A 28 -5.39 -6.50 -0.77
CA TRP A 28 -6.58 -5.66 -0.83
C TRP A 28 -7.59 -6.22 -1.85
N PRO A 29 -8.88 -6.04 -1.55
CA PRO A 29 -9.96 -6.51 -2.42
C PRO A 29 -10.04 -5.72 -3.73
N GLN A 30 -10.71 -6.31 -4.72
CA GLN A 30 -10.85 -5.66 -6.02
C GLN A 30 -12.10 -4.77 -6.05
N PRO A 31 -11.94 -3.55 -6.57
CA PRO A 31 -13.04 -2.58 -6.68
C PRO A 31 -14.09 -3.00 -7.71
N GLU A 32 -15.24 -2.35 -7.66
CA GLU A 32 -16.32 -2.65 -8.59
C GLU A 32 -16.65 -1.44 -9.47
N GLN A 33 -16.05 -0.31 -9.14
CA GLN A 33 -16.27 0.92 -9.90
C GLN A 33 -14.96 1.49 -10.41
N PRO A 34 -14.16 0.62 -11.05
CA PRO A 34 -12.85 1.02 -11.62
C PRO A 34 -12.99 1.93 -12.82
N ASN A 35 -14.23 2.25 -13.17
CA ASN A 35 -14.50 3.12 -14.31
C ASN A 35 -13.75 2.65 -15.55
N GLY A 36 -13.45 1.35 -15.60
CA GLY A 36 -12.74 0.79 -16.73
C GLY A 36 -11.70 -0.23 -16.32
N ILE A 37 -11.30 -1.08 -17.25
CA ILE A 37 -10.30 -2.11 -16.98
C ILE A 37 -9.21 -1.59 -16.06
N ILE A 38 -8.73 -2.45 -15.17
CA ILE A 38 -7.69 -2.08 -14.23
C ILE A 38 -6.32 -2.55 -14.72
N LEU A 39 -5.50 -1.61 -15.18
CA LEU A 39 -4.17 -1.94 -15.67
C LEU A 39 -3.34 -2.62 -14.60
N ASP A 40 -3.11 -1.91 -13.51
CA ASP A 40 -2.32 -2.45 -12.39
C ASP A 40 -2.57 -1.65 -11.11
N TYR A 41 -1.90 -2.05 -10.04
CA TYR A 41 -2.05 -1.38 -8.75
C TYR A 41 -0.72 -0.78 -8.30
N GLU A 42 -0.75 0.48 -7.88
CA GLU A 42 0.45 1.17 -7.43
C GLU A 42 0.53 1.15 -5.90
N ILE A 43 1.71 0.82 -5.38
CA ILE A 43 1.92 0.77 -3.94
C ILE A 43 3.07 1.67 -3.51
N ARG A 44 2.78 2.61 -2.62
CA ARG A 44 3.79 3.54 -2.13
C ARG A 44 4.12 3.26 -0.66
N TYR A 45 5.37 2.88 -0.41
CA TYR A 45 5.81 2.59 0.95
C TYR A 45 6.99 3.47 1.34
N TYR A 46 6.86 4.14 2.48
CA TYR A 46 7.92 5.02 2.97
C TYR A 46 7.81 5.22 4.47
N GLU A 47 8.96 5.31 5.14
CA GLU A 47 8.99 5.50 6.59
C GLU A 47 7.85 6.41 7.04
N LYS A 48 7.02 5.91 7.94
CA LYS A 48 5.90 6.68 8.46
C LYS A 48 6.32 8.11 8.81
N GLU A 49 7.61 8.29 9.07
CA GLU A 49 8.14 9.60 9.41
C GLU A 49 8.46 10.39 8.14
N HIS A 50 9.02 9.71 7.15
CA HIS A 50 9.37 10.36 5.89
C HIS A 50 8.12 10.82 5.14
N ASN A 51 8.32 11.60 4.08
CA ASN A 51 7.22 12.10 3.28
C ASN A 51 7.27 11.55 1.86
N GLU A 52 6.33 11.98 1.03
CA GLU A 52 6.28 11.52 -0.36
C GLU A 52 7.58 11.83 -1.09
N PHE A 53 8.30 12.86 -0.60
CA PHE A 53 9.56 13.26 -1.20
C PHE A 53 10.56 12.10 -1.20
N ASN A 54 10.77 11.51 -0.03
CA ASN A 54 11.70 10.39 0.10
C ASN A 54 10.93 9.07 0.24
N SER A 55 10.06 8.79 -0.72
CA SER A 55 9.27 7.56 -0.70
C SER A 55 9.49 6.76 -1.96
N SER A 56 9.12 5.48 -1.92
CA SER A 56 9.28 4.60 -3.08
C SER A 56 7.93 4.15 -3.61
N MET A 57 7.91 3.70 -4.85
CA MET A 57 6.68 3.25 -5.48
C MET A 57 6.90 1.92 -6.21
N ALA A 58 5.94 1.01 -6.07
CA ALA A 58 6.03 -0.30 -6.72
C ALA A 58 4.67 -0.75 -7.24
N ARG A 59 4.63 -1.12 -8.52
CA ARG A 59 3.38 -1.56 -9.14
C ARG A 59 3.21 -3.06 -8.99
N SER A 60 1.95 -3.51 -8.96
CA SER A 60 1.65 -4.93 -8.81
C SER A 60 0.56 -5.35 -9.79
N GLN A 61 0.84 -6.42 -10.53
CA GLN A 61 -0.13 -6.93 -11.50
C GLN A 61 -1.28 -7.65 -10.82
N THR A 62 -1.17 -7.81 -9.50
CA THR A 62 -2.20 -8.48 -8.72
C THR A 62 -2.65 -7.63 -7.54
N ASN A 63 -3.67 -8.08 -6.84
CA ASN A 63 -4.19 -7.35 -5.69
C ASN A 63 -3.40 -7.68 -4.43
N THR A 64 -2.25 -8.32 -4.61
CA THR A 64 -1.39 -8.69 -3.49
C THR A 64 0.07 -8.39 -3.79
N ALA A 65 0.72 -7.64 -2.92
CA ALA A 65 2.12 -7.28 -3.10
C ALA A 65 2.83 -7.18 -1.75
N ARG A 66 4.13 -7.47 -1.75
CA ARG A 66 4.92 -7.42 -0.53
C ARG A 66 6.13 -6.49 -0.71
N ILE A 67 6.36 -5.63 0.26
CA ILE A 67 7.49 -4.70 0.22
C ILE A 67 8.73 -5.30 0.85
N ASP A 68 9.81 -5.40 0.08
CA ASP A 68 11.06 -5.96 0.57
C ASP A 68 12.13 -4.87 0.69
N GLY A 69 13.02 -5.03 1.66
CA GLY A 69 14.08 -4.06 1.86
C GLY A 69 13.79 -3.11 3.00
N LEU A 70 13.39 -3.66 4.14
CA LEU A 70 13.08 -2.85 5.31
C LEU A 70 13.80 -3.37 6.54
N ARG A 71 13.70 -2.64 7.65
CA ARG A 71 14.35 -3.02 8.89
C ARG A 71 13.31 -3.53 9.91
N PRO A 72 13.76 -4.41 10.81
CA PRO A 72 12.91 -4.99 11.85
C PRO A 72 12.49 -3.97 12.90
N GLY A 73 11.23 -4.02 13.31
CA GLY A 73 10.74 -3.09 14.31
C GLY A 73 10.58 -1.68 13.77
N MET A 74 10.23 -1.57 12.49
CA MET A 74 10.06 -0.28 11.85
C MET A 74 8.67 -0.16 11.23
N VAL A 75 8.14 1.07 11.20
CA VAL A 75 6.82 1.32 10.63
C VAL A 75 6.92 1.90 9.23
N TYR A 76 6.09 1.39 8.33
CA TYR A 76 6.09 1.87 6.94
C TYR A 76 4.67 2.11 6.46
N VAL A 77 4.34 3.37 6.20
CA VAL A 77 3.02 3.75 5.73
C VAL A 77 2.83 3.37 4.27
N VAL A 78 2.24 2.21 4.03
CA VAL A 78 2.01 1.73 2.67
C VAL A 78 0.57 1.98 2.24
N GLN A 79 0.38 2.31 0.97
CA GLN A 79 -0.95 2.57 0.44
C GLN A 79 -1.14 1.89 -0.92
N VAL A 80 -2.37 1.92 -1.42
CA VAL A 80 -2.69 1.30 -2.70
C VAL A 80 -3.76 2.09 -3.44
N ARG A 81 -3.65 2.14 -4.76
CA ARG A 81 -4.60 2.87 -5.59
C ARG A 81 -4.90 2.10 -6.88
N ALA A 82 -5.96 2.50 -7.56
CA ALA A 82 -6.37 1.85 -8.80
C ALA A 82 -6.01 2.71 -10.01
N ARG A 83 -5.31 2.11 -10.97
CA ARG A 83 -4.92 2.82 -12.18
C ARG A 83 -5.59 2.23 -13.42
N THR A 84 -6.13 3.11 -14.24
CA THR A 84 -6.82 2.68 -15.47
C THR A 84 -6.33 3.46 -16.68
N VAL A 85 -6.68 2.99 -17.86
CA VAL A 85 -6.28 3.66 -19.10
C VAL A 85 -6.52 5.15 -19.02
N ALA A 86 -7.45 5.56 -18.17
CA ALA A 86 -7.77 6.97 -17.99
C ALA A 86 -6.69 7.68 -17.20
N GLY A 87 -6.25 7.06 -16.10
CA GLY A 87 -5.22 7.65 -15.27
C GLY A 87 -5.07 6.93 -13.94
N TYR A 88 -4.57 7.65 -12.94
CA TYR A 88 -4.37 7.08 -11.62
C TYR A 88 -5.59 7.30 -10.74
N GLY A 89 -5.88 6.34 -9.87
CA GLY A 89 -7.02 6.45 -8.98
C GLY A 89 -6.63 6.86 -7.57
N LYS A 90 -7.62 7.16 -6.74
CA LYS A 90 -7.36 7.56 -5.36
C LYS A 90 -6.70 6.43 -4.58
N PHE A 91 -6.05 6.79 -3.48
CA PHE A 91 -5.38 5.81 -2.64
C PHE A 91 -6.30 5.30 -1.54
N SER A 92 -6.03 4.09 -1.06
CA SER A 92 -6.84 3.48 0.00
C SER A 92 -6.50 4.08 1.35
N GLY A 93 -7.48 4.06 2.26
CA GLY A 93 -7.26 4.61 3.59
C GLY A 93 -5.85 4.39 4.08
N LYS A 94 -5.09 5.47 4.18
CA LYS A 94 -3.71 5.40 4.64
C LYS A 94 -3.55 4.38 5.77
N MET A 95 -2.56 3.51 5.66
CA MET A 95 -2.31 2.50 6.68
C MET A 95 -0.83 2.42 7.02
N CYS A 96 -0.53 1.94 8.23
CA CYS A 96 0.85 1.82 8.67
C CYS A 96 1.15 0.39 9.12
N PHE A 97 1.99 -0.31 8.37
CA PHE A 97 2.35 -1.67 8.69
C PHE A 97 3.80 -1.75 9.16
N GLN A 98 3.99 -2.22 10.40
CA GLN A 98 5.33 -2.34 10.97
C GLN A 98 5.83 -3.78 10.89
N THR A 99 7.11 -3.95 10.59
CA THR A 99 7.69 -5.28 10.48
C THR A 99 7.61 -6.02 11.82
N LEU A 100 8.13 -7.24 11.84
CA LEU A 100 8.12 -8.07 13.05
C LEU A 100 9.20 -7.62 14.02
N THR A 101 8.83 -7.43 15.28
CA THR A 101 9.77 -7.01 16.31
C THR A 101 10.30 -8.20 17.09
N ASP A 102 11.58 -8.49 16.93
CA ASP A 102 12.21 -9.61 17.62
C ASP A 102 12.80 -9.15 18.95
N SER A 103 12.01 -9.25 20.02
CA SER A 103 12.45 -8.86 21.34
C SER A 103 12.54 -10.06 22.28
N GLY A 104 13.53 -10.03 23.17
CA GLY A 104 13.72 -11.13 24.10
C GLY A 104 12.63 -11.17 25.16
N PRO A 105 12.18 -12.39 25.50
CA PRO A 105 11.13 -12.59 26.51
C PRO A 105 11.62 -12.26 27.91
N SER A 106 11.18 -11.13 28.43
CA SER A 106 11.56 -10.70 29.78
C SER A 106 10.69 -9.54 30.25
N SER A 107 10.38 -9.52 31.54
CA SER A 107 9.55 -8.47 32.11
C SER A 107 10.40 -7.48 32.90
N GLY A 108 9.89 -6.26 33.04
CA GLY A 108 10.62 -5.23 33.78
C GLY A 108 9.81 -4.64 34.91
N GLY A 1 -10.97 21.84 -6.73
CA GLY A 1 -12.24 21.70 -6.05
C GLY A 1 -12.90 20.36 -6.28
N SER A 2 -13.48 19.80 -5.22
CA SER A 2 -14.14 18.50 -5.32
C SER A 2 -15.35 18.56 -6.25
N SER A 3 -15.14 18.22 -7.51
CA SER A 3 -16.20 18.23 -8.50
C SER A 3 -15.93 17.23 -9.61
N GLY A 4 -17.00 16.74 -10.22
CA GLY A 4 -16.86 15.76 -11.30
C GLY A 4 -16.16 14.50 -10.85
N SER A 5 -15.55 13.80 -11.80
CA SER A 5 -14.84 12.56 -11.49
C SER A 5 -13.33 12.75 -11.63
N SER A 6 -12.59 12.03 -10.80
CA SER A 6 -11.13 12.12 -10.82
C SER A 6 -10.52 10.91 -11.52
N GLY A 7 -11.01 9.72 -11.17
CA GLY A 7 -10.50 8.51 -11.78
C GLY A 7 -11.26 7.27 -11.33
N PRO A 8 -10.61 6.10 -11.44
CA PRO A 8 -11.21 4.82 -11.05
C PRO A 8 -11.36 4.70 -9.54
N SER A 9 -12.33 3.89 -9.11
CA SER A 9 -12.58 3.69 -7.69
C SER A 9 -11.29 3.38 -6.95
N THR A 10 -11.39 3.25 -5.63
CA THR A 10 -10.22 2.96 -4.79
C THR A 10 -10.60 2.07 -3.61
N VAL A 11 -9.85 0.98 -3.44
CA VAL A 11 -10.10 0.06 -2.35
C VAL A 11 -10.56 0.79 -1.09
N PRO A 12 -11.57 0.22 -0.40
CA PRO A 12 -12.11 0.81 0.82
C PRO A 12 -11.14 0.72 1.99
N ILE A 13 -10.61 -0.48 2.23
CA ILE A 13 -9.66 -0.69 3.32
C ILE A 13 -8.56 -1.66 2.90
N MET A 14 -7.50 -1.72 3.71
CA MET A 14 -6.38 -2.61 3.42
C MET A 14 -6.35 -3.78 4.41
N HIS A 15 -5.90 -4.93 3.93
CA HIS A 15 -5.82 -6.13 4.77
C HIS A 15 -4.45 -6.78 4.65
N GLN A 16 -3.84 -7.07 5.79
CA GLN A 16 -2.52 -7.71 5.82
C GLN A 16 -2.64 -9.22 5.97
N VAL A 17 -1.78 -9.95 5.28
CA VAL A 17 -1.79 -11.41 5.33
C VAL A 17 -0.59 -11.93 6.11
N SER A 18 0.57 -11.31 5.89
CA SER A 18 1.80 -11.72 6.56
C SER A 18 2.84 -10.61 6.52
N ALA A 19 3.94 -10.81 7.23
CA ALA A 19 5.01 -9.83 7.27
C ALA A 19 6.35 -10.48 7.62
N THR A 20 7.44 -9.90 7.13
CA THR A 20 8.77 -10.43 7.40
C THR A 20 9.63 -9.40 8.14
N MET A 21 10.90 -9.75 8.36
CA MET A 21 11.82 -8.86 9.04
C MET A 21 12.43 -7.85 8.08
N ARG A 22 12.60 -8.26 6.82
CA ARG A 22 13.18 -7.41 5.80
C ARG A 22 12.14 -7.05 4.75
N SER A 23 10.91 -7.49 4.96
CA SER A 23 9.82 -7.22 4.03
C SER A 23 8.47 -7.38 4.70
N ILE A 24 7.41 -7.05 3.98
CA ILE A 24 6.05 -7.18 4.50
C ILE A 24 5.06 -7.51 3.40
N THR A 25 3.99 -8.23 3.76
CA THR A 25 2.97 -8.62 2.80
C THR A 25 1.66 -7.89 3.08
N LEU A 26 0.92 -7.59 2.02
CA LEU A 26 -0.37 -6.90 2.15
C LEU A 26 -1.34 -7.36 1.06
N SER A 27 -2.62 -7.09 1.29
CA SER A 27 -3.66 -7.47 0.33
C SER A 27 -4.84 -6.52 0.40
N TRP A 28 -5.53 -6.35 -0.72
CA TRP A 28 -6.68 -5.46 -0.79
C TRP A 28 -7.73 -6.00 -1.75
N PRO A 29 -9.01 -5.79 -1.42
CA PRO A 29 -10.13 -6.25 -2.25
C PRO A 29 -10.24 -5.47 -3.55
N GLN A 30 -10.82 -6.10 -4.57
CA GLN A 30 -10.99 -5.47 -5.87
C GLN A 30 -12.22 -4.56 -5.88
N PRO A 31 -12.05 -3.36 -6.44
CA PRO A 31 -13.14 -2.37 -6.52
C PRO A 31 -14.22 -2.79 -7.52
N GLU A 32 -15.39 -2.19 -7.40
CA GLU A 32 -16.51 -2.49 -8.28
C GLU A 32 -16.69 -1.40 -9.33
N GLN A 33 -16.10 -0.23 -9.07
CA GLN A 33 -16.20 0.89 -10.00
C GLN A 33 -14.82 1.29 -10.50
N PRO A 34 -14.09 0.34 -11.11
CA PRO A 34 -12.75 0.58 -11.64
C PRO A 34 -12.77 1.48 -12.87
N ASN A 35 -13.96 1.89 -13.27
CA ASN A 35 -14.11 2.76 -14.43
C ASN A 35 -13.25 2.28 -15.60
N GLY A 36 -13.14 0.97 -15.74
CA GLY A 36 -12.33 0.39 -16.80
C GLY A 36 -11.47 -0.76 -16.32
N ILE A 37 -11.02 -1.58 -17.27
CA ILE A 37 -10.18 -2.73 -16.94
C ILE A 37 -8.94 -2.29 -16.16
N ILE A 38 -8.94 -2.55 -14.86
CA ILE A 38 -7.81 -2.20 -14.01
C ILE A 38 -6.51 -2.81 -14.52
N LEU A 39 -5.61 -1.95 -15.00
CA LEU A 39 -4.33 -2.40 -15.52
C LEU A 39 -3.45 -2.97 -14.41
N ASP A 40 -3.11 -2.11 -13.45
CA ASP A 40 -2.27 -2.53 -12.33
C ASP A 40 -2.56 -1.67 -11.10
N TYR A 41 -1.88 -1.99 -9.99
CA TYR A 41 -2.07 -1.25 -8.75
C TYR A 41 -0.74 -0.69 -8.25
N GLU A 42 -0.69 0.62 -8.03
CA GLU A 42 0.52 1.28 -7.56
C GLU A 42 0.53 1.34 -6.03
N ILE A 43 1.68 1.02 -5.45
CA ILE A 43 1.83 1.03 -3.99
C ILE A 43 2.95 1.98 -3.57
N ARG A 44 2.65 2.88 -2.66
CA ARG A 44 3.63 3.84 -2.17
C ARG A 44 3.94 3.59 -0.69
N TYR A 45 5.21 3.37 -0.38
CA TYR A 45 5.63 3.12 1.00
C TYR A 45 6.81 4.01 1.38
N TYR A 46 6.81 4.49 2.62
CA TYR A 46 7.87 5.36 3.10
C TYR A 46 7.96 5.31 4.62
N GLU A 47 9.17 5.42 5.14
CA GLU A 47 9.39 5.40 6.59
C GLU A 47 8.46 6.38 7.29
N LYS A 48 7.88 5.93 8.40
CA LYS A 48 6.97 6.77 9.17
C LYS A 48 7.57 8.15 9.40
N GLU A 49 8.89 8.21 9.52
CA GLU A 49 9.58 9.47 9.74
C GLU A 49 9.78 10.22 8.42
N HIS A 50 9.87 9.47 7.34
CA HIS A 50 10.06 10.06 6.01
C HIS A 50 8.76 10.68 5.51
N ASN A 51 8.87 11.47 4.44
CA ASN A 51 7.69 12.13 3.85
C ASN A 51 7.44 11.62 2.43
N GLU A 52 6.31 12.02 1.86
CA GLU A 52 5.95 11.61 0.51
C GLU A 52 7.06 11.97 -0.47
N PHE A 53 7.59 13.17 -0.35
CA PHE A 53 8.66 13.64 -1.23
C PHE A 53 9.65 12.52 -1.52
N ASN A 54 10.22 11.96 -0.46
CA ASN A 54 11.19 10.88 -0.59
C ASN A 54 10.55 9.53 -0.28
N SER A 55 9.61 9.12 -1.12
CA SER A 55 8.92 7.85 -0.93
C SER A 55 9.17 6.91 -2.12
N SER A 56 9.02 5.61 -1.87
CA SER A 56 9.23 4.61 -2.90
C SER A 56 7.91 4.02 -3.38
N MET A 57 7.78 3.85 -4.69
CA MET A 57 6.57 3.30 -5.28
C MET A 57 6.88 2.05 -6.09
N ALA A 58 5.98 1.07 -6.04
CA ALA A 58 6.17 -0.18 -6.77
C ALA A 58 4.88 -0.57 -7.49
N ARG A 59 5.04 -1.23 -8.65
CA ARG A 59 3.89 -1.66 -9.44
C ARG A 59 3.43 -3.05 -9.00
N SER A 60 2.15 -3.34 -9.22
CA SER A 60 1.59 -4.63 -8.85
C SER A 60 0.61 -5.12 -9.92
N GLN A 61 0.80 -6.36 -10.36
CA GLN A 61 -0.06 -6.94 -11.37
C GLN A 61 -1.19 -7.75 -10.74
N THR A 62 -1.45 -7.48 -9.46
CA THR A 62 -2.50 -8.18 -8.73
C THR A 62 -2.94 -7.39 -7.50
N ASN A 63 -3.94 -7.91 -6.79
CA ASN A 63 -4.44 -7.26 -5.60
C ASN A 63 -3.61 -7.62 -4.38
N THR A 64 -2.35 -8.00 -4.62
CA THR A 64 -1.45 -8.38 -3.54
C THR A 64 -0.01 -8.06 -3.89
N ALA A 65 0.67 -7.35 -3.00
CA ALA A 65 2.07 -6.97 -3.22
C ALA A 65 2.84 -6.96 -1.91
N ARG A 66 4.09 -7.42 -1.96
CA ARG A 66 4.93 -7.48 -0.78
C ARG A 66 6.11 -6.51 -0.93
N ILE A 67 6.30 -5.67 0.09
CA ILE A 67 7.39 -4.70 0.08
C ILE A 67 8.63 -5.26 0.76
N ASP A 68 9.74 -5.31 0.02
CA ASP A 68 10.99 -5.82 0.55
C ASP A 68 12.05 -4.73 0.59
N GLY A 69 12.95 -4.81 1.57
CA GLY A 69 14.00 -3.82 1.70
C GLY A 69 13.79 -2.89 2.88
N LEU A 70 13.22 -3.43 3.96
CA LEU A 70 12.96 -2.64 5.16
C LEU A 70 13.81 -3.12 6.33
N ARG A 71 13.61 -2.52 7.49
CA ARG A 71 14.36 -2.89 8.68
C ARG A 71 13.45 -3.52 9.73
N PRO A 72 14.03 -4.37 10.59
CA PRO A 72 13.29 -5.06 11.65
C PRO A 72 12.82 -4.10 12.74
N GLY A 73 11.52 -4.13 13.04
CA GLY A 73 10.98 -3.26 14.06
C GLY A 73 10.82 -1.83 13.59
N MET A 74 10.29 -1.66 12.38
CA MET A 74 10.07 -0.34 11.82
C MET A 74 8.70 -0.21 11.19
N VAL A 75 8.05 0.92 11.42
CA VAL A 75 6.71 1.17 10.88
C VAL A 75 6.78 1.81 9.51
N TYR A 76 6.00 1.29 8.57
CA TYR A 76 5.98 1.82 7.21
C TYR A 76 4.55 2.10 6.76
N VAL A 77 4.36 3.21 6.04
CA VAL A 77 3.05 3.58 5.56
C VAL A 77 2.87 3.17 4.10
N VAL A 78 2.24 2.01 3.89
CA VAL A 78 2.00 1.50 2.54
C VAL A 78 0.56 1.76 2.11
N GLN A 79 0.39 2.11 0.83
CA GLN A 79 -0.95 2.39 0.30
C GLN A 79 -1.14 1.67 -1.04
N VAL A 80 -2.32 1.85 -1.63
CA VAL A 80 -2.63 1.23 -2.92
C VAL A 80 -3.64 2.07 -3.69
N ARG A 81 -3.52 2.07 -5.01
CA ARG A 81 -4.43 2.82 -5.87
C ARG A 81 -4.77 2.03 -7.13
N ALA A 82 -5.82 2.45 -7.81
CA ALA A 82 -6.26 1.78 -9.04
C ALA A 82 -5.93 2.61 -10.27
N ARG A 83 -5.26 2.00 -11.24
CA ARG A 83 -4.89 2.69 -12.47
C ARG A 83 -5.53 2.03 -13.69
N THR A 84 -6.35 2.79 -14.41
CA THR A 84 -7.03 2.28 -15.59
C THR A 84 -6.65 3.08 -16.83
N VAL A 85 -7.11 2.62 -17.99
CA VAL A 85 -6.82 3.29 -19.25
C VAL A 85 -7.25 4.76 -19.19
N ALA A 86 -8.24 5.05 -18.37
CA ALA A 86 -8.74 6.42 -18.23
C ALA A 86 -7.72 7.30 -17.51
N GLY A 87 -7.12 6.76 -16.44
CA GLY A 87 -6.14 7.51 -15.69
C GLY A 87 -5.74 6.81 -14.40
N TYR A 88 -5.36 7.59 -13.40
CA TYR A 88 -4.95 7.04 -12.12
C TYR A 88 -6.02 7.24 -11.06
N GLY A 89 -6.09 6.33 -10.10
CA GLY A 89 -7.07 6.44 -9.04
C GLY A 89 -6.47 6.90 -7.73
N LYS A 90 -7.33 7.26 -6.78
CA LYS A 90 -6.87 7.73 -5.48
C LYS A 90 -6.24 6.59 -4.68
N PHE A 91 -5.70 6.93 -3.51
CA PHE A 91 -5.07 5.93 -2.66
C PHE A 91 -6.05 5.39 -1.63
N SER A 92 -5.81 4.16 -1.17
CA SER A 92 -6.67 3.52 -0.19
C SER A 92 -6.27 3.91 1.22
N GLY A 93 -7.22 3.86 2.15
CA GLY A 93 -6.95 4.20 3.53
C GLY A 93 -5.57 3.73 3.99
N LYS A 94 -4.58 4.61 3.87
CA LYS A 94 -3.22 4.27 4.27
C LYS A 94 -3.20 3.64 5.66
N MET A 95 -2.36 2.63 5.82
CA MET A 95 -2.23 1.93 7.10
C MET A 95 -0.79 1.86 7.54
N CYS A 96 -0.57 1.50 8.81
CA CYS A 96 0.78 1.40 9.36
C CYS A 96 1.15 -0.05 9.63
N PHE A 97 2.04 -0.60 8.81
CA PHE A 97 2.48 -1.98 8.95
C PHE A 97 3.95 -2.05 9.34
N GLN A 98 4.23 -2.70 10.46
CA GLN A 98 5.61 -2.83 10.95
C GLN A 98 6.14 -4.24 10.69
N THR A 99 7.46 -4.37 10.63
CA THR A 99 8.09 -5.65 10.38
C THR A 99 8.26 -6.44 11.68
N LEU A 100 8.78 -7.65 11.56
CA LEU A 100 8.98 -8.51 12.72
C LEU A 100 10.09 -7.95 13.62
N THR A 101 9.82 -7.92 14.93
CA THR A 101 10.79 -7.40 15.88
C THR A 101 11.52 -8.54 16.59
N ASP A 102 12.77 -8.75 16.23
CA ASP A 102 13.58 -9.81 16.83
C ASP A 102 14.14 -9.36 18.19
N SER A 103 13.40 -9.67 19.25
CA SER A 103 13.81 -9.29 20.60
C SER A 103 13.07 -10.14 21.65
N GLY A 104 13.56 -10.09 22.88
CA GLY A 104 12.94 -10.84 23.96
C GLY A 104 11.79 -10.10 24.61
N PRO A 105 10.59 -10.68 24.53
CA PRO A 105 9.38 -10.09 25.11
C PRO A 105 9.41 -10.10 26.64
N SER A 106 8.95 -9.01 27.24
CA SER A 106 8.93 -8.90 28.70
C SER A 106 7.68 -9.55 29.27
N SER A 107 7.86 -10.46 30.20
CA SER A 107 6.75 -11.16 30.83
C SER A 107 5.86 -10.19 31.61
N GLY A 108 4.67 -10.66 31.97
CA GLY A 108 3.76 -9.82 32.71
C GLY A 108 2.67 -10.62 33.41
N GLY A 1 -3.76 18.00 -2.71
CA GLY A 1 -4.93 17.43 -2.06
C GLY A 1 -6.00 17.04 -3.05
N SER A 2 -7.13 17.74 -3.02
CA SER A 2 -8.25 17.46 -3.91
C SER A 2 -7.83 17.67 -5.36
N SER A 3 -8.33 16.79 -6.24
CA SER A 3 -8.02 16.89 -7.66
C SER A 3 -9.27 17.13 -8.49
N GLY A 4 -9.14 17.92 -9.55
CA GLY A 4 -10.27 18.21 -10.40
C GLY A 4 -10.85 16.98 -11.06
N SER A 5 -10.13 16.43 -12.03
CA SER A 5 -10.58 15.24 -12.74
C SER A 5 -10.75 14.07 -11.78
N SER A 6 -11.85 13.34 -11.94
CA SER A 6 -12.13 12.19 -11.09
C SER A 6 -11.51 10.92 -11.66
N GLY A 7 -10.61 10.31 -10.91
CA GLY A 7 -9.96 9.10 -11.36
C GLY A 7 -10.78 7.86 -11.07
N PRO A 8 -10.17 6.67 -11.21
CA PRO A 8 -10.83 5.40 -10.97
C PRO A 8 -11.13 5.17 -9.49
N SER A 9 -11.96 4.16 -9.21
CA SER A 9 -12.33 3.84 -7.84
C SER A 9 -11.08 3.60 -6.98
N THR A 10 -11.31 3.24 -5.72
CA THR A 10 -10.21 2.99 -4.79
C THR A 10 -10.64 2.06 -3.67
N VAL A 11 -9.79 1.11 -3.32
CA VAL A 11 -10.09 0.15 -2.25
C VAL A 11 -10.49 0.88 -0.98
N PRO A 12 -11.55 0.39 -0.32
CA PRO A 12 -12.06 0.96 0.93
C PRO A 12 -11.11 0.74 2.10
N ILE A 13 -10.59 -0.48 2.20
CA ILE A 13 -9.67 -0.82 3.29
C ILE A 13 -8.62 -1.82 2.81
N MET A 14 -7.53 -1.92 3.56
CA MET A 14 -6.45 -2.84 3.22
C MET A 14 -6.42 -4.03 4.17
N HIS A 15 -5.73 -5.09 3.77
CA HIS A 15 -5.63 -6.30 4.61
C HIS A 15 -4.26 -6.94 4.45
N GLN A 16 -3.58 -7.14 5.57
CA GLN A 16 -2.25 -7.74 5.56
C GLN A 16 -2.35 -9.27 5.67
N VAL A 17 -1.49 -9.96 4.93
CA VAL A 17 -1.47 -11.42 4.94
C VAL A 17 -0.26 -11.96 5.70
N SER A 18 0.88 -11.30 5.53
CA SER A 18 2.11 -11.71 6.19
C SER A 18 3.16 -10.61 6.13
N ALA A 19 4.29 -10.84 6.79
CA ALA A 19 5.38 -9.87 6.79
C ALA A 19 6.66 -10.47 7.37
N THR A 20 7.79 -10.00 6.88
CA THR A 20 9.08 -10.51 7.35
C THR A 20 9.85 -9.43 8.11
N MET A 21 11.08 -9.75 8.49
CA MET A 21 11.92 -8.80 9.23
C MET A 21 12.38 -7.66 8.33
N ARG A 22 12.49 -7.94 7.03
CA ARG A 22 12.92 -6.94 6.07
C ARG A 22 11.93 -6.83 4.91
N SER A 23 10.66 -7.13 5.19
CA SER A 23 9.61 -7.08 4.19
C SER A 23 8.24 -6.98 4.82
N ILE A 24 7.21 -6.82 4.00
CA ILE A 24 5.84 -6.72 4.49
C ILE A 24 4.84 -7.09 3.39
N THR A 25 4.05 -8.13 3.66
CA THR A 25 3.05 -8.58 2.70
C THR A 25 1.69 -7.95 2.98
N LEU A 26 1.07 -7.40 1.93
CA LEU A 26 -0.22 -6.77 2.07
C LEU A 26 -1.18 -7.24 0.97
N SER A 27 -2.48 -7.01 1.18
CA SER A 27 -3.49 -7.40 0.20
C SER A 27 -4.69 -6.48 0.27
N TRP A 28 -5.50 -6.49 -0.79
CA TRP A 28 -6.70 -5.65 -0.85
C TRP A 28 -7.70 -6.21 -1.84
N PRO A 29 -9.00 -5.96 -1.58
CA PRO A 29 -10.08 -6.44 -2.44
C PRO A 29 -10.11 -5.73 -3.79
N GLN A 30 -10.93 -6.22 -4.71
CA GLN A 30 -11.04 -5.63 -6.03
C GLN A 30 -12.25 -4.70 -6.11
N PRO A 31 -12.02 -3.48 -6.61
CA PRO A 31 -13.09 -2.47 -6.74
C PRO A 31 -14.10 -2.83 -7.82
N GLU A 32 -15.22 -2.13 -7.82
CA GLU A 32 -16.27 -2.38 -8.81
C GLU A 32 -16.58 -1.12 -9.61
N GLN A 33 -15.95 -0.01 -9.22
CA GLN A 33 -16.16 1.27 -9.90
C GLN A 33 -14.85 1.79 -10.48
N PRO A 34 -14.09 0.90 -11.13
CA PRO A 34 -12.81 1.26 -11.74
C PRO A 34 -12.97 2.16 -12.96
N ASN A 35 -14.21 2.53 -13.24
CA ASN A 35 -14.51 3.40 -14.39
C ASN A 35 -13.76 2.93 -15.63
N GLY A 36 -13.57 1.61 -15.73
CA GLY A 36 -12.87 1.07 -16.88
C GLY A 36 -12.13 -0.22 -16.55
N ILE A 37 -10.95 -0.40 -17.14
CA ILE A 37 -10.15 -1.59 -16.90
C ILE A 37 -8.98 -1.28 -15.97
N ILE A 38 -8.71 -2.19 -15.05
CA ILE A 38 -7.62 -2.02 -14.11
C ILE A 38 -6.37 -2.76 -14.56
N LEU A 39 -5.42 -2.01 -15.14
CA LEU A 39 -4.18 -2.59 -15.63
C LEU A 39 -3.39 -3.23 -14.49
N ASP A 40 -2.97 -2.41 -13.54
CA ASP A 40 -2.21 -2.90 -12.39
C ASP A 40 -2.47 -2.03 -11.16
N TYR A 41 -1.97 -2.47 -10.01
CA TYR A 41 -2.14 -1.73 -8.77
C TYR A 41 -0.83 -1.13 -8.30
N GLU A 42 -0.87 0.16 -7.95
CA GLU A 42 0.33 0.85 -7.48
C GLU A 42 0.35 0.95 -5.96
N ILE A 43 1.54 0.79 -5.38
CA ILE A 43 1.69 0.85 -3.93
C ILE A 43 2.80 1.83 -3.54
N ARG A 44 2.46 2.77 -2.67
CA ARG A 44 3.43 3.76 -2.21
C ARG A 44 3.75 3.57 -0.73
N TYR A 45 5.03 3.39 -0.43
CA TYR A 45 5.48 3.20 0.95
C TYR A 45 6.67 4.10 1.28
N TYR A 46 6.67 4.63 2.49
CA TYR A 46 7.74 5.51 2.93
C TYR A 46 7.84 5.53 4.46
N GLU A 47 9.06 5.37 4.96
CA GLU A 47 9.29 5.37 6.41
C GLU A 47 8.40 6.40 7.10
N LYS A 48 7.88 6.02 8.27
CA LYS A 48 7.02 6.91 9.04
C LYS A 48 7.67 8.27 9.24
N GLU A 49 9.00 8.28 9.29
CA GLU A 49 9.74 9.52 9.47
C GLU A 49 9.97 10.23 8.14
N HIS A 50 9.86 9.48 7.05
CA HIS A 50 10.06 10.03 5.71
C HIS A 50 8.76 10.67 5.20
N ASN A 51 8.88 11.48 4.16
CA ASN A 51 7.73 12.16 3.58
C ASN A 51 7.32 11.49 2.26
N GLU A 52 6.34 12.08 1.59
CA GLU A 52 5.85 11.54 0.33
C GLU A 52 6.87 11.74 -0.78
N PHE A 53 7.34 12.98 -0.92
CA PHE A 53 8.34 13.31 -1.95
C PHE A 53 9.45 12.27 -1.98
N ASN A 54 9.86 11.80 -0.81
CA ASN A 54 10.92 10.81 -0.71
C ASN A 54 10.34 9.42 -0.42
N SER A 55 9.23 9.10 -1.09
CA SER A 55 8.57 7.81 -0.90
C SER A 55 8.90 6.87 -2.06
N SER A 56 8.61 5.58 -1.86
CA SER A 56 8.88 4.58 -2.87
C SER A 56 7.57 4.07 -3.49
N MET A 57 7.61 3.79 -4.79
CA MET A 57 6.43 3.30 -5.49
C MET A 57 6.71 1.94 -6.14
N ALA A 58 5.73 1.06 -6.09
CA ALA A 58 5.86 -0.27 -6.67
C ALA A 58 4.57 -0.71 -7.35
N ARG A 59 4.71 -1.33 -8.52
CA ARG A 59 3.56 -1.79 -9.28
C ARG A 59 3.29 -3.27 -9.01
N SER A 60 2.03 -3.66 -9.11
CA SER A 60 1.63 -5.05 -8.87
C SER A 60 0.65 -5.52 -9.93
N GLN A 61 0.91 -6.69 -10.49
CA GLN A 61 0.04 -7.27 -11.52
C GLN A 61 -1.13 -8.01 -10.90
N THR A 62 -1.42 -7.68 -9.63
CA THR A 62 -2.52 -8.32 -8.92
C THR A 62 -2.91 -7.52 -7.69
N ASN A 63 -3.97 -7.95 -7.02
CA ASN A 63 -4.45 -7.28 -5.81
C ASN A 63 -3.60 -7.65 -4.60
N THR A 64 -2.48 -8.33 -4.86
CA THR A 64 -1.58 -8.75 -3.80
C THR A 64 -0.14 -8.38 -4.12
N ALA A 65 0.51 -7.66 -3.20
CA ALA A 65 1.89 -7.25 -3.39
C ALA A 65 2.62 -7.18 -2.05
N ARG A 66 3.88 -7.61 -2.06
CA ARG A 66 4.70 -7.61 -0.85
C ARG A 66 5.90 -6.68 -1.01
N ILE A 67 6.13 -5.86 0.01
CA ILE A 67 7.25 -4.92 0.00
C ILE A 67 8.49 -5.52 0.63
N ASP A 68 9.61 -5.44 -0.08
CA ASP A 68 10.87 -5.97 0.41
C ASP A 68 11.95 -4.90 0.44
N GLY A 69 12.79 -4.91 1.47
CA GLY A 69 13.84 -3.94 1.60
C GLY A 69 13.57 -2.92 2.69
N LEU A 70 13.16 -3.40 3.86
CA LEU A 70 12.86 -2.53 4.98
C LEU A 70 13.69 -2.92 6.21
N ARG A 71 13.57 -2.13 7.27
CA ARG A 71 14.29 -2.39 8.51
C ARG A 71 13.40 -3.08 9.53
N PRO A 72 14.04 -3.84 10.44
CA PRO A 72 13.32 -4.57 11.49
C PRO A 72 12.70 -3.65 12.54
N GLY A 73 11.56 -4.04 13.08
CA GLY A 73 10.89 -3.23 14.08
C GLY A 73 10.71 -1.79 13.64
N MET A 74 10.18 -1.61 12.44
CA MET A 74 9.96 -0.27 11.90
C MET A 74 8.58 -0.18 11.23
N VAL A 75 8.01 1.02 11.24
CA VAL A 75 6.70 1.24 10.64
C VAL A 75 6.84 1.87 9.26
N TYR A 76 6.02 1.41 8.32
CA TYR A 76 6.05 1.93 6.95
C TYR A 76 4.64 2.21 6.44
N VAL A 77 4.33 3.49 6.23
CA VAL A 77 3.02 3.89 5.75
C VAL A 77 2.82 3.47 4.29
N VAL A 78 2.16 2.34 4.10
CA VAL A 78 1.90 1.82 2.76
C VAL A 78 0.49 2.17 2.30
N GLN A 79 0.34 2.46 1.01
CA GLN A 79 -0.97 2.81 0.46
C GLN A 79 -1.18 2.12 -0.89
N VAL A 80 -2.43 1.81 -1.20
CA VAL A 80 -2.77 1.16 -2.46
C VAL A 80 -3.67 2.04 -3.31
N ARG A 81 -3.54 1.90 -4.63
CA ARG A 81 -4.35 2.69 -5.56
C ARG A 81 -4.67 1.88 -6.81
N ALA A 82 -5.63 2.39 -7.59
CA ALA A 82 -6.04 1.71 -8.82
C ALA A 82 -5.75 2.57 -10.05
N ARG A 83 -5.15 1.97 -11.06
CA ARG A 83 -4.83 2.69 -12.29
C ARG A 83 -5.60 2.12 -13.48
N THR A 84 -6.10 3.00 -14.33
CA THR A 84 -6.86 2.57 -15.50
C THR A 84 -6.45 3.39 -16.74
N VAL A 85 -6.91 2.95 -17.90
CA VAL A 85 -6.59 3.63 -19.16
C VAL A 85 -6.81 5.13 -19.03
N ALA A 86 -7.68 5.52 -18.10
CA ALA A 86 -7.98 6.94 -17.88
C ALA A 86 -6.81 7.63 -17.20
N GLY A 87 -6.32 7.04 -16.11
CA GLY A 87 -5.20 7.62 -15.39
C GLY A 87 -4.94 6.93 -14.08
N TYR A 88 -4.40 7.66 -13.11
CA TYR A 88 -4.09 7.09 -11.80
C TYR A 88 -5.23 7.34 -10.82
N GLY A 89 -5.38 6.43 -9.85
CA GLY A 89 -6.44 6.57 -8.87
C GLY A 89 -5.92 7.02 -7.52
N LYS A 90 -6.83 7.36 -6.62
CA LYS A 90 -6.45 7.81 -5.28
C LYS A 90 -6.02 6.63 -4.41
N PHE A 91 -5.36 6.94 -3.29
CA PHE A 91 -4.89 5.91 -2.38
C PHE A 91 -6.00 5.49 -1.42
N SER A 92 -5.90 4.26 -0.91
CA SER A 92 -6.90 3.73 0.01
C SER A 92 -6.60 4.17 1.44
N GLY A 93 -7.53 3.87 2.35
CA GLY A 93 -7.35 4.23 3.73
C GLY A 93 -5.93 4.03 4.21
N LYS A 94 -5.29 5.11 4.65
CA LYS A 94 -3.91 5.03 5.13
C LYS A 94 -3.81 4.09 6.33
N MET A 95 -2.80 3.22 6.30
CA MET A 95 -2.59 2.27 7.39
C MET A 95 -1.11 2.16 7.75
N CYS A 96 -0.82 1.65 8.93
CA CYS A 96 0.55 1.50 9.39
C CYS A 96 0.89 0.03 9.59
N PHE A 97 1.91 -0.43 8.88
CA PHE A 97 2.35 -1.83 8.97
C PHE A 97 3.81 -1.91 9.42
N GLN A 98 4.02 -2.55 10.56
CA GLN A 98 5.38 -2.70 11.10
C GLN A 98 5.95 -4.08 10.76
N THR A 99 7.27 -4.17 10.71
CA THR A 99 7.94 -5.42 10.39
C THR A 99 8.10 -6.28 11.64
N LEU A 100 8.78 -7.42 11.48
CA LEU A 100 9.00 -8.33 12.60
C LEU A 100 10.05 -7.77 13.55
N THR A 101 9.80 -7.91 14.85
CA THR A 101 10.72 -7.42 15.87
C THR A 101 11.48 -8.57 16.51
N ASP A 102 12.80 -8.60 16.30
CA ASP A 102 13.64 -9.65 16.86
C ASP A 102 14.19 -9.23 18.22
N SER A 103 14.50 -7.95 18.36
CA SER A 103 15.04 -7.43 19.61
C SER A 103 13.97 -7.42 20.70
N GLY A 104 12.72 -7.57 20.29
CA GLY A 104 11.62 -7.58 21.24
C GLY A 104 10.81 -6.29 21.21
N PRO A 105 9.57 -6.36 21.70
CA PRO A 105 8.67 -5.21 21.75
C PRO A 105 9.12 -4.16 22.76
N SER A 106 8.42 -3.02 22.79
CA SER A 106 8.75 -1.95 23.71
C SER A 106 7.51 -1.44 24.44
N SER A 107 7.71 -0.56 25.41
CA SER A 107 6.60 -0.01 26.18
C SER A 107 5.53 0.57 25.26
N GLY A 108 5.95 1.45 24.36
CA GLY A 108 5.02 2.06 23.43
C GLY A 108 5.27 1.66 22.00
N GLY A 1 -6.51 13.62 2.37
CA GLY A 1 -6.57 12.84 1.15
C GLY A 1 -6.57 13.71 -0.09
N SER A 2 -6.12 13.16 -1.21
CA SER A 2 -6.07 13.89 -2.47
C SER A 2 -7.45 14.00 -3.08
N SER A 3 -7.67 15.07 -3.85
CA SER A 3 -8.95 15.31 -4.49
C SER A 3 -9.15 14.35 -5.67
N GLY A 4 -8.16 14.30 -6.56
CA GLY A 4 -8.23 13.42 -7.71
C GLY A 4 -9.09 14.00 -8.82
N SER A 5 -9.27 13.24 -9.90
CA SER A 5 -10.06 13.69 -11.03
C SER A 5 -11.02 12.59 -11.49
N SER A 6 -12.15 12.49 -10.80
CA SER A 6 -13.16 11.48 -11.14
C SER A 6 -12.50 10.17 -11.55
N GLY A 7 -11.35 9.87 -10.93
CA GLY A 7 -10.64 8.64 -11.26
C GLY A 7 -11.44 7.40 -10.93
N PRO A 8 -10.84 6.23 -11.18
CA PRO A 8 -11.49 4.94 -10.93
C PRO A 8 -11.63 4.65 -9.44
N SER A 9 -12.56 3.76 -9.10
CA SER A 9 -12.79 3.39 -7.70
C SER A 9 -11.48 3.08 -6.99
N THR A 10 -11.50 3.11 -5.67
CA THR A 10 -10.31 2.83 -4.87
C THR A 10 -10.65 1.92 -3.70
N VAL A 11 -9.74 0.99 -3.40
CA VAL A 11 -9.94 0.05 -2.30
C VAL A 11 -10.41 0.78 -1.05
N PRO A 12 -11.45 0.22 -0.41
CA PRO A 12 -12.03 0.79 0.81
C PRO A 12 -11.10 0.65 2.01
N ILE A 13 -10.43 -0.49 2.10
CA ILE A 13 -9.51 -0.75 3.20
C ILE A 13 -8.42 -1.74 2.78
N MET A 14 -7.33 -1.78 3.54
CA MET A 14 -6.23 -2.68 3.26
C MET A 14 -6.16 -3.80 4.30
N HIS A 15 -5.73 -4.97 3.86
CA HIS A 15 -5.62 -6.12 4.75
C HIS A 15 -4.23 -6.76 4.64
N GLN A 16 -3.55 -6.89 5.78
CA GLN A 16 -2.22 -7.48 5.82
C GLN A 16 -2.29 -8.95 6.22
N VAL A 17 -1.73 -9.82 5.39
CA VAL A 17 -1.73 -11.25 5.66
C VAL A 17 -0.54 -11.63 6.54
N SER A 18 0.65 -11.18 6.15
CA SER A 18 1.86 -11.47 6.90
C SER A 18 2.95 -10.45 6.60
N ALA A 19 4.14 -10.67 7.16
CA ALA A 19 5.27 -9.78 6.95
C ALA A 19 6.58 -10.43 7.36
N THR A 20 7.69 -9.90 6.87
CA THR A 20 9.01 -10.43 7.19
C THR A 20 9.84 -9.42 7.97
N MET A 21 11.10 -9.75 8.21
CA MET A 21 11.99 -8.87 8.95
C MET A 21 12.56 -7.79 8.03
N ARG A 22 12.52 -8.04 6.74
CA ARG A 22 13.04 -7.09 5.75
C ARG A 22 12.00 -6.81 4.67
N SER A 23 10.76 -7.24 4.92
CA SER A 23 9.68 -7.04 3.96
C SER A 23 8.32 -7.17 4.65
N ILE A 24 7.26 -6.92 3.88
CA ILE A 24 5.91 -7.00 4.42
C ILE A 24 4.91 -7.37 3.32
N THR A 25 3.97 -8.25 3.65
CA THR A 25 2.96 -8.68 2.70
C THR A 25 1.63 -8.00 2.96
N LEU A 26 0.92 -7.67 1.89
CA LEU A 26 -0.38 -7.00 2.01
C LEU A 26 -1.34 -7.48 0.92
N SER A 27 -2.62 -7.16 1.08
CA SER A 27 -3.64 -7.57 0.12
C SER A 27 -4.85 -6.64 0.20
N TRP A 28 -5.47 -6.40 -0.95
CA TRP A 28 -6.64 -5.54 -1.01
C TRP A 28 -7.69 -6.10 -1.99
N PRO A 29 -8.96 -5.88 -1.66
CA PRO A 29 -10.07 -6.35 -2.50
C PRO A 29 -10.17 -5.61 -3.82
N GLN A 30 -10.77 -6.25 -4.82
CA GLN A 30 -10.92 -5.65 -6.14
C GLN A 30 -12.19 -4.80 -6.20
N PRO A 31 -12.03 -3.54 -6.66
CA PRO A 31 -13.15 -2.60 -6.78
C PRO A 31 -14.12 -3.00 -7.90
N GLU A 32 -15.37 -2.57 -7.76
CA GLU A 32 -16.40 -2.88 -8.75
C GLU A 32 -16.71 -1.65 -9.60
N GLN A 33 -16.05 -0.55 -9.30
CA GLN A 33 -16.27 0.70 -10.03
C GLN A 33 -14.95 1.27 -10.55
N PRO A 34 -14.12 0.39 -11.14
CA PRO A 34 -12.82 0.79 -11.68
C PRO A 34 -12.95 1.66 -12.93
N ASN A 35 -14.19 1.97 -13.30
CA ASN A 35 -14.45 2.79 -14.48
C ASN A 35 -13.67 2.28 -15.68
N GLY A 36 -13.39 0.99 -15.70
CA GLY A 36 -12.65 0.40 -16.80
C GLY A 36 -11.70 -0.69 -16.34
N ILE A 37 -11.12 -1.40 -17.30
CA ILE A 37 -10.18 -2.48 -16.99
C ILE A 37 -8.93 -1.93 -16.31
N ILE A 38 -8.78 -2.24 -15.02
CA ILE A 38 -7.63 -1.79 -14.26
C ILE A 38 -6.34 -2.36 -14.82
N LEU A 39 -5.50 -1.50 -15.38
CA LEU A 39 -4.23 -1.92 -15.95
C LEU A 39 -3.35 -2.58 -14.90
N ASP A 40 -3.06 -1.85 -13.82
CA ASP A 40 -2.24 -2.37 -12.75
C ASP A 40 -2.51 -1.63 -11.44
N TYR A 41 -1.83 -2.03 -10.38
CA TYR A 41 -2.00 -1.40 -9.07
C TYR A 41 -0.68 -0.88 -8.54
N GLU A 42 -0.63 0.43 -8.31
CA GLU A 42 0.59 1.07 -7.80
C GLU A 42 0.56 1.13 -6.27
N ILE A 43 1.71 0.86 -5.66
CA ILE A 43 1.81 0.89 -4.21
C ILE A 43 2.85 1.93 -3.76
N ARG A 44 2.51 2.67 -2.70
CA ARG A 44 3.41 3.69 -2.18
C ARG A 44 3.74 3.41 -0.71
N TYR A 45 5.01 3.16 -0.43
CA TYR A 45 5.44 2.88 0.94
C TYR A 45 6.56 3.84 1.36
N TYR A 46 6.50 4.29 2.60
CA TYR A 46 7.50 5.21 3.13
C TYR A 46 7.56 5.15 4.65
N GLU A 47 8.63 5.69 5.23
CA GLU A 47 8.80 5.68 6.67
C GLU A 47 7.69 6.46 7.36
N LYS A 48 7.13 5.88 8.41
CA LYS A 48 6.05 6.52 9.15
C LYS A 48 6.47 7.90 9.64
N GLU A 49 7.78 8.14 9.66
CA GLU A 49 8.31 9.43 10.10
C GLU A 49 8.53 10.37 8.91
N HIS A 50 8.62 9.79 7.71
CA HIS A 50 8.83 10.56 6.50
C HIS A 50 7.50 10.84 5.80
N ASN A 51 7.56 11.59 4.71
CA ASN A 51 6.36 11.93 3.95
C ASN A 51 6.44 11.36 2.54
N GLU A 52 5.44 11.68 1.71
CA GLU A 52 5.39 11.19 0.34
C GLU A 52 6.65 11.60 -0.42
N PHE A 53 7.06 12.85 -0.26
CA PHE A 53 8.24 13.37 -0.92
C PHE A 53 9.31 12.29 -1.04
N ASN A 54 9.76 11.79 0.11
CA ASN A 54 10.79 10.75 0.14
C ASN A 54 10.17 9.38 0.34
N SER A 55 9.32 8.98 -0.60
CA SER A 55 8.66 7.69 -0.54
C SER A 55 9.02 6.83 -1.75
N SER A 56 8.70 5.54 -1.67
CA SER A 56 9.00 4.60 -2.75
C SER A 56 7.72 4.18 -3.47
N MET A 57 7.89 3.50 -4.59
CA MET A 57 6.74 3.02 -5.37
C MET A 57 6.96 1.59 -5.84
N ALA A 58 5.86 0.88 -6.07
CA ALA A 58 5.94 -0.50 -6.54
C ALA A 58 4.67 -0.90 -7.29
N ARG A 59 4.84 -1.37 -8.51
CA ARG A 59 3.71 -1.78 -9.34
C ARG A 59 3.44 -3.27 -9.19
N SER A 60 2.20 -3.68 -9.45
CA SER A 60 1.81 -5.08 -9.34
C SER A 60 0.72 -5.43 -10.35
N GLN A 61 0.72 -6.66 -10.82
CA GLN A 61 -0.27 -7.11 -11.78
C GLN A 61 -1.48 -7.74 -11.08
N THR A 62 -1.37 -7.90 -9.77
CA THR A 62 -2.45 -8.48 -8.98
C THR A 62 -2.78 -7.60 -7.77
N ASN A 63 -3.85 -7.96 -7.07
CA ASN A 63 -4.27 -7.20 -5.90
C ASN A 63 -3.50 -7.62 -4.66
N THR A 64 -2.32 -8.20 -4.88
CA THR A 64 -1.47 -8.66 -3.78
C THR A 64 0.00 -8.47 -4.11
N ALA A 65 0.70 -7.69 -3.29
CA ALA A 65 2.12 -7.44 -3.49
C ALA A 65 2.84 -7.26 -2.16
N ARG A 66 4.12 -7.62 -2.13
CA ARG A 66 4.93 -7.49 -0.93
C ARG A 66 6.01 -6.44 -1.10
N ILE A 67 6.30 -5.70 -0.03
CA ILE A 67 7.32 -4.67 -0.06
C ILE A 67 8.61 -5.15 0.57
N ASP A 68 9.70 -5.10 -0.19
CA ASP A 68 11.01 -5.53 0.30
C ASP A 68 11.97 -4.36 0.35
N GLY A 69 12.89 -4.39 1.32
CA GLY A 69 13.86 -3.32 1.45
C GLY A 69 13.62 -2.47 2.68
N LEU A 70 13.18 -3.10 3.76
CA LEU A 70 12.90 -2.39 5.00
C LEU A 70 13.75 -2.93 6.14
N ARG A 71 13.61 -2.34 7.33
CA ARG A 71 14.36 -2.76 8.50
C ARG A 71 13.45 -3.39 9.53
N PRO A 72 13.99 -4.36 10.29
CA PRO A 72 13.24 -5.06 11.33
C PRO A 72 12.92 -4.17 12.53
N GLY A 73 11.65 -4.12 12.91
CA GLY A 73 11.25 -3.29 14.04
C GLY A 73 10.98 -1.85 13.64
N MET A 74 10.42 -1.67 12.45
CA MET A 74 10.11 -0.34 11.95
C MET A 74 8.72 -0.30 11.33
N VAL A 75 8.03 0.82 11.51
CA VAL A 75 6.68 0.99 10.96
C VAL A 75 6.70 1.77 9.66
N TYR A 76 6.12 1.19 8.62
CA TYR A 76 6.07 1.83 7.31
C TYR A 76 4.64 2.07 6.87
N VAL A 77 4.41 3.22 6.24
CA VAL A 77 3.07 3.57 5.76
C VAL A 77 2.92 3.26 4.27
N VAL A 78 2.29 2.12 3.97
CA VAL A 78 2.08 1.71 2.58
C VAL A 78 0.68 2.09 2.11
N GLN A 79 0.54 2.29 0.80
CA GLN A 79 -0.74 2.66 0.22
C GLN A 79 -0.91 2.00 -1.16
N VAL A 80 -2.16 1.88 -1.58
CA VAL A 80 -2.48 1.27 -2.86
C VAL A 80 -3.54 2.07 -3.61
N ARG A 81 -3.40 2.15 -4.94
CA ARG A 81 -4.35 2.89 -5.75
C ARG A 81 -4.80 2.05 -6.95
N ALA A 82 -5.87 2.49 -7.61
CA ALA A 82 -6.39 1.79 -8.77
C ALA A 82 -6.14 2.56 -10.05
N ARG A 83 -5.37 1.98 -10.96
CA ARG A 83 -5.05 2.61 -12.23
C ARG A 83 -5.88 2.02 -13.36
N THR A 84 -6.46 2.87 -14.18
CA THR A 84 -7.28 2.43 -15.31
C THR A 84 -6.89 3.15 -16.59
N VAL A 85 -7.54 2.79 -17.69
CA VAL A 85 -7.26 3.40 -18.98
C VAL A 85 -7.55 4.90 -18.95
N ALA A 86 -8.25 5.34 -17.90
CA ALA A 86 -8.59 6.75 -17.75
C ALA A 86 -7.47 7.52 -17.06
N GLY A 87 -6.89 6.91 -16.03
CA GLY A 87 -5.81 7.56 -15.30
C GLY A 87 -5.47 6.85 -14.02
N TYR A 88 -4.91 7.58 -13.06
CA TYR A 88 -4.53 7.00 -11.77
C TYR A 88 -5.55 7.36 -10.70
N GLY A 89 -5.92 6.37 -9.89
CA GLY A 89 -6.88 6.59 -8.84
C GLY A 89 -6.23 6.96 -7.53
N LYS A 90 -7.02 7.50 -6.60
CA LYS A 90 -6.51 7.91 -5.29
C LYS A 90 -6.06 6.70 -4.48
N PHE A 91 -5.21 6.94 -3.50
CA PHE A 91 -4.70 5.86 -2.65
C PHE A 91 -5.73 5.50 -1.58
N SER A 92 -5.67 4.25 -1.11
CA SER A 92 -6.59 3.77 -0.09
C SER A 92 -6.14 4.21 1.30
N GLY A 93 -7.10 4.27 2.23
CA GLY A 93 -6.79 4.68 3.58
C GLY A 93 -5.44 4.17 4.05
N LYS A 94 -4.41 5.01 3.96
CA LYS A 94 -3.07 4.64 4.37
C LYS A 94 -3.10 3.91 5.71
N MET A 95 -2.26 2.88 5.85
CA MET A 95 -2.18 2.11 7.08
C MET A 95 -0.74 1.94 7.53
N CYS A 96 -0.55 1.78 8.83
CA CYS A 96 0.79 1.60 9.39
C CYS A 96 1.09 0.13 9.64
N PHE A 97 2.02 -0.43 8.88
CA PHE A 97 2.40 -1.83 9.02
C PHE A 97 3.82 -1.96 9.59
N GLN A 98 3.94 -2.66 10.71
CA GLN A 98 5.23 -2.85 11.35
C GLN A 98 5.85 -4.18 10.91
N THR A 99 7.18 -4.20 10.84
CA THR A 99 7.89 -5.41 10.44
C THR A 99 8.15 -6.32 11.64
N LEU A 100 8.71 -7.50 11.36
CA LEU A 100 9.01 -8.46 12.42
C LEU A 100 10.05 -7.90 13.38
N THR A 101 9.79 -8.07 14.67
CA THR A 101 10.70 -7.58 15.71
C THR A 101 11.49 -8.73 16.32
N ASP A 102 12.77 -8.83 15.96
CA ASP A 102 13.63 -9.88 16.49
C ASP A 102 13.84 -9.73 17.99
N SER A 103 14.04 -10.84 18.67
CA SER A 103 14.25 -10.83 20.11
C SER A 103 13.39 -9.76 20.78
N GLY A 104 12.16 -9.60 20.27
CA GLY A 104 11.25 -8.61 20.83
C GLY A 104 10.38 -9.19 21.92
N PRO A 105 9.71 -8.29 22.67
CA PRO A 105 8.84 -8.69 23.79
C PRO A 105 7.57 -9.39 23.29
N SER A 106 6.99 -10.22 24.14
CA SER A 106 5.77 -10.95 23.80
C SER A 106 4.72 -10.82 24.89
N SER A 107 3.82 -9.86 24.74
CA SER A 107 2.77 -9.63 25.72
C SER A 107 2.10 -10.93 26.12
N GLY A 108 1.60 -11.66 25.13
CA GLY A 108 0.94 -12.93 25.40
C GLY A 108 1.76 -13.83 26.31
N GLY A 1 -18.89 17.79 -3.38
CA GLY A 1 -17.49 17.95 -3.05
C GLY A 1 -16.58 17.33 -4.10
N SER A 2 -16.60 17.89 -5.31
CA SER A 2 -15.79 17.37 -6.40
C SER A 2 -14.37 17.96 -6.34
N SER A 3 -13.39 17.17 -6.76
CA SER A 3 -12.00 17.61 -6.75
C SER A 3 -11.11 16.57 -7.44
N GLY A 4 -10.53 16.95 -8.56
CA GLY A 4 -9.65 16.06 -9.29
C GLY A 4 -10.38 15.28 -10.36
N SER A 5 -9.72 15.04 -11.49
CA SER A 5 -10.32 14.31 -12.60
C SER A 5 -10.90 12.98 -12.11
N SER A 6 -12.07 12.62 -12.66
CA SER A 6 -12.72 11.38 -12.28
C SER A 6 -11.83 10.17 -12.56
N GLY A 7 -11.28 9.60 -11.49
CA GLY A 7 -10.41 8.44 -11.64
C GLY A 7 -11.10 7.14 -11.25
N PRO A 8 -10.36 6.03 -11.36
CA PRO A 8 -10.89 4.70 -11.02
C PRO A 8 -11.11 4.53 -9.52
N SER A 9 -12.14 3.77 -9.17
CA SER A 9 -12.46 3.54 -7.76
C SER A 9 -11.21 3.14 -6.98
N THR A 10 -11.33 3.13 -5.66
CA THR A 10 -10.20 2.78 -4.79
C THR A 10 -10.66 1.90 -3.63
N VAL A 11 -9.78 1.01 -3.18
CA VAL A 11 -10.10 0.12 -2.07
C VAL A 11 -10.42 0.90 -0.81
N PRO A 12 -11.48 0.49 -0.12
CA PRO A 12 -11.93 1.13 1.12
C PRO A 12 -10.97 0.88 2.28
N ILE A 13 -10.49 -0.35 2.40
CA ILE A 13 -9.56 -0.71 3.45
C ILE A 13 -8.55 -1.75 2.96
N MET A 14 -7.42 -1.84 3.67
CA MET A 14 -6.36 -2.78 3.31
C MET A 14 -6.23 -3.87 4.36
N HIS A 15 -5.90 -5.08 3.92
CA HIS A 15 -5.74 -6.22 4.83
C HIS A 15 -4.39 -6.88 4.62
N GLN A 16 -3.69 -7.13 5.72
CA GLN A 16 -2.38 -7.76 5.67
C GLN A 16 -2.49 -9.28 5.84
N VAL A 17 -1.71 -10.02 5.06
CA VAL A 17 -1.73 -11.48 5.12
C VAL A 17 -0.53 -12.00 5.90
N SER A 18 0.64 -11.43 5.65
CA SER A 18 1.86 -11.84 6.33
C SER A 18 2.93 -10.74 6.24
N ALA A 19 4.00 -10.91 7.02
CA ALA A 19 5.08 -9.94 7.03
C ALA A 19 6.39 -10.59 7.48
N THR A 20 7.50 -10.07 6.97
CA THR A 20 8.82 -10.60 7.31
C THR A 20 9.64 -9.57 8.08
N MET A 21 10.89 -9.91 8.36
CA MET A 21 11.78 -9.02 9.08
C MET A 21 12.34 -7.94 8.17
N ARG A 22 12.51 -8.29 6.90
CA ARG A 22 13.04 -7.35 5.92
C ARG A 22 12.03 -7.10 4.80
N SER A 23 10.79 -7.52 5.01
CA SER A 23 9.74 -7.36 4.02
C SER A 23 8.36 -7.41 4.68
N ILE A 24 7.33 -7.14 3.88
CA ILE A 24 5.96 -7.16 4.38
C ILE A 24 4.98 -7.55 3.29
N THR A 25 3.96 -8.31 3.66
CA THR A 25 2.95 -8.76 2.71
C THR A 25 1.59 -8.13 3.01
N LEU A 26 0.91 -7.67 1.97
CA LEU A 26 -0.41 -7.05 2.12
C LEU A 26 -1.39 -7.59 1.08
N SER A 27 -2.66 -7.29 1.28
CA SER A 27 -3.70 -7.75 0.36
C SER A 27 -4.94 -6.86 0.46
N TRP A 28 -5.43 -6.41 -0.69
CA TRP A 28 -6.61 -5.56 -0.73
C TRP A 28 -7.66 -6.11 -1.70
N PRO A 29 -8.94 -5.95 -1.35
CA PRO A 29 -10.06 -6.43 -2.18
C PRO A 29 -10.19 -5.62 -3.47
N GLN A 30 -10.60 -6.31 -4.55
CA GLN A 30 -10.77 -5.65 -5.84
C GLN A 30 -12.03 -4.80 -5.83
N PRO A 31 -11.91 -3.56 -6.35
CA PRO A 31 -13.03 -2.62 -6.42
C PRO A 31 -14.07 -3.05 -7.45
N GLU A 32 -15.20 -2.33 -7.47
CA GLU A 32 -16.28 -2.64 -8.40
C GLU A 32 -16.61 -1.43 -9.26
N GLN A 33 -16.09 -0.26 -8.87
CA GLN A 33 -16.32 0.97 -9.60
C GLN A 33 -15.02 1.55 -10.14
N PRO A 34 -14.20 0.69 -10.75
CA PRO A 34 -12.91 1.10 -11.31
C PRO A 34 -13.06 1.97 -12.55
N ASN A 35 -14.31 2.23 -12.93
CA ASN A 35 -14.60 3.05 -14.10
C ASN A 35 -13.78 2.60 -15.30
N GLY A 36 -13.47 1.30 -15.35
CA GLY A 36 -12.70 0.77 -16.45
C GLY A 36 -11.72 -0.29 -16.00
N ILE A 37 -11.39 -1.23 -16.90
CA ILE A 37 -10.46 -2.30 -16.58
C ILE A 37 -9.26 -1.77 -15.81
N ILE A 38 -8.75 -2.59 -14.88
CA ILE A 38 -7.61 -2.22 -14.07
C ILE A 38 -6.33 -2.84 -14.61
N LEU A 39 -5.39 -1.99 -15.04
CA LEU A 39 -4.12 -2.46 -15.57
C LEU A 39 -3.23 -3.01 -14.45
N ASP A 40 -2.93 -2.15 -13.48
CA ASP A 40 -2.09 -2.54 -12.35
C ASP A 40 -2.34 -1.64 -11.15
N TYR A 41 -1.80 -2.03 -10.00
CA TYR A 41 -1.98 -1.26 -8.77
C TYR A 41 -0.65 -0.68 -8.31
N GLU A 42 -0.64 0.62 -8.02
CA GLU A 42 0.57 1.30 -7.56
C GLU A 42 0.64 1.32 -6.05
N ILE A 43 1.79 0.92 -5.51
CA ILE A 43 1.99 0.89 -4.06
C ILE A 43 3.08 1.85 -3.64
N ARG A 44 2.74 2.79 -2.76
CA ARG A 44 3.70 3.78 -2.28
C ARG A 44 3.95 3.60 -0.78
N TYR A 45 5.22 3.41 -0.42
CA TYR A 45 5.60 3.23 0.97
C TYR A 45 6.71 4.19 1.37
N TYR A 46 6.63 4.72 2.59
CA TYR A 46 7.63 5.65 3.09
C TYR A 46 7.81 5.50 4.60
N GLU A 47 9.04 5.65 5.06
CA GLU A 47 9.35 5.53 6.49
C GLU A 47 8.51 6.51 7.30
N LYS A 48 7.89 6.02 8.36
CA LYS A 48 7.07 6.84 9.23
C LYS A 48 7.78 8.14 9.58
N GLU A 49 9.09 8.05 9.79
CA GLU A 49 9.89 9.23 10.13
C GLU A 49 10.03 10.16 8.93
N HIS A 50 10.07 9.57 7.74
CA HIS A 50 10.20 10.35 6.51
C HIS A 50 8.84 10.84 6.02
N ASN A 51 8.85 11.70 5.01
CA ASN A 51 7.62 12.24 4.45
C ASN A 51 7.33 11.64 3.08
N GLU A 52 6.27 12.13 2.44
CA GLU A 52 5.89 11.63 1.12
C GLU A 52 6.99 11.90 0.09
N PHE A 53 7.55 13.11 0.13
CA PHE A 53 8.61 13.49 -0.79
C PHE A 53 9.61 12.36 -0.97
N ASN A 54 10.20 11.92 0.13
CA ASN A 54 11.18 10.83 0.10
C ASN A 54 10.50 9.48 0.28
N SER A 55 9.62 9.14 -0.66
CA SER A 55 8.90 7.87 -0.60
C SER A 55 9.25 6.99 -1.80
N SER A 56 8.75 5.76 -1.79
CA SER A 56 9.01 4.82 -2.88
C SER A 56 7.71 4.37 -3.53
N MET A 57 7.82 3.72 -4.69
CA MET A 57 6.65 3.23 -5.40
C MET A 57 6.93 1.86 -6.01
N ALA A 58 5.92 1.00 -6.01
CA ALA A 58 6.05 -0.34 -6.56
C ALA A 58 4.85 -0.70 -7.43
N ARG A 59 5.05 -1.60 -8.39
CA ARG A 59 3.98 -2.02 -9.28
C ARG A 59 3.58 -3.46 -8.98
N SER A 60 2.28 -3.75 -9.14
CA SER A 60 1.76 -5.09 -8.88
C SER A 60 0.68 -5.45 -9.91
N GLN A 61 0.84 -6.61 -10.53
CA GLN A 61 -0.12 -7.08 -11.53
C GLN A 61 -1.26 -7.83 -10.87
N THR A 62 -1.46 -7.60 -9.57
CA THR A 62 -2.52 -8.26 -8.82
C THR A 62 -2.93 -7.43 -7.62
N ASN A 63 -3.91 -7.93 -6.87
CA ASN A 63 -4.40 -7.24 -5.68
C ASN A 63 -3.59 -7.63 -4.44
N THR A 64 -2.37 -8.11 -4.67
CA THR A 64 -1.51 -8.52 -3.58
C THR A 64 -0.03 -8.31 -3.93
N ALA A 65 0.69 -7.60 -3.07
CA ALA A 65 2.10 -7.34 -3.29
C ALA A 65 2.87 -7.26 -1.97
N ARG A 66 4.11 -7.72 -1.98
CA ARG A 66 4.94 -7.70 -0.78
C ARG A 66 6.04 -6.65 -0.90
N ILE A 67 6.18 -5.83 0.13
CA ILE A 67 7.20 -4.78 0.14
C ILE A 67 8.51 -5.30 0.69
N ASP A 68 9.58 -5.18 -0.10
CA ASP A 68 10.90 -5.63 0.32
C ASP A 68 11.86 -4.46 0.45
N GLY A 69 12.79 -4.58 1.40
CA GLY A 69 13.77 -3.52 1.61
C GLY A 69 13.40 -2.64 2.79
N LEU A 70 13.16 -3.26 3.94
CA LEU A 70 12.80 -2.52 5.15
C LEU A 70 13.66 -2.96 6.33
N ARG A 71 13.50 -2.28 7.46
CA ARG A 71 14.26 -2.60 8.66
C ARG A 71 13.37 -3.29 9.70
N PRO A 72 13.99 -4.10 10.57
CA PRO A 72 13.28 -4.83 11.61
C PRO A 72 12.75 -3.92 12.70
N GLY A 73 11.48 -4.12 13.08
CA GLY A 73 10.87 -3.30 14.11
C GLY A 73 10.69 -1.87 13.68
N MET A 74 10.21 -1.68 12.45
CA MET A 74 9.98 -0.34 11.92
C MET A 74 8.61 -0.24 11.25
N VAL A 75 7.98 0.92 11.39
CA VAL A 75 6.66 1.14 10.81
C VAL A 75 6.78 1.82 9.44
N TYR A 76 5.99 1.33 8.49
CA TYR A 76 6.00 1.89 7.13
C TYR A 76 4.58 2.16 6.64
N VAL A 77 4.35 3.37 6.13
CA VAL A 77 3.04 3.76 5.62
C VAL A 77 2.88 3.34 4.17
N VAL A 78 2.23 2.19 3.97
CA VAL A 78 2.00 1.68 2.62
C VAL A 78 0.59 2.01 2.14
N GLN A 79 0.47 2.36 0.86
CA GLN A 79 -0.81 2.70 0.28
C GLN A 79 -0.93 2.16 -1.14
N VAL A 80 -2.12 1.67 -1.49
CA VAL A 80 -2.37 1.12 -2.80
C VAL A 80 -3.45 1.90 -3.53
N ARG A 81 -3.27 2.07 -4.84
CA ARG A 81 -4.23 2.81 -5.65
C ARG A 81 -4.60 2.01 -6.91
N ALA A 82 -5.69 2.41 -7.54
CA ALA A 82 -6.16 1.73 -8.76
C ALA A 82 -5.87 2.58 -10.00
N ARG A 83 -5.37 1.93 -11.04
CA ARG A 83 -5.04 2.61 -12.29
C ARG A 83 -5.70 1.92 -13.47
N THR A 84 -6.31 2.72 -14.36
CA THR A 84 -6.98 2.19 -15.52
C THR A 84 -6.63 3.01 -16.78
N VAL A 85 -7.06 2.51 -17.93
CA VAL A 85 -6.80 3.19 -19.20
C VAL A 85 -7.34 4.62 -19.17
N ALA A 86 -8.16 4.92 -18.17
CA ALA A 86 -8.74 6.25 -18.03
C ALA A 86 -7.79 7.20 -17.30
N GLY A 87 -7.22 6.71 -16.20
CA GLY A 87 -6.30 7.53 -15.42
C GLY A 87 -5.85 6.84 -14.16
N TYR A 88 -5.49 7.63 -13.15
CA TYR A 88 -5.03 7.09 -11.88
C TYR A 88 -6.06 7.31 -10.77
N GLY A 89 -6.05 6.46 -9.77
CA GLY A 89 -6.99 6.58 -8.67
C GLY A 89 -6.33 7.04 -7.39
N LYS A 90 -7.13 7.49 -6.43
CA LYS A 90 -6.61 7.96 -5.15
C LYS A 90 -6.11 6.79 -4.31
N PHE A 91 -5.40 7.10 -3.23
CA PHE A 91 -4.87 6.08 -2.34
C PHE A 91 -5.94 5.58 -1.37
N SER A 92 -5.84 4.32 -0.98
CA SER A 92 -6.80 3.72 -0.06
C SER A 92 -6.52 4.16 1.37
N GLY A 93 -7.49 3.92 2.25
CA GLY A 93 -7.33 4.29 3.65
C GLY A 93 -5.92 4.06 4.15
N LYS A 94 -5.08 5.09 4.05
CA LYS A 94 -3.69 4.99 4.50
C LYS A 94 -3.59 4.16 5.78
N MET A 95 -2.66 3.21 5.79
CA MET A 95 -2.46 2.35 6.95
C MET A 95 -0.97 2.21 7.27
N CYS A 96 -0.68 1.90 8.53
CA CYS A 96 0.70 1.74 8.97
C CYS A 96 1.01 0.29 9.31
N PHE A 97 1.88 -0.33 8.52
CA PHE A 97 2.26 -1.73 8.73
C PHE A 97 3.70 -1.83 9.23
N GLN A 98 3.88 -2.53 10.35
CA GLN A 98 5.20 -2.70 10.92
C GLN A 98 5.77 -4.08 10.58
N THR A 99 7.09 -4.20 10.69
CA THR A 99 7.76 -5.46 10.38
C THR A 99 7.88 -6.34 11.62
N LEU A 100 8.52 -7.49 11.46
CA LEU A 100 8.70 -8.42 12.58
C LEU A 100 9.79 -7.92 13.53
N THR A 101 9.50 -7.99 14.83
CA THR A 101 10.45 -7.55 15.84
C THR A 101 11.22 -8.72 16.42
N ASP A 102 12.49 -8.83 16.05
CA ASP A 102 13.35 -9.90 16.52
C ASP A 102 13.93 -9.57 17.90
N SER A 103 13.07 -9.11 18.80
CA SER A 103 13.49 -8.75 20.15
C SER A 103 13.30 -9.92 21.11
N GLY A 104 12.03 -10.27 21.36
CA GLY A 104 11.73 -11.37 22.25
C GLY A 104 10.44 -11.15 23.02
N PRO A 105 10.30 -11.83 24.16
CA PRO A 105 9.11 -11.73 25.02
C PRO A 105 9.00 -10.37 25.70
N SER A 106 10.04 -9.56 25.55
CA SER A 106 10.06 -8.23 26.16
C SER A 106 8.68 -7.59 26.13
N SER A 107 8.08 -7.53 24.94
CA SER A 107 6.75 -6.95 24.78
C SER A 107 5.94 -7.73 23.75
N GLY A 108 4.90 -8.41 24.23
CA GLY A 108 4.06 -9.18 23.34
C GLY A 108 2.65 -9.36 23.88
N GLY A 1 -16.25 19.62 -5.81
CA GLY A 1 -15.22 18.59 -5.81
C GLY A 1 -14.03 18.95 -4.92
N SER A 2 -14.20 18.77 -3.62
CA SER A 2 -13.14 19.08 -2.67
C SER A 2 -12.14 17.92 -2.57
N SER A 3 -12.66 16.73 -2.28
CA SER A 3 -11.82 15.55 -2.15
C SER A 3 -11.09 15.25 -3.46
N GLY A 4 -11.87 15.06 -4.52
CA GLY A 4 -11.28 14.77 -5.82
C GLY A 4 -12.23 13.98 -6.71
N SER A 5 -12.60 12.79 -6.27
CA SER A 5 -13.51 11.94 -7.04
C SER A 5 -13.16 11.99 -8.53
N SER A 6 -11.87 11.88 -8.83
CA SER A 6 -11.40 11.90 -10.22
C SER A 6 -10.63 10.64 -10.55
N GLY A 7 -11.15 9.87 -11.51
CA GLY A 7 -10.48 8.64 -11.91
C GLY A 7 -11.22 7.41 -11.43
N PRO A 8 -10.56 6.24 -11.52
CA PRO A 8 -11.13 4.97 -11.09
C PRO A 8 -11.29 4.87 -9.58
N SER A 9 -12.17 3.99 -9.13
CA SER A 9 -12.42 3.81 -7.71
C SER A 9 -11.14 3.40 -6.99
N THR A 10 -11.27 3.13 -5.68
CA THR A 10 -10.12 2.73 -4.88
C THR A 10 -10.56 1.83 -3.72
N VAL A 11 -9.69 0.89 -3.34
CA VAL A 11 -9.98 -0.02 -2.25
C VAL A 11 -10.45 0.72 -1.01
N PRO A 12 -11.48 0.19 -0.36
CA PRO A 12 -12.04 0.79 0.87
C PRO A 12 -11.10 0.68 2.05
N ILE A 13 -10.56 -0.51 2.27
CA ILE A 13 -9.64 -0.75 3.38
C ILE A 13 -8.56 -1.74 2.99
N MET A 14 -7.48 -1.78 3.77
CA MET A 14 -6.37 -2.68 3.50
C MET A 14 -6.30 -3.78 4.55
N HIS A 15 -5.91 -4.98 4.13
CA HIS A 15 -5.81 -6.12 5.04
C HIS A 15 -4.46 -6.79 4.91
N GLN A 16 -3.74 -6.90 6.02
CA GLN A 16 -2.42 -7.52 6.03
C GLN A 16 -2.53 -9.02 6.27
N VAL A 17 -1.76 -9.80 5.52
CA VAL A 17 -1.76 -11.25 5.65
C VAL A 17 -0.52 -11.75 6.38
N SER A 18 0.63 -11.20 6.02
CA SER A 18 1.89 -11.59 6.64
C SER A 18 2.94 -10.49 6.47
N ALA A 19 4.12 -10.71 7.04
CA ALA A 19 5.21 -9.75 6.97
C ALA A 19 6.55 -10.41 7.23
N THR A 20 7.63 -9.70 6.92
CA THR A 20 8.98 -10.21 7.13
C THR A 20 9.85 -9.21 7.87
N MET A 21 11.13 -9.53 8.01
CA MET A 21 12.07 -8.65 8.70
C MET A 21 12.65 -7.62 7.74
N ARG A 22 12.64 -7.95 6.45
CA ARG A 22 13.17 -7.06 5.42
C ARG A 22 12.10 -6.72 4.39
N SER A 23 10.88 -7.19 4.63
CA SER A 23 9.77 -6.95 3.72
C SER A 23 8.43 -7.15 4.43
N ILE A 24 7.35 -6.86 3.71
CA ILE A 24 6.01 -7.00 4.27
C ILE A 24 5.00 -7.34 3.18
N THR A 25 4.04 -8.22 3.51
CA THR A 25 3.02 -8.63 2.56
C THR A 25 1.70 -7.92 2.85
N LEU A 26 1.04 -7.47 1.79
CA LEU A 26 -0.24 -6.78 1.92
C LEU A 26 -1.25 -7.30 0.90
N SER A 27 -2.53 -7.07 1.18
CA SER A 27 -3.60 -7.51 0.29
C SER A 27 -4.79 -6.58 0.36
N TRP A 28 -5.45 -6.37 -0.78
CA TRP A 28 -6.61 -5.50 -0.84
C TRP A 28 -7.66 -6.06 -1.79
N PRO A 29 -8.94 -5.87 -1.42
CA PRO A 29 -10.07 -6.36 -2.23
C PRO A 29 -10.22 -5.59 -3.54
N GLN A 30 -10.87 -6.21 -4.52
CA GLN A 30 -11.08 -5.58 -5.82
C GLN A 30 -12.28 -4.63 -5.77
N PRO A 31 -12.09 -3.43 -6.34
CA PRO A 31 -13.15 -2.41 -6.39
C PRO A 31 -14.29 -2.79 -7.32
N GLU A 32 -15.36 -2.00 -7.30
CA GLU A 32 -16.52 -2.26 -8.14
C GLU A 32 -16.76 -1.10 -9.11
N GLN A 33 -16.09 0.03 -8.84
CA GLN A 33 -16.23 1.20 -9.69
C GLN A 33 -14.87 1.64 -10.24
N PRO A 34 -14.13 0.68 -10.81
CA PRO A 34 -12.80 0.94 -11.38
C PRO A 34 -12.88 1.77 -12.66
N ASN A 35 -14.10 2.16 -13.03
CA ASN A 35 -14.31 2.95 -14.24
C ASN A 35 -13.56 2.35 -15.42
N GLY A 36 -13.36 1.04 -15.38
CA GLY A 36 -12.66 0.36 -16.46
C GLY A 36 -11.78 -0.78 -15.96
N ILE A 37 -11.48 -1.72 -16.85
CA ILE A 37 -10.64 -2.86 -16.48
C ILE A 37 -9.30 -2.41 -15.95
N ILE A 38 -9.10 -2.55 -14.64
CA ILE A 38 -7.86 -2.16 -14.01
C ILE A 38 -6.68 -2.94 -14.58
N LEU A 39 -5.66 -2.22 -15.01
CA LEU A 39 -4.46 -2.85 -15.58
C LEU A 39 -3.51 -3.30 -14.48
N ASP A 40 -3.18 -2.39 -13.58
CA ASP A 40 -2.28 -2.71 -12.47
C ASP A 40 -2.59 -1.84 -11.25
N TYR A 41 -1.87 -2.08 -10.16
CA TYR A 41 -2.08 -1.33 -8.94
C TYR A 41 -0.77 -0.74 -8.43
N GLU A 42 -0.77 0.57 -8.17
CA GLU A 42 0.42 1.26 -7.69
C GLU A 42 0.45 1.29 -6.16
N ILE A 43 1.63 1.07 -5.60
CA ILE A 43 1.80 1.08 -4.15
C ILE A 43 2.93 2.00 -3.73
N ARG A 44 2.68 2.79 -2.69
CA ARG A 44 3.69 3.73 -2.18
C ARG A 44 3.98 3.47 -0.71
N TYR A 45 5.25 3.29 -0.39
CA TYR A 45 5.65 3.03 0.99
C TYR A 45 6.76 4.00 1.42
N TYR A 46 6.60 4.54 2.62
CA TYR A 46 7.58 5.50 3.16
C TYR A 46 7.60 5.45 4.68
N GLU A 47 8.80 5.58 5.25
CA GLU A 47 8.95 5.56 6.70
C GLU A 47 7.87 6.40 7.37
N LYS A 48 7.49 6.00 8.58
CA LYS A 48 6.45 6.71 9.34
C LYS A 48 6.96 8.07 9.79
N GLU A 49 8.27 8.28 9.68
CA GLU A 49 8.88 9.54 10.08
C GLU A 49 9.39 10.31 8.86
N HIS A 50 8.89 9.94 7.69
CA HIS A 50 9.30 10.59 6.45
C HIS A 50 8.08 10.98 5.61
N ASN A 51 8.30 11.80 4.59
CA ASN A 51 7.22 12.26 3.73
C ASN A 51 7.33 11.62 2.35
N GLU A 52 6.32 11.83 1.52
CA GLU A 52 6.29 11.28 0.17
C GLU A 52 7.61 11.56 -0.55
N PHE A 53 8.19 12.72 -0.26
CA PHE A 53 9.45 13.11 -0.90
C PHE A 53 10.41 11.92 -0.98
N ASN A 54 10.76 11.37 0.18
CA ASN A 54 11.67 10.23 0.24
C ASN A 54 10.90 8.92 0.34
N SER A 55 10.15 8.60 -0.72
CA SER A 55 9.35 7.38 -0.74
C SER A 55 9.63 6.57 -2.01
N SER A 56 9.28 5.30 -1.98
CA SER A 56 9.49 4.42 -3.13
C SER A 56 8.19 3.76 -3.56
N MET A 57 7.93 3.76 -4.87
CA MET A 57 6.72 3.17 -5.41
C MET A 57 7.04 1.89 -6.18
N ALA A 58 6.05 1.02 -6.32
CA ALA A 58 6.23 -0.24 -7.03
C ALA A 58 4.96 -0.62 -7.79
N ARG A 59 5.08 -1.59 -8.69
CA ARG A 59 3.95 -2.06 -9.48
C ARG A 59 3.49 -3.43 -9.02
N SER A 60 2.23 -3.75 -9.30
CA SER A 60 1.66 -5.04 -8.91
C SER A 60 0.59 -5.48 -9.90
N GLN A 61 0.81 -6.61 -10.54
CA GLN A 61 -0.14 -7.15 -11.51
C GLN A 61 -1.25 -7.94 -10.81
N THR A 62 -1.46 -7.65 -9.53
CA THR A 62 -2.48 -8.34 -8.75
C THR A 62 -2.94 -7.48 -7.58
N ASN A 63 -3.93 -7.98 -6.84
CA ASN A 63 -4.46 -7.26 -5.69
C ASN A 63 -3.61 -7.49 -4.45
N THR A 64 -2.37 -7.95 -4.67
CA THR A 64 -1.45 -8.22 -3.57
C THR A 64 0.00 -8.00 -4.00
N ALA A 65 0.75 -7.28 -3.17
CA ALA A 65 2.15 -7.00 -3.46
C ALA A 65 2.96 -6.89 -2.19
N ARG A 66 4.04 -7.65 -2.10
CA ARG A 66 4.91 -7.63 -0.92
C ARG A 66 6.01 -6.58 -1.07
N ILE A 67 6.08 -5.67 -0.10
CA ILE A 67 7.09 -4.61 -0.14
C ILE A 67 8.38 -5.07 0.53
N ASP A 68 9.47 -5.02 -0.22
CA ASP A 68 10.78 -5.43 0.28
C ASP A 68 11.75 -4.25 0.29
N GLY A 69 12.66 -4.25 1.25
CA GLY A 69 13.64 -3.18 1.34
C GLY A 69 13.48 -2.36 2.59
N LEU A 70 12.94 -2.97 3.65
CA LEU A 70 12.74 -2.28 4.92
C LEU A 70 13.62 -2.87 6.01
N ARG A 71 13.67 -2.19 7.16
CA ARG A 71 14.48 -2.65 8.27
C ARG A 71 13.61 -3.32 9.33
N PRO A 72 14.20 -4.26 10.09
CA PRO A 72 13.50 -4.99 11.15
C PRO A 72 13.17 -4.10 12.34
N GLY A 73 11.90 -4.11 12.75
CA GLY A 73 11.48 -3.30 13.88
C GLY A 73 11.25 -1.85 13.50
N MET A 74 10.49 -1.64 12.43
CA MET A 74 10.19 -0.29 11.96
C MET A 74 8.80 -0.23 11.32
N VAL A 75 8.09 0.86 11.57
CA VAL A 75 6.76 1.05 11.02
C VAL A 75 6.81 1.74 9.66
N TYR A 76 6.04 1.25 8.71
CA TYR A 76 6.00 1.82 7.37
C TYR A 76 4.56 1.98 6.88
N VAL A 77 4.25 3.16 6.36
CA VAL A 77 2.90 3.43 5.86
C VAL A 77 2.80 3.11 4.37
N VAL A 78 2.04 2.07 4.05
CA VAL A 78 1.85 1.65 2.66
C VAL A 78 0.42 1.93 2.20
N GLN A 79 0.28 2.30 0.93
CA GLN A 79 -1.02 2.58 0.36
C GLN A 79 -1.18 1.93 -1.02
N VAL A 80 -2.42 1.77 -1.45
CA VAL A 80 -2.70 1.15 -2.74
C VAL A 80 -3.68 2.00 -3.54
N ARG A 81 -3.59 1.90 -4.87
CA ARG A 81 -4.47 2.65 -5.75
C ARG A 81 -4.86 1.83 -6.98
N ALA A 82 -5.86 2.29 -7.71
CA ALA A 82 -6.33 1.60 -8.90
C ALA A 82 -6.03 2.41 -10.16
N ARG A 83 -5.25 1.82 -11.06
CA ARG A 83 -4.89 2.49 -12.31
C ARG A 83 -5.64 1.89 -13.49
N THR A 84 -6.17 2.75 -14.34
CA THR A 84 -6.92 2.31 -15.52
C THR A 84 -6.51 3.09 -16.76
N VAL A 85 -6.93 2.60 -17.93
CA VAL A 85 -6.60 3.26 -19.19
C VAL A 85 -6.92 4.75 -19.14
N ALA A 86 -7.93 5.10 -18.34
CA ALA A 86 -8.33 6.50 -18.20
C ALA A 86 -7.26 7.31 -17.49
N GLY A 87 -6.78 6.78 -16.36
CA GLY A 87 -5.76 7.47 -15.60
C GLY A 87 -5.43 6.76 -14.30
N TYR A 88 -4.99 7.53 -13.31
CA TYR A 88 -4.64 6.97 -12.01
C TYR A 88 -5.67 7.34 -10.95
N GLY A 89 -5.87 6.44 -9.98
CA GLY A 89 -6.83 6.68 -8.93
C GLY A 89 -6.17 7.08 -7.62
N LYS A 90 -6.95 7.64 -6.71
CA LYS A 90 -6.44 8.06 -5.41
C LYS A 90 -5.93 6.86 -4.61
N PHE A 91 -5.33 7.13 -3.46
CA PHE A 91 -4.80 6.07 -2.60
C PHE A 91 -5.83 5.64 -1.57
N SER A 92 -5.76 4.37 -1.18
CA SER A 92 -6.70 3.83 -0.20
C SER A 92 -6.35 4.31 1.21
N GLY A 93 -7.22 3.99 2.17
CA GLY A 93 -6.99 4.41 3.53
C GLY A 93 -5.54 4.30 3.94
N LYS A 94 -5.17 5.00 5.00
CA LYS A 94 -3.79 4.99 5.50
C LYS A 94 -3.64 3.98 6.64
N MET A 95 -2.81 2.97 6.40
CA MET A 95 -2.57 1.94 7.42
C MET A 95 -1.09 1.87 7.80
N CYS A 96 -0.81 1.31 8.97
CA CYS A 96 0.56 1.19 9.44
C CYS A 96 0.94 -0.27 9.69
N PHE A 97 1.97 -0.73 9.00
CA PHE A 97 2.43 -2.11 9.14
C PHE A 97 3.91 -2.16 9.51
N GLN A 98 4.20 -2.78 10.64
CA GLN A 98 5.58 -2.90 11.11
C GLN A 98 6.17 -4.25 10.74
N THR A 99 7.50 -4.33 10.71
CA THR A 99 8.18 -5.56 10.37
C THR A 99 8.33 -6.47 11.59
N LEU A 100 9.00 -7.60 11.40
CA LEU A 100 9.21 -8.55 12.49
C LEU A 100 10.34 -8.09 13.40
N THR A 101 10.04 -7.94 14.69
CA THR A 101 11.03 -7.50 15.66
C THR A 101 11.86 -8.69 16.17
N ASP A 102 13.14 -8.71 15.80
CA ASP A 102 14.04 -9.79 16.22
C ASP A 102 14.08 -9.88 17.75
N SER A 103 14.21 -8.74 18.40
CA SER A 103 14.28 -8.70 19.86
C SER A 103 13.39 -9.77 20.47
N GLY A 104 12.12 -9.79 20.08
CA GLY A 104 11.18 -10.77 20.59
C GLY A 104 9.75 -10.35 20.40
N PRO A 105 8.88 -11.34 20.13
CA PRO A 105 7.44 -11.09 19.92
C PRO A 105 6.73 -10.67 21.20
N SER A 106 7.02 -11.39 22.29
CA SER A 106 6.40 -11.09 23.58
C SER A 106 6.92 -9.77 24.15
N SER A 107 6.00 -8.84 24.39
CA SER A 107 6.37 -7.53 24.93
C SER A 107 6.53 -7.59 26.45
N GLY A 108 5.56 -8.22 27.12
CA GLY A 108 5.60 -8.33 28.56
C GLY A 108 5.83 -6.99 29.24
N GLY A 1 -11.74 22.88 -1.36
CA GLY A 1 -11.97 22.50 -2.74
C GLY A 1 -13.08 21.48 -2.88
N SER A 2 -13.51 21.23 -4.12
CA SER A 2 -14.57 20.28 -4.38
C SER A 2 -14.13 19.23 -5.40
N SER A 3 -14.16 17.96 -5.01
CA SER A 3 -13.76 16.88 -5.89
C SER A 3 -14.68 15.67 -5.72
N GLY A 4 -15.14 15.13 -6.84
CA GLY A 4 -16.03 13.98 -6.81
C GLY A 4 -15.45 12.78 -7.55
N SER A 5 -16.18 12.33 -8.58
CA SER A 5 -15.74 11.19 -9.36
C SER A 5 -14.60 11.57 -10.30
N SER A 6 -13.37 11.53 -9.77
CA SER A 6 -12.21 11.87 -10.56
C SER A 6 -11.23 10.69 -10.63
N GLY A 7 -11.49 9.79 -11.57
CA GLY A 7 -10.63 8.62 -11.73
C GLY A 7 -11.32 7.34 -11.31
N PRO A 8 -10.60 6.21 -11.43
CA PRO A 8 -11.12 4.89 -11.07
C PRO A 8 -11.30 4.74 -9.56
N SER A 9 -12.22 3.86 -9.17
CA SER A 9 -12.50 3.63 -7.76
C SER A 9 -11.19 3.39 -6.99
N THR A 10 -11.30 3.31 -5.67
CA THR A 10 -10.13 3.08 -4.82
C THR A 10 -10.49 2.19 -3.63
N VAL A 11 -9.65 1.17 -3.42
CA VAL A 11 -9.87 0.24 -2.32
C VAL A 11 -10.33 0.96 -1.06
N PRO A 12 -11.40 0.45 -0.45
CA PRO A 12 -11.96 1.03 0.78
C PRO A 12 -11.05 0.83 1.99
N ILE A 13 -10.51 -0.36 2.13
CA ILE A 13 -9.61 -0.67 3.24
C ILE A 13 -8.53 -1.66 2.81
N MET A 14 -7.48 -1.76 3.62
CA MET A 14 -6.38 -2.67 3.32
C MET A 14 -6.32 -3.80 4.35
N HIS A 15 -5.87 -4.97 3.90
CA HIS A 15 -5.77 -6.14 4.78
C HIS A 15 -4.41 -6.80 4.63
N GLN A 16 -3.73 -7.02 5.76
CA GLN A 16 -2.42 -7.65 5.76
C GLN A 16 -2.54 -9.16 5.93
N VAL A 17 -1.70 -9.90 5.22
CA VAL A 17 -1.71 -11.36 5.30
C VAL A 17 -0.47 -11.87 6.03
N SER A 18 0.68 -11.29 5.71
CA SER A 18 1.93 -11.71 6.33
C SER A 18 3.00 -10.62 6.18
N ALA A 19 4.19 -10.90 6.69
CA ALA A 19 5.29 -9.95 6.61
C ALA A 19 6.58 -10.56 7.15
N THR A 20 7.71 -10.12 6.60
CA THR A 20 9.01 -10.63 7.02
C THR A 20 9.78 -9.58 7.80
N MET A 21 11.02 -9.90 8.16
CA MET A 21 11.86 -8.98 8.91
C MET A 21 12.51 -7.95 7.98
N ARG A 22 12.51 -8.24 6.68
CA ARG A 22 13.10 -7.35 5.70
C ARG A 22 12.07 -6.97 4.63
N SER A 23 10.83 -7.38 4.85
CA SER A 23 9.76 -7.08 3.91
C SER A 23 8.39 -7.18 4.59
N ILE A 24 7.34 -6.92 3.81
CA ILE A 24 5.98 -6.99 4.34
C ILE A 24 4.99 -7.39 3.26
N THR A 25 4.02 -8.23 3.63
CA THR A 25 3.01 -8.68 2.69
C THR A 25 1.65 -8.07 2.99
N LEU A 26 1.00 -7.53 1.98
CA LEU A 26 -0.31 -6.91 2.14
C LEU A 26 -1.25 -7.33 1.02
N SER A 27 -2.53 -6.99 1.17
CA SER A 27 -3.54 -7.34 0.18
C SER A 27 -4.70 -6.35 0.20
N TRP A 28 -5.50 -6.36 -0.85
CA TRP A 28 -6.64 -5.46 -0.95
C TRP A 28 -7.67 -5.99 -1.94
N PRO A 29 -8.96 -5.77 -1.63
CA PRO A 29 -10.06 -6.22 -2.48
C PRO A 29 -10.14 -5.46 -3.79
N GLN A 30 -10.79 -6.05 -4.78
CA GLN A 30 -10.94 -5.42 -6.09
C GLN A 30 -12.16 -4.49 -6.12
N PRO A 31 -11.95 -3.27 -6.63
CA PRO A 31 -13.02 -2.26 -6.73
C PRO A 31 -14.07 -2.64 -7.77
N GLU A 32 -15.28 -2.14 -7.58
CA GLU A 32 -16.38 -2.41 -8.50
C GLU A 32 -16.62 -1.23 -9.43
N GLN A 33 -15.94 -0.12 -9.15
CA GLN A 33 -16.08 1.08 -9.97
C GLN A 33 -14.73 1.53 -10.51
N PRO A 34 -13.99 0.59 -11.12
CA PRO A 34 -12.67 0.88 -11.69
C PRO A 34 -12.75 1.76 -12.92
N ASN A 35 -13.96 2.16 -13.29
CA ASN A 35 -14.16 3.00 -14.46
C ASN A 35 -13.38 2.49 -15.66
N GLY A 36 -13.16 1.18 -15.70
CA GLY A 36 -12.42 0.58 -16.78
C GLY A 36 -11.48 -0.53 -16.32
N ILE A 37 -10.97 -1.30 -17.27
CA ILE A 37 -10.07 -2.40 -16.95
C ILE A 37 -8.81 -1.88 -16.25
N ILE A 38 -8.57 -2.39 -15.05
CA ILE A 38 -7.40 -1.98 -14.27
C ILE A 38 -6.14 -2.68 -14.77
N LEU A 39 -5.19 -1.90 -15.27
CA LEU A 39 -3.94 -2.43 -15.78
C LEU A 39 -3.10 -3.03 -14.65
N ASP A 40 -2.78 -2.20 -13.67
CA ASP A 40 -1.98 -2.66 -12.52
C ASP A 40 -2.30 -1.83 -11.28
N TYR A 41 -1.78 -2.26 -10.14
CA TYR A 41 -2.01 -1.56 -8.88
C TYR A 41 -0.70 -1.02 -8.31
N GLU A 42 -0.62 0.30 -8.17
CA GLU A 42 0.58 0.94 -7.64
C GLU A 42 0.51 1.01 -6.11
N ILE A 43 1.64 0.68 -5.47
CA ILE A 43 1.71 0.70 -4.01
C ILE A 43 2.88 1.56 -3.54
N ARG A 44 2.56 2.67 -2.88
CA ARG A 44 3.58 3.58 -2.38
C ARG A 44 3.82 3.36 -0.88
N TYR A 45 5.08 3.42 -0.48
CA TYR A 45 5.44 3.21 0.92
C TYR A 45 6.56 4.15 1.33
N TYR A 46 6.50 4.66 2.56
CA TYR A 46 7.50 5.57 3.07
C TYR A 46 7.67 5.41 4.58
N GLU A 47 8.77 5.92 5.12
CA GLU A 47 9.05 5.84 6.54
C GLU A 47 8.05 6.67 7.34
N LYS A 48 7.56 6.11 8.44
CA LYS A 48 6.61 6.81 9.29
C LYS A 48 7.19 8.11 9.82
N GLU A 49 8.50 8.28 9.64
CA GLU A 49 9.19 9.48 10.11
C GLU A 49 9.65 10.33 8.94
N HIS A 50 9.17 10.00 7.74
CA HIS A 50 9.52 10.75 6.54
C HIS A 50 8.28 11.34 5.87
N ASN A 51 8.48 11.97 4.73
CA ASN A 51 7.38 12.58 3.99
C ASN A 51 7.08 11.81 2.71
N GLU A 52 5.99 12.18 2.04
CA GLU A 52 5.60 11.51 0.81
C GLU A 52 6.61 11.79 -0.30
N PHE A 53 7.52 12.73 -0.05
CA PHE A 53 8.54 13.09 -1.01
C PHE A 53 9.55 11.97 -1.18
N ASN A 54 10.26 11.64 -0.11
CA ASN A 54 11.26 10.58 -0.14
C ASN A 54 10.62 9.22 0.08
N SER A 55 9.80 8.80 -0.88
CA SER A 55 9.11 7.51 -0.80
C SER A 55 9.43 6.65 -2.01
N SER A 56 8.95 5.41 -1.98
CA SER A 56 9.19 4.48 -3.09
C SER A 56 7.97 3.59 -3.31
N MET A 57 7.49 3.57 -4.54
CA MET A 57 6.32 2.77 -4.91
C MET A 57 6.72 1.59 -5.79
N ALA A 58 5.83 0.62 -5.91
CA ALA A 58 6.09 -0.57 -6.72
C ALA A 58 4.87 -0.94 -7.55
N ARG A 59 5.10 -1.69 -8.63
CA ARG A 59 4.02 -2.11 -9.50
C ARG A 59 3.49 -3.48 -9.10
N SER A 60 2.18 -3.67 -9.20
CA SER A 60 1.55 -4.93 -8.83
C SER A 60 0.58 -5.39 -9.91
N GLN A 61 0.82 -6.58 -10.46
CA GLN A 61 -0.02 -7.13 -11.50
C GLN A 61 -1.23 -7.86 -10.90
N THR A 62 -1.42 -7.68 -9.59
CA THR A 62 -2.53 -8.33 -8.90
C THR A 62 -2.95 -7.52 -7.68
N ASN A 63 -3.99 -7.99 -6.98
CA ASN A 63 -4.49 -7.31 -5.80
C ASN A 63 -3.67 -7.70 -4.57
N THR A 64 -2.45 -8.18 -4.79
CA THR A 64 -1.57 -8.57 -3.70
C THR A 64 -0.11 -8.29 -4.05
N ALA A 65 0.53 -7.47 -3.22
CA ALA A 65 1.93 -7.12 -3.42
C ALA A 65 2.70 -7.09 -2.10
N ARG A 66 3.97 -7.43 -2.16
CA ARG A 66 4.81 -7.45 -0.96
C ARG A 66 5.97 -6.45 -1.10
N ILE A 67 6.12 -5.60 -0.09
CA ILE A 67 7.18 -4.60 -0.09
C ILE A 67 8.46 -5.15 0.53
N ASP A 68 9.54 -5.14 -0.23
CA ASP A 68 10.83 -5.63 0.25
C ASP A 68 11.86 -4.51 0.32
N GLY A 69 12.76 -4.61 1.29
CA GLY A 69 13.78 -3.59 1.45
C GLY A 69 13.60 -2.77 2.71
N LEU A 70 13.32 -3.45 3.81
CA LEU A 70 13.12 -2.78 5.10
C LEU A 70 13.89 -3.49 6.21
N ARG A 71 13.81 -2.94 7.42
CA ARG A 71 14.50 -3.52 8.57
C ARG A 71 13.49 -3.96 9.63
N PRO A 72 13.91 -4.92 10.47
CA PRO A 72 13.07 -5.45 11.55
C PRO A 72 12.85 -4.44 12.66
N GLY A 73 11.58 -4.21 13.01
CA GLY A 73 11.25 -3.27 14.06
C GLY A 73 11.11 -1.85 13.53
N MET A 74 10.40 -1.71 12.41
CA MET A 74 10.18 -0.41 11.82
C MET A 74 8.76 -0.28 11.29
N VAL A 75 8.18 0.92 11.42
CA VAL A 75 6.82 1.16 10.96
C VAL A 75 6.82 1.92 9.63
N TYR A 76 6.11 1.38 8.65
CA TYR A 76 6.02 2.01 7.33
C TYR A 76 4.58 2.18 6.91
N VAL A 77 4.27 3.33 6.31
CA VAL A 77 2.92 3.63 5.85
C VAL A 77 2.75 3.28 4.37
N VAL A 78 2.10 2.16 4.10
CA VAL A 78 1.88 1.72 2.73
C VAL A 78 0.49 2.13 2.24
N GLN A 79 0.38 2.41 0.96
CA GLN A 79 -0.89 2.81 0.36
C GLN A 79 -1.06 2.21 -1.03
N VAL A 80 -2.27 1.75 -1.33
CA VAL A 80 -2.56 1.15 -2.63
C VAL A 80 -3.53 2.01 -3.42
N ARG A 81 -3.43 1.97 -4.74
CA ARG A 81 -4.30 2.74 -5.61
C ARG A 81 -4.68 1.95 -6.86
N ALA A 82 -5.70 2.42 -7.57
CA ALA A 82 -6.16 1.75 -8.77
C ALA A 82 -5.91 2.60 -10.01
N ARG A 83 -5.12 2.08 -10.94
CA ARG A 83 -4.81 2.80 -12.17
C ARG A 83 -5.49 2.15 -13.37
N THR A 84 -6.07 2.98 -14.23
CA THR A 84 -6.75 2.48 -15.42
C THR A 84 -6.34 3.28 -16.66
N VAL A 85 -6.76 2.80 -17.83
CA VAL A 85 -6.44 3.47 -19.08
C VAL A 85 -6.79 4.95 -19.02
N ALA A 86 -7.82 5.28 -18.25
CA ALA A 86 -8.26 6.67 -18.10
C ALA A 86 -7.22 7.48 -17.35
N GLY A 87 -6.78 6.97 -16.20
CA GLY A 87 -5.80 7.68 -15.40
C GLY A 87 -5.42 6.91 -14.14
N TYR A 88 -5.04 7.64 -13.10
CA TYR A 88 -4.64 7.02 -11.84
C TYR A 88 -5.72 7.22 -10.78
N GLY A 89 -5.88 6.23 -9.90
CA GLY A 89 -6.86 6.31 -8.84
C GLY A 89 -6.29 6.83 -7.55
N LYS A 90 -7.15 7.33 -6.67
CA LYS A 90 -6.72 7.87 -5.38
C LYS A 90 -6.12 6.77 -4.52
N PHE A 91 -5.56 7.17 -3.38
CA PHE A 91 -4.95 6.21 -2.46
C PHE A 91 -5.95 5.76 -1.39
N SER A 92 -5.93 4.48 -1.07
CA SER A 92 -6.83 3.93 -0.06
C SER A 92 -6.44 4.40 1.34
N GLY A 93 -7.34 4.19 2.30
CA GLY A 93 -7.07 4.60 3.66
C GLY A 93 -5.62 4.45 4.04
N LYS A 94 -5.15 5.29 4.96
CA LYS A 94 -3.77 5.25 5.41
C LYS A 94 -3.59 4.25 6.54
N MET A 95 -2.72 3.27 6.34
CA MET A 95 -2.45 2.24 7.35
C MET A 95 -0.97 2.19 7.70
N CYS A 96 -0.66 1.64 8.86
CA CYS A 96 0.72 1.53 9.31
C CYS A 96 1.09 0.07 9.58
N PHE A 97 2.01 -0.46 8.78
CA PHE A 97 2.45 -1.84 8.92
C PHE A 97 3.91 -1.90 9.35
N GLN A 98 4.16 -2.62 10.44
CA GLN A 98 5.52 -2.76 10.96
C GLN A 98 6.08 -4.15 10.66
N THR A 99 7.40 -4.25 10.59
CA THR A 99 8.06 -5.52 10.31
C THR A 99 8.36 -6.28 11.60
N LEU A 100 8.82 -7.52 11.46
CA LEU A 100 9.16 -8.34 12.62
C LEU A 100 10.39 -7.80 13.34
N THR A 101 10.25 -7.59 14.65
CA THR A 101 11.34 -7.08 15.46
C THR A 101 12.35 -8.18 15.79
N ASP A 102 11.86 -9.41 15.87
CA ASP A 102 12.72 -10.55 16.18
C ASP A 102 13.47 -10.33 17.49
N SER A 103 12.72 -9.99 18.54
CA SER A 103 13.32 -9.76 19.85
C SER A 103 12.75 -10.73 20.89
N GLY A 104 11.43 -10.93 20.85
CA GLY A 104 10.80 -11.84 21.79
C GLY A 104 9.32 -11.56 21.93
N PRO A 105 8.60 -12.49 22.59
CA PRO A 105 7.16 -12.37 22.81
C PRO A 105 6.80 -11.26 23.79
N SER A 106 6.07 -10.26 23.31
CA SER A 106 5.67 -9.15 24.16
C SER A 106 4.43 -9.49 24.98
N SER A 107 4.13 -8.65 25.97
CA SER A 107 2.97 -8.87 26.82
C SER A 107 2.14 -7.59 26.96
N GLY A 108 0.82 -7.73 26.93
CA GLY A 108 -0.05 -6.59 27.06
C GLY A 108 -1.32 -6.74 26.24
#